data_2XRC
#
_entry.id   2XRC
#
_cell.length_a   71.317
_cell.length_b   234.721
_cell.length_c   40.300
_cell.angle_alpha   89.98
_cell.angle_beta   90.18
_cell.angle_gamma   90.03
#
_symmetry.space_group_name_H-M   'P 1'
#
loop_
_entity.id
_entity.type
_entity.pdbx_description
1 polymer 'HUMAN COMPLEMENT FACTOR I'
2 non-polymer 'CALCIUM ION'
3 non-polymer 2-acetamido-2-deoxy-beta-D-glucopyranose
#
_entity_poly.entity_id   1
_entity_poly.type   'polypeptide(L)'
_entity_poly.pdbx_seq_one_letter_code
;KVTYTSQEDLVEKKCLAKKYTHLSCDKVFCQPWQRCIEGTCVCKLPYQCPKNGTAVCATNRRSFPTYCQQKSLECLHPGT
KFLNNGTCTAEGKFSVSLKHGNTDSEGIVEVKLVDQDKTMFICKSSWSMREANVACLDLGFQQGADTQRRFKLSDLSINS
TECLHVHCRGLETSLAECTFTKRRTMGYQDFADVVCYTQKADSPMDDFFQCVNGKYISQMKACDGINDCGDQSDELCCKA
CQGKGFHCKSGVCIPSQYQCNGEVDCITGEDEVGCAGFASVAQEETEILTADMDAERRRIKSLLPKLSCGVKNRMHIRRK
RIVGGKRAQLGDLPWQVAIKDASGITCGGIYIGGCWILTAAHCLRASKTHRYQIWTTVVDWIHPDLKRIVIEYVDRIIFH
ENYNAGTYQNDIALIEMKKDGNKKDCELPRSIPACVPWSPYLFQPNDTCIVSGWGREKDNERVFSLQWGEVKLISNCSKF
YGNRFYEKEMECAGTYDGSIDACKGDSGGPLVCMDANNVTYVWGVVSWGENCGKPEFPGVYTKVANYFDWISYHVGRPFI
SQYNV
;
_entity_poly.pdbx_strand_id   A,B,C,D
#
# COMPACT_ATOMS: atom_id res chain seq x y z
N GLU A 8 78.15 61.08 3.15
CA GLU A 8 77.51 61.68 1.93
C GLU A 8 77.00 60.58 1.01
N ASP A 9 75.68 60.57 0.79
CA ASP A 9 75.01 59.52 0.02
C ASP A 9 74.28 60.14 -1.17
N LEU A 10 75.04 60.79 -2.05
CA LEU A 10 74.47 61.44 -3.23
C LEU A 10 74.03 60.44 -4.29
N VAL A 11 74.85 59.39 -4.49
CA VAL A 11 74.62 58.43 -5.58
C VAL A 11 73.56 57.39 -5.21
N GLU A 12 72.69 57.09 -6.17
CA GLU A 12 71.71 56.01 -6.05
C GLU A 12 72.35 54.70 -6.50
N LYS A 13 71.93 53.60 -5.87
CA LYS A 13 72.52 52.28 -6.12
C LYS A 13 71.69 51.39 -7.05
N LYS A 14 70.38 51.55 -7.03
CA LYS A 14 69.47 50.68 -7.78
C LYS A 14 69.53 50.88 -9.31
N CYS A 15 69.98 52.05 -9.74
CA CYS A 15 70.23 52.30 -11.17
C CYS A 15 71.46 51.56 -11.68
N LEU A 16 72.54 51.63 -10.90
CA LEU A 16 73.88 51.18 -11.32
C LEU A 16 73.92 49.80 -12.00
N ALA A 17 72.93 48.96 -11.71
CA ALA A 17 72.77 47.68 -12.40
C ALA A 17 72.50 47.88 -13.90
N LYS A 18 71.67 48.87 -14.23
CA LYS A 18 71.26 49.13 -15.62
C LYS A 18 72.23 50.00 -16.40
N LYS A 19 73.22 50.57 -15.71
CA LYS A 19 74.38 51.25 -16.33
C LYS A 19 74.02 52.21 -17.46
N TYR A 20 73.51 53.39 -17.12
CA TYR A 20 73.12 54.39 -18.10
C TYR A 20 74.32 55.26 -18.48
N THR A 21 74.71 55.21 -19.76
CA THR A 21 75.75 56.09 -20.29
C THR A 21 75.10 57.23 -21.08
N HIS A 22 75.91 58.08 -21.68
CA HIS A 22 75.40 59.15 -22.53
C HIS A 22 74.58 58.63 -23.73
N LEU A 23 74.69 57.33 -24.03
CA LEU A 23 73.88 56.70 -25.08
C LEU A 23 72.51 56.22 -24.60
N SER A 24 72.13 56.58 -23.37
CA SER A 24 70.87 56.14 -22.77
C SER A 24 69.82 57.24 -22.74
N CYS A 25 68.77 57.07 -23.55
CA CYS A 25 67.68 58.06 -23.68
C CYS A 25 67.01 58.38 -22.35
N ASP A 26 66.65 57.34 -21.60
CA ASP A 26 65.90 57.50 -20.34
C ASP A 26 66.49 58.58 -19.42
N LYS A 27 67.80 58.78 -19.47
CA LYS A 27 68.49 59.75 -18.62
C LYS A 27 69.10 60.96 -19.36
N VAL A 28 69.03 60.98 -20.69
CA VAL A 28 69.75 62.00 -21.47
C VAL A 28 69.24 62.15 -22.90
N PHE A 29 69.50 63.30 -23.51
CA PHE A 29 69.08 63.56 -24.89
C PHE A 29 70.10 63.01 -25.88
N CYS A 30 69.63 62.32 -26.91
CA CYS A 30 70.49 61.85 -27.98
C CYS A 30 70.97 63.04 -28.81
N GLN A 31 72.25 62.99 -29.20
CA GLN A 31 72.85 64.01 -30.06
C GLN A 31 72.15 64.06 -31.42
N PRO A 32 72.09 65.25 -32.05
CA PRO A 32 71.30 65.43 -33.27
C PRO A 32 71.64 64.50 -34.45
N TRP A 33 72.83 63.90 -34.41
CA TRP A 33 73.20 62.84 -35.38
C TRP A 33 72.89 61.45 -34.80
N GLN A 34 71.81 61.36 -34.03
CA GLN A 34 71.36 60.10 -33.43
C GLN A 34 69.84 60.10 -33.29
N ARG A 35 69.25 58.92 -33.16
CA ARG A 35 67.80 58.78 -32.92
C ARG A 35 67.54 57.76 -31.82
N CYS A 36 66.55 58.06 -30.99
CA CYS A 36 66.21 57.24 -29.84
C CYS A 36 65.41 56.02 -30.29
N ILE A 37 65.91 54.84 -29.93
CA ILE A 37 65.24 53.57 -30.22
C ILE A 37 65.50 52.58 -29.08
N GLU A 38 64.42 52.20 -28.40
CA GLU A 38 64.48 51.27 -27.26
C GLU A 38 65.46 51.73 -26.17
N GLY A 39 65.36 53.00 -25.81
CA GLY A 39 66.09 53.56 -24.68
C GLY A 39 67.56 53.88 -24.92
N THR A 40 68.02 53.74 -26.17
CA THR A 40 69.44 53.87 -26.48
C THR A 40 69.67 54.65 -27.77
N CYS A 41 70.67 55.53 -27.75
CA CYS A 41 70.98 56.36 -28.90
C CYS A 41 71.65 55.53 -30.00
N VAL A 42 71.05 55.58 -31.18
CA VAL A 42 71.48 54.84 -32.36
C VAL A 42 71.86 55.84 -33.44
N CYS A 43 72.63 55.42 -34.43
CA CYS A 43 72.98 56.26 -35.56
C CYS A 43 71.81 56.48 -36.50
N LYS A 44 71.57 57.72 -36.90
CA LYS A 44 70.68 58.00 -38.02
C LYS A 44 71.55 58.21 -39.26
N LEU A 45 71.02 57.89 -40.44
CA LEU A 45 71.79 57.98 -41.68
C LEU A 45 71.96 59.46 -42.08
N PRO A 46 73.14 59.83 -42.63
CA PRO A 46 73.48 61.20 -43.02
C PRO A 46 72.38 61.96 -43.75
N TYR A 47 71.58 61.27 -44.57
CA TYR A 47 70.48 61.89 -45.31
C TYR A 47 69.25 62.20 -44.45
N GLN A 48 69.35 62.01 -43.15
CA GLN A 48 68.27 62.36 -42.20
C GLN A 48 68.62 63.62 -41.39
N CYS A 49 69.86 64.09 -41.51
CA CYS A 49 70.29 65.32 -40.83
C CYS A 49 69.64 66.55 -41.46
N PRO A 50 69.45 67.63 -40.67
CA PRO A 50 68.99 68.90 -41.22
C PRO A 50 69.93 69.43 -42.29
N LYS A 51 69.38 69.89 -43.41
CA LYS A 51 70.18 70.33 -44.56
C LYS A 51 71.07 71.53 -44.27
N ASN A 52 70.52 72.52 -43.57
CA ASN A 52 71.23 73.80 -43.36
C ASN A 52 72.46 73.70 -42.45
N GLY A 53 73.64 73.83 -43.04
CA GLY A 53 74.89 73.83 -42.30
C GLY A 53 76.09 74.11 -43.19
N THR A 54 77.18 74.56 -42.57
CA THR A 54 78.43 74.83 -43.28
C THR A 54 79.31 73.57 -43.32
N ALA A 55 80.19 73.51 -44.33
CA ALA A 55 80.95 72.29 -44.61
C ALA A 55 82.05 72.00 -43.58
N VAL A 56 82.43 70.72 -43.50
CA VAL A 56 83.48 70.28 -42.57
C VAL A 56 84.40 69.22 -43.18
N CYS A 57 85.51 68.97 -42.49
CA CYS A 57 86.58 68.09 -42.99
C CYS A 57 86.82 66.90 -42.04
N ALA A 58 86.85 65.70 -42.61
CA ALA A 58 87.17 64.47 -41.86
C ALA A 58 88.60 64.01 -42.16
N THR A 59 89.19 63.31 -41.20
CA THR A 59 90.62 62.93 -41.24
C THR A 59 91.07 62.18 -42.50
N ASN A 60 90.12 61.55 -43.21
CA ASN A 60 90.38 60.90 -44.50
C ASN A 60 90.33 61.88 -45.69
N ARG A 61 90.55 63.17 -45.41
CA ARG A 61 90.56 64.23 -46.41
C ARG A 61 89.25 64.39 -47.18
N ARG A 62 88.16 63.83 -46.65
CA ARG A 62 86.86 63.93 -47.29
C ARG A 62 86.09 65.13 -46.73
N SER A 63 85.22 65.70 -47.56
CA SER A 63 84.50 66.92 -47.21
C SER A 63 83.00 66.63 -47.13
N PHE A 64 82.34 67.22 -46.13
CA PHE A 64 80.92 67.00 -45.88
C PHE A 64 80.15 68.31 -45.82
N PRO A 65 78.99 68.40 -46.52
CA PRO A 65 78.20 69.63 -46.52
C PRO A 65 77.79 70.12 -45.12
N THR A 66 77.29 69.21 -44.30
CA THR A 66 76.90 69.54 -42.91
C THR A 66 77.76 68.78 -41.89
N TYR A 67 77.85 69.37 -40.69
CA TYR A 67 78.59 68.79 -39.57
C TYR A 67 77.87 67.57 -38.99
N CYS A 68 76.55 67.62 -38.98
CA CYS A 68 75.72 66.46 -38.60
C CYS A 68 76.08 65.25 -39.44
N GLN A 69 76.07 65.43 -40.77
CA GLN A 69 76.36 64.36 -41.73
C GLN A 69 77.71 63.68 -41.51
N GLN A 70 78.71 64.45 -41.11
CA GLN A 70 80.03 63.90 -40.79
C GLN A 70 79.91 63.01 -39.57
N LYS A 71 79.43 63.60 -38.48
CA LYS A 71 79.25 62.88 -37.21
C LYS A 71 78.33 61.66 -37.32
N SER A 72 77.40 61.66 -38.28
CA SER A 72 76.54 60.50 -38.50
C SER A 72 77.25 59.39 -39.27
N LEU A 73 78.21 59.76 -40.12
CA LEU A 73 79.05 58.80 -40.83
C LEU A 73 80.08 58.20 -39.87
N GLU A 74 80.66 59.04 -39.02
CA GLU A 74 81.55 58.56 -37.95
C GLU A 74 80.81 57.60 -37.03
N CYS A 75 79.56 57.92 -36.74
CA CYS A 75 78.68 57.08 -35.92
C CYS A 75 78.54 55.69 -36.55
N LEU A 76 78.24 55.67 -37.84
CA LEU A 76 78.00 54.43 -38.57
C LEU A 76 79.31 53.73 -38.95
N HIS A 77 80.32 54.53 -39.30
CA HIS A 77 81.54 54.02 -39.90
C HIS A 77 82.79 54.47 -39.13
N PRO A 78 83.13 53.75 -38.04
CA PRO A 78 84.29 54.07 -37.20
C PRO A 78 85.60 54.28 -37.95
N GLY A 79 86.47 55.10 -37.37
CA GLY A 79 87.75 55.49 -37.98
C GLY A 79 87.71 56.93 -38.47
N THR A 80 86.68 57.23 -39.25
CA THR A 80 86.50 58.56 -39.85
C THR A 80 86.27 59.64 -38.79
N LYS A 81 87.37 60.23 -38.31
CA LYS A 81 87.31 61.31 -37.29
C LYS A 81 87.05 62.69 -37.91
N PHE A 82 87.08 63.73 -37.06
CA PHE A 82 86.92 65.13 -37.48
C PHE A 82 88.27 65.82 -37.50
N LEU A 83 88.40 66.83 -38.37
CA LEU A 83 89.68 67.49 -38.61
C LEU A 83 89.60 69.01 -38.53
N ASN A 84 88.65 69.60 -39.24
CA ASN A 84 88.64 71.03 -39.49
C ASN A 84 87.28 71.55 -39.93
N ASN A 85 86.95 72.78 -39.53
CA ASN A 85 85.80 73.49 -40.08
C ASN A 85 86.11 73.91 -41.52
N GLY A 86 85.09 73.95 -42.37
CA GLY A 86 85.27 74.26 -43.78
C GLY A 86 85.91 73.09 -44.53
N THR A 87 86.07 73.24 -45.84
CA THR A 87 86.59 72.18 -46.70
C THR A 87 87.99 71.73 -46.28
N CYS A 88 88.35 70.51 -46.67
CA CYS A 88 89.69 69.99 -46.37
C CYS A 88 90.73 70.72 -47.21
N THR A 89 91.80 71.16 -46.56
CA THR A 89 92.99 71.61 -47.27
C THR A 89 93.78 70.37 -47.68
N ALA A 90 94.73 70.55 -48.60
CA ALA A 90 95.61 69.47 -49.02
C ALA A 90 96.68 69.23 -47.95
N GLU A 91 97.31 70.31 -47.51
CA GLU A 91 98.42 70.25 -46.54
C GLU A 91 97.96 70.05 -45.10
N GLY A 92 96.80 70.62 -44.74
CA GLY A 92 96.30 70.59 -43.38
C GLY A 92 96.12 69.20 -42.80
N LYS A 93 96.66 69.00 -41.60
CA LYS A 93 96.58 67.70 -40.91
C LYS A 93 96.76 67.94 -39.40
N PHE A 94 95.84 67.39 -38.62
CA PHE A 94 95.81 67.61 -37.16
C PHE A 94 96.67 66.57 -36.43
N SER A 95 97.21 66.96 -35.29
CA SER A 95 98.02 66.06 -34.46
C SER A 95 98.08 66.50 -33.00
N VAL A 96 97.91 65.53 -32.10
CA VAL A 96 98.14 65.72 -30.66
C VAL A 96 99.18 64.72 -30.21
N SER A 97 99.97 65.08 -29.20
CA SER A 97 101.05 64.21 -28.73
C SER A 97 101.44 64.49 -27.27
N LEU A 98 101.98 63.45 -26.63
CA LEU A 98 102.46 63.54 -25.25
C LEU A 98 103.98 63.52 -25.23
N LYS A 99 104.58 64.67 -24.97
CA LYS A 99 106.04 64.80 -24.95
C LYS A 99 106.56 65.07 -23.54
N HIS A 100 107.84 64.80 -23.34
CA HIS A 100 108.49 64.88 -22.04
C HIS A 100 107.72 64.06 -21.01
N GLY A 101 107.81 62.74 -21.14
CA GLY A 101 107.06 61.81 -20.29
C GLY A 101 107.76 60.48 -20.14
N ASN A 102 107.66 59.89 -18.95
CA ASN A 102 108.33 58.62 -18.64
C ASN A 102 107.66 57.42 -19.31
N THR A 103 106.39 57.56 -19.68
CA THR A 103 105.65 56.51 -20.38
C THR A 103 104.88 57.05 -21.58
N ASP A 104 104.37 56.14 -22.41
CA ASP A 104 103.65 56.50 -23.64
C ASP A 104 102.25 57.08 -23.39
N SER A 105 101.67 56.77 -22.23
CA SER A 105 100.32 57.20 -21.88
C SER A 105 100.30 58.42 -20.93
N GLU A 106 101.32 59.28 -21.04
CA GLU A 106 101.44 60.46 -20.20
C GLU A 106 102.43 61.47 -20.78
N GLY A 107 102.31 62.72 -20.34
CA GLY A 107 103.25 63.78 -20.70
C GLY A 107 102.65 65.16 -20.71
N ILE A 108 103.31 66.07 -21.41
CA ILE A 108 102.79 67.42 -21.62
C ILE A 108 102.15 67.45 -23.01
N VAL A 109 100.89 67.90 -23.07
CA VAL A 109 100.12 67.84 -24.31
C VAL A 109 100.65 68.83 -25.34
N GLU A 110 100.85 68.35 -26.56
CA GLU A 110 101.31 69.16 -27.68
C GLU A 110 100.29 69.07 -28.80
N VAL A 111 99.81 70.22 -29.27
CA VAL A 111 98.82 70.26 -30.34
C VAL A 111 99.40 70.87 -31.62
N LYS A 112 99.06 70.26 -32.76
CA LYS A 112 99.42 70.78 -34.07
C LYS A 112 98.14 71.13 -34.81
N LEU A 113 97.72 72.39 -34.72
CA LEU A 113 96.47 72.84 -35.31
C LEU A 113 96.54 72.76 -36.84
N VAL A 114 95.71 71.88 -37.40
CA VAL A 114 95.68 71.58 -38.84
C VAL A 114 96.22 72.70 -39.75
N ASP A 115 95.75 73.92 -39.56
CA ASP A 115 96.19 75.05 -40.40
C ASP A 115 97.57 75.59 -40.02
N GLN A 116 97.80 75.80 -38.72
CA GLN A 116 99.09 76.32 -38.24
C GLN A 116 100.18 75.24 -38.30
N ASP A 117 101.25 75.53 -39.03
CA ASP A 117 102.41 74.64 -39.12
C ASP A 117 103.21 74.60 -37.81
N LYS A 118 103.06 75.65 -37.02
CA LYS A 118 103.71 75.73 -35.70
C LYS A 118 103.02 74.79 -34.71
N THR A 119 103.80 74.33 -33.73
CA THR A 119 103.33 73.40 -32.70
C THR A 119 103.42 74.06 -31.33
N MET A 120 102.34 73.98 -30.55
CA MET A 120 102.26 74.66 -29.25
C MET A 120 101.71 73.75 -28.15
N PHE A 121 101.85 74.23 -26.91
CA PHE A 121 101.38 73.52 -25.72
C PHE A 121 100.05 74.10 -25.23
N ILE A 122 99.41 73.38 -24.31
CA ILE A 122 98.15 73.79 -23.70
C ILE A 122 98.38 74.39 -22.31
N CYS A 123 97.54 75.34 -21.90
CA CYS A 123 97.64 75.96 -20.58
C CYS A 123 96.75 75.25 -19.55
N LYS A 124 97.30 74.99 -18.37
CA LYS A 124 96.60 74.17 -17.35
C LYS A 124 95.56 74.92 -16.52
N SER A 125 95.51 76.25 -16.65
CA SER A 125 94.57 77.07 -15.88
C SER A 125 93.10 76.84 -16.28
N SER A 126 92.88 76.31 -17.47
CA SER A 126 91.52 75.98 -17.94
C SER A 126 91.37 74.50 -18.34
N TRP A 127 92.39 73.70 -18.05
CA TRP A 127 92.43 72.29 -18.47
C TRP A 127 91.65 71.43 -17.48
N SER A 128 90.56 70.82 -17.95
CA SER A 128 89.71 69.96 -17.12
C SER A 128 89.57 68.56 -17.71
N MET A 129 88.72 67.75 -17.08
CA MET A 129 88.43 66.40 -17.57
C MET A 129 87.71 66.38 -18.92
N ARG A 130 86.95 67.44 -19.20
CA ARG A 130 86.28 67.58 -20.50
C ARG A 130 87.28 67.50 -21.64
N GLU A 131 88.37 68.26 -21.51
CA GLU A 131 89.41 68.30 -22.52
C GLU A 131 90.32 67.08 -22.43
N ALA A 132 90.70 66.74 -21.20
CA ALA A 132 91.57 65.60 -20.92
C ALA A 132 91.05 64.30 -21.53
N ASN A 133 89.79 63.98 -21.23
CA ASN A 133 89.15 62.78 -21.81
C ASN A 133 89.17 62.78 -23.33
N VAL A 134 88.75 63.89 -23.93
CA VAL A 134 88.73 64.05 -25.39
C VAL A 134 90.13 63.86 -25.98
N ALA A 135 91.14 64.41 -25.31
CA ALA A 135 92.54 64.28 -25.72
C ALA A 135 92.95 62.80 -25.76
N CYS A 136 92.80 62.11 -24.64
CA CYS A 136 93.16 60.69 -24.54
C CYS A 136 92.37 59.84 -25.52
N LEU A 137 91.12 60.23 -25.78
CA LEU A 137 90.22 59.47 -26.64
C LEU A 137 90.72 59.37 -28.09
N ASP A 138 91.28 60.46 -28.61
CA ASP A 138 91.88 60.44 -29.95
C ASP A 138 93.30 59.89 -29.93
N LEU A 139 93.92 59.90 -28.76
CA LEU A 139 95.23 59.26 -28.55
C LEU A 139 95.15 57.73 -28.44
N GLY A 140 93.95 57.16 -28.59
CA GLY A 140 93.77 55.71 -28.61
C GLY A 140 93.18 55.12 -27.33
N PHE A 141 93.43 55.79 -26.20
CA PHE A 141 92.93 55.34 -24.90
C PHE A 141 91.43 55.63 -24.78
N GLN A 142 90.61 54.58 -24.84
CA GLN A 142 89.15 54.75 -24.97
C GLN A 142 88.43 55.10 -23.65
N GLN A 143 89.16 55.14 -22.54
CA GLN A 143 88.58 55.39 -21.22
C GLN A 143 88.81 56.83 -20.73
N GLY A 144 89.41 57.66 -21.57
CA GLY A 144 89.63 59.07 -21.23
C GLY A 144 90.80 59.26 -20.28
N ALA A 145 90.78 60.38 -19.57
CA ALA A 145 91.89 60.78 -18.72
C ALA A 145 91.82 60.15 -17.34
N ASP A 146 92.98 60.06 -16.69
CA ASP A 146 93.06 59.64 -15.30
C ASP A 146 92.78 60.84 -14.41
N THR A 147 92.05 60.60 -13.33
CA THR A 147 91.56 61.65 -12.45
C THR A 147 92.38 61.74 -11.15
N GLN A 148 92.89 60.60 -10.70
CA GLN A 148 93.62 60.50 -9.44
C GLN A 148 95.11 60.75 -9.64
N ARG A 149 95.62 60.37 -10.82
CA ARG A 149 97.05 60.48 -11.12
C ARG A 149 97.38 61.74 -11.92
N ARG A 150 98.65 62.11 -11.88
CA ARG A 150 99.14 63.37 -12.47
C ARG A 150 100.49 63.17 -13.13
N PHE A 151 101.00 64.23 -13.76
CA PHE A 151 102.37 64.25 -14.25
C PHE A 151 103.03 65.57 -13.85
N LYS A 152 103.78 65.53 -12.75
CA LYS A 152 104.40 66.73 -12.18
C LYS A 152 105.78 67.01 -12.80
N LEU A 153 105.98 68.26 -13.22
CA LEU A 153 107.23 68.68 -13.87
C LEU A 153 108.18 69.37 -12.90
N SER A 154 109.39 69.65 -13.38
CA SER A 154 110.40 70.37 -12.60
C SER A 154 111.17 71.32 -13.52
N ASP A 155 110.47 72.33 -14.04
CA ASP A 155 111.03 73.31 -14.98
C ASP A 155 111.38 72.64 -16.31
N LEU A 156 112.27 73.25 -17.09
CA LEU A 156 112.76 72.72 -18.38
C LEU A 156 111.70 72.81 -19.47
N SER A 157 112.06 73.44 -20.59
CA SER A 157 111.13 73.75 -21.70
C SER A 157 110.03 74.74 -21.30
N ILE A 158 110.31 75.53 -20.26
CA ILE A 158 109.37 76.55 -19.76
C ILE A 158 109.92 77.94 -20.13
N ASN A 159 110.36 78.07 -21.38
CA ASN A 159 111.01 79.28 -21.86
C ASN A 159 110.00 80.19 -22.56
N SER A 160 109.36 79.66 -23.59
CA SER A 160 108.49 80.46 -24.45
C SER A 160 107.18 80.89 -23.78
N THR A 161 106.57 81.91 -24.35
CA THR A 161 105.32 82.49 -23.85
C THR A 161 104.10 81.89 -24.55
N GLU A 162 104.34 81.05 -25.56
CA GLU A 162 103.27 80.39 -26.33
C GLU A 162 102.31 79.59 -25.46
N CYS A 163 101.07 79.46 -25.94
CA CYS A 163 100.01 78.73 -25.23
C CYS A 163 98.77 78.56 -26.08
N LEU A 164 98.03 77.47 -25.82
CA LEU A 164 96.72 77.24 -26.42
C LEU A 164 95.69 76.87 -25.36
N HIS A 165 94.80 77.81 -25.04
CA HIS A 165 93.61 77.51 -24.24
C HIS A 165 92.68 76.66 -25.09
N VAL A 166 92.08 75.63 -24.49
CA VAL A 166 91.14 74.75 -25.18
C VAL A 166 89.88 74.60 -24.36
N HIS A 167 88.75 74.35 -25.02
CA HIS A 167 87.53 73.94 -24.33
C HIS A 167 86.72 72.96 -25.17
N CYS A 168 86.28 71.88 -24.52
CA CYS A 168 85.42 70.87 -25.14
C CYS A 168 84.16 70.70 -24.30
N ARG A 169 83.08 70.29 -24.94
CA ARG A 169 81.88 69.86 -24.22
C ARG A 169 82.29 68.71 -23.31
N GLY A 170 82.89 67.68 -23.90
CA GLY A 170 83.41 66.54 -23.14
C GLY A 170 83.14 65.18 -23.77
N LEU A 171 82.12 65.11 -24.62
CA LEU A 171 81.74 63.87 -25.31
C LEU A 171 82.33 63.76 -26.73
N GLU A 172 83.15 64.72 -27.13
CA GLU A 172 83.70 64.74 -28.48
C GLU A 172 84.71 63.60 -28.71
N THR A 173 84.77 63.11 -29.94
CA THR A 173 85.66 61.98 -30.29
C THR A 173 87.00 62.43 -30.86
N SER A 174 87.34 63.71 -30.67
CA SER A 174 88.60 64.27 -31.15
C SER A 174 88.80 65.71 -30.64
N LEU A 175 90.05 66.07 -30.35
CA LEU A 175 90.36 67.45 -29.96
C LEU A 175 90.13 68.42 -31.13
N ALA A 176 90.28 67.93 -32.35
CA ALA A 176 89.96 68.70 -33.55
C ALA A 176 88.59 69.39 -33.49
N GLU A 177 87.60 68.70 -32.89
CA GLU A 177 86.22 69.21 -32.77
C GLU A 177 86.08 70.36 -31.79
N CYS A 178 87.00 70.46 -30.84
CA CYS A 178 86.92 71.45 -29.77
C CYS A 178 87.26 72.85 -30.26
N THR A 179 87.17 73.83 -29.37
CA THR A 179 87.48 75.23 -29.71
C THR A 179 88.80 75.67 -29.05
N PHE A 180 89.71 76.20 -29.87
CA PHE A 180 91.03 76.65 -29.41
C PHE A 180 91.13 78.18 -29.47
N THR A 181 91.83 78.75 -28.48
CA THR A 181 92.07 80.19 -28.41
C THR A 181 93.40 80.47 -27.72
N LYS A 182 94.33 81.10 -28.43
CA LYS A 182 95.62 81.48 -27.83
C LYS A 182 95.42 82.49 -26.70
N ARG A 183 96.01 82.19 -25.55
CA ARG A 183 95.89 83.03 -24.35
C ARG A 183 97.24 83.65 -24.00
N ARG A 184 97.21 84.64 -23.14
CA ARG A 184 98.42 85.32 -22.66
C ARG A 184 98.83 84.69 -21.33
N THR A 185 99.84 83.82 -21.39
CA THR A 185 100.21 82.97 -20.25
C THR A 185 100.92 83.72 -19.13
N MET A 186 100.46 83.50 -17.90
CA MET A 186 101.14 83.96 -16.70
C MET A 186 102.05 82.84 -16.18
N GLY A 187 102.57 83.00 -14.97
CA GLY A 187 103.36 81.93 -14.35
C GLY A 187 103.77 82.20 -12.92
N TYR A 188 104.31 81.20 -12.23
CA TYR A 188 104.57 79.86 -12.79
C TYR A 188 103.91 78.79 -11.92
N GLN A 189 103.64 77.60 -12.45
CA GLN A 189 103.90 77.21 -13.85
C GLN A 189 102.56 76.95 -14.54
N ASP A 190 102.52 77.14 -15.86
CA ASP A 190 101.28 77.01 -16.63
C ASP A 190 101.47 76.20 -17.91
N PHE A 191 101.45 74.87 -17.77
CA PHE A 191 101.49 73.95 -18.90
C PHE A 191 100.63 72.72 -18.59
N ALA A 192 99.71 72.41 -19.50
CA ALA A 192 98.69 71.37 -19.27
C ALA A 192 99.23 69.96 -19.49
N ASP A 193 99.34 69.20 -18.39
CA ASP A 193 99.76 67.80 -18.43
C ASP A 193 98.56 66.86 -18.42
N VAL A 194 98.82 65.56 -18.59
CA VAL A 194 97.78 64.55 -18.57
C VAL A 194 98.36 63.16 -18.33
N VAL A 195 97.57 62.31 -17.67
CA VAL A 195 97.83 60.88 -17.59
C VAL A 195 96.59 60.17 -18.12
N CYS A 196 96.75 59.44 -19.22
CA CYS A 196 95.64 58.68 -19.80
C CYS A 196 95.46 57.37 -19.06
N TYR A 197 94.22 56.92 -18.92
CA TYR A 197 93.88 55.81 -18.04
C TYR A 197 94.20 54.43 -18.62
N THR A 198 95.20 53.78 -18.04
CA THR A 198 95.56 52.40 -18.38
C THR A 198 95.39 51.50 -17.15
N GLN A 199 94.13 51.17 -16.84
CA GLN A 199 93.76 50.37 -15.66
C GLN A 199 94.19 51.06 -14.36
N PHE A 209 83.77 55.12 -7.15
CA PHE A 209 82.78 54.99 -8.22
C PHE A 209 83.40 54.40 -9.48
N GLN A 210 82.86 53.28 -9.95
CA GLN A 210 83.26 52.70 -11.22
C GLN A 210 82.37 53.26 -12.33
N CYS A 211 82.98 53.57 -13.47
CA CYS A 211 82.23 54.01 -14.65
C CYS A 211 81.76 52.80 -15.43
N VAL A 212 80.83 53.03 -16.36
CA VAL A 212 80.31 51.97 -17.22
C VAL A 212 81.37 51.46 -18.19
N ASN A 213 82.27 52.36 -18.61
CA ASN A 213 83.36 51.98 -19.54
C ASN A 213 84.47 51.15 -18.89
N GLY A 214 84.46 51.08 -17.56
CA GLY A 214 85.41 50.26 -16.81
C GLY A 214 86.42 51.06 -16.01
N LYS A 215 86.25 52.38 -15.97
CA LYS A 215 87.19 53.26 -15.27
C LYS A 215 86.79 53.47 -13.81
N TYR A 216 87.71 53.14 -12.91
CA TYR A 216 87.53 53.44 -11.49
C TYR A 216 87.91 54.90 -11.22
N ILE A 217 87.09 55.57 -10.44
CA ILE A 217 87.42 56.89 -9.89
C ILE A 217 86.97 56.95 -8.43
N SER A 218 87.47 57.93 -7.70
CA SER A 218 87.10 58.11 -6.29
C SER A 218 85.66 58.60 -6.18
N GLN A 219 85.05 58.36 -5.03
CA GLN A 219 83.62 58.66 -4.81
C GLN A 219 83.33 60.16 -4.70
N MET A 220 84.36 60.95 -4.39
CA MET A 220 84.21 62.41 -4.27
C MET A 220 83.98 63.08 -5.64
N LYS A 221 84.42 62.41 -6.70
CA LYS A 221 84.20 62.90 -8.07
C LYS A 221 82.80 62.57 -8.58
N ALA A 222 82.15 61.58 -7.98
CA ALA A 222 80.81 61.15 -8.39
C ALA A 222 79.74 62.21 -8.09
N CYS A 223 78.88 62.46 -9.05
CA CYS A 223 77.76 63.42 -8.94
C CYS A 223 78.21 64.83 -8.52
N ASP A 224 79.04 65.47 -9.35
CA ASP A 224 79.45 66.87 -9.12
C ASP A 224 79.21 67.81 -10.33
N GLY A 225 78.62 67.29 -11.39
CA GLY A 225 78.36 68.06 -12.61
C GLY A 225 79.39 67.84 -13.71
N ILE A 226 80.56 67.34 -13.34
CA ILE A 226 81.66 67.11 -14.28
C ILE A 226 81.68 65.67 -14.76
N ASN A 227 81.76 65.48 -16.08
CA ASN A 227 81.98 64.17 -16.68
C ASN A 227 83.44 63.75 -16.50
N ASP A 228 83.71 62.98 -15.44
CA ASP A 228 85.03 62.39 -15.22
C ASP A 228 85.18 61.07 -16.00
N CYS A 229 84.05 60.40 -16.24
CA CYS A 229 84.06 59.06 -16.83
C CYS A 229 84.37 59.02 -18.33
N GLY A 230 83.76 59.94 -19.07
CA GLY A 230 83.89 59.98 -20.53
C GLY A 230 82.59 59.62 -21.25
N ASP A 231 81.76 58.81 -20.58
CA ASP A 231 80.45 58.43 -21.12
C ASP A 231 79.30 58.73 -20.15
N GLN A 232 79.57 59.59 -19.17
CA GLN A 232 78.59 59.98 -18.15
C GLN A 232 77.97 58.79 -17.42
N SER A 233 78.77 58.18 -16.54
CA SER A 233 78.26 57.21 -15.57
C SER A 233 78.14 57.89 -14.20
N ASP A 234 79.12 58.72 -13.88
CA ASP A 234 79.20 59.38 -12.58
C ASP A 234 78.22 60.53 -12.37
N GLU A 235 77.38 60.82 -13.35
CA GLU A 235 76.49 61.98 -13.31
C GLU A 235 74.99 61.67 -13.51
N LEU A 236 74.67 60.48 -14.00
CA LEU A 236 73.30 60.15 -14.41
C LEU A 236 72.46 59.55 -13.28
N CYS A 237 73.12 59.12 -12.20
CA CYS A 237 72.44 58.49 -11.07
C CYS A 237 72.67 59.30 -9.79
N CYS A 238 72.05 60.48 -9.75
CA CYS A 238 72.31 61.44 -8.68
C CYS A 238 71.03 61.98 -8.06
N LYS A 239 70.85 61.72 -6.76
CA LYS A 239 69.75 62.28 -5.99
C LYS A 239 69.99 63.76 -5.68
N ALA A 240 71.26 64.16 -5.59
CA ALA A 240 71.64 65.55 -5.36
C ALA A 240 73.10 65.77 -5.76
N CYS A 241 73.38 66.92 -6.38
CA CYS A 241 74.73 67.22 -6.83
C CYS A 241 75.67 67.56 -5.67
N GLN A 242 76.97 67.41 -5.92
CA GLN A 242 78.01 67.66 -4.92
C GLN A 242 78.33 69.15 -4.84
N GLY A 243 79.12 69.62 -5.81
CA GLY A 243 79.61 71.00 -5.79
C GLY A 243 78.63 71.96 -6.44
N LYS A 244 79.09 72.64 -7.50
CA LYS A 244 78.29 73.66 -8.18
C LYS A 244 77.28 73.08 -9.17
N GLY A 245 77.39 71.79 -9.48
CA GLY A 245 76.46 71.12 -10.39
C GLY A 245 75.00 71.31 -10.01
N PHE A 246 74.13 71.36 -11.02
CA PHE A 246 72.70 71.61 -10.84
C PHE A 246 71.92 70.32 -11.04
N HIS A 247 71.09 69.98 -10.07
CA HIS A 247 70.35 68.72 -10.06
C HIS A 247 69.09 68.76 -10.92
N CYS A 248 69.08 67.95 -11.98
CA CYS A 248 67.86 67.73 -12.76
C CYS A 248 66.96 66.79 -11.97
N LYS A 249 65.65 67.04 -12.01
CA LYS A 249 64.67 66.18 -11.33
C LYS A 249 64.76 64.74 -11.82
N SER A 250 65.18 64.58 -13.06
CA SER A 250 65.43 63.27 -13.67
C SER A 250 66.53 62.44 -12.99
N GLY A 251 67.23 63.04 -12.03
CA GLY A 251 68.28 62.36 -11.27
C GLY A 251 69.67 62.52 -11.90
N VAL A 252 69.84 63.59 -12.68
CA VAL A 252 71.11 63.85 -13.36
C VAL A 252 71.63 65.25 -12.99
N CYS A 253 72.95 65.39 -12.96
CA CYS A 253 73.59 66.69 -12.68
C CYS A 253 74.12 67.32 -13.97
N ILE A 254 74.07 68.64 -14.05
CA ILE A 254 74.63 69.39 -15.17
C ILE A 254 75.44 70.59 -14.67
N PRO A 255 76.44 71.04 -15.46
CA PRO A 255 77.20 72.23 -15.04
C PRO A 255 76.32 73.46 -14.86
N SER A 256 76.51 74.20 -13.77
CA SER A 256 75.70 75.39 -13.48
C SER A 256 75.50 76.29 -14.70
N GLN A 257 76.56 76.49 -15.49
CA GLN A 257 76.47 77.35 -16.69
C GLN A 257 75.61 76.73 -17.81
N TYR A 258 75.23 75.47 -17.64
CA TYR A 258 74.20 74.85 -18.49
C TYR A 258 72.80 75.36 -18.15
N GLN A 259 72.68 76.19 -17.11
CA GLN A 259 71.42 76.89 -16.80
C GLN A 259 71.23 78.11 -17.70
N CYS A 260 70.06 78.17 -18.34
CA CYS A 260 69.69 79.29 -19.21
C CYS A 260 70.76 79.58 -20.27
N ASN A 261 71.20 78.54 -20.98
CA ASN A 261 72.19 78.67 -22.05
C ASN A 261 71.63 78.37 -23.44
N GLY A 262 70.29 78.30 -23.54
CA GLY A 262 69.60 78.11 -24.81
C GLY A 262 69.61 76.68 -25.30
N GLU A 263 69.88 75.74 -24.40
CA GLU A 263 69.83 74.31 -24.71
C GLU A 263 69.15 73.56 -23.56
N VAL A 264 68.07 72.87 -23.88
CA VAL A 264 67.40 72.00 -22.92
C VAL A 264 68.30 70.78 -22.68
N ASP A 265 69.01 70.79 -21.55
CA ASP A 265 69.91 69.70 -21.18
C ASP A 265 69.19 68.58 -20.44
N CYS A 266 68.59 68.91 -19.30
CA CYS A 266 67.83 67.93 -18.52
C CYS A 266 66.63 67.45 -19.34
N ILE A 267 66.37 66.15 -19.32
CA ILE A 267 65.18 65.59 -19.99
C ILE A 267 63.88 66.17 -19.39
N THR A 268 63.94 66.54 -18.12
CA THR A 268 62.82 67.22 -17.44
C THR A 268 62.62 68.64 -18.01
N GLY A 269 63.73 69.33 -18.26
CA GLY A 269 63.72 70.62 -18.98
C GLY A 269 63.78 71.86 -18.10
N GLU A 270 64.20 71.69 -16.86
CA GLU A 270 64.03 72.70 -15.83
C GLU A 270 65.13 73.76 -15.81
N ASP A 271 66.26 73.44 -16.43
CA ASP A 271 67.39 74.38 -16.50
C ASP A 271 67.10 75.58 -17.39
N GLU A 272 66.24 75.40 -18.39
CA GLU A 272 65.88 76.46 -19.34
C GLU A 272 64.55 77.15 -19.01
N VAL A 273 63.84 76.68 -17.99
CA VAL A 273 62.63 77.36 -17.54
C VAL A 273 62.97 78.42 -16.49
N GLY A 274 62.44 79.63 -16.70
CA GLY A 274 62.69 80.75 -15.80
C GLY A 274 63.95 81.50 -16.18
N CYS A 275 64.05 81.84 -17.46
CA CYS A 275 65.23 82.54 -18.00
C CYS A 275 64.80 83.77 -18.80
N ALA A 276 64.84 84.93 -18.14
CA ALA A 276 64.49 86.22 -18.75
C ALA A 276 63.08 86.23 -19.36
N MET A 293 83.04 73.80 -32.58
CA MET A 293 81.92 73.00 -33.09
C MET A 293 80.89 72.57 -32.04
N ASP A 294 81.07 73.02 -30.80
CA ASP A 294 80.08 72.83 -29.73
C ASP A 294 78.84 73.66 -30.03
N ALA A 295 79.07 74.91 -30.47
CA ALA A 295 77.99 75.80 -30.90
C ALA A 295 77.23 75.25 -32.11
N GLU A 296 77.90 74.44 -32.93
CA GLU A 296 77.26 73.88 -34.12
C GLU A 296 76.26 72.77 -33.80
N ARG A 297 76.54 71.95 -32.79
CA ARG A 297 75.61 70.86 -32.43
C ARG A 297 74.32 71.40 -31.83
N ARG A 298 74.44 72.43 -30.99
CA ARG A 298 73.27 73.13 -30.46
C ARG A 298 72.40 73.66 -31.60
N ARG A 299 73.05 74.30 -32.57
CA ARG A 299 72.36 74.78 -33.76
C ARG A 299 71.57 73.66 -34.47
N ILE A 300 72.14 72.46 -34.50
CA ILE A 300 71.52 71.32 -35.19
C ILE A 300 70.27 70.81 -34.46
N LYS A 301 70.22 70.97 -33.14
CA LYS A 301 69.03 70.61 -32.35
C LYS A 301 67.85 71.51 -32.70
N SER A 302 68.06 72.82 -32.58
CA SER A 302 67.01 73.82 -32.79
C SER A 302 66.29 73.75 -34.15
N LEU A 303 66.83 72.96 -35.07
CA LEU A 303 66.21 72.73 -36.39
C LEU A 303 65.46 71.40 -36.49
N LEU A 304 65.62 70.52 -35.51
CA LEU A 304 64.92 69.24 -35.49
C LEU A 304 63.41 69.44 -35.26
N PRO A 305 62.57 68.65 -35.93
CA PRO A 305 61.12 68.80 -35.80
C PRO A 305 60.60 68.33 -34.44
N LYS A 306 60.22 69.29 -33.60
CA LYS A 306 59.71 69.00 -32.26
C LYS A 306 58.31 68.41 -32.33
N LEU A 307 57.99 67.51 -31.39
CA LEU A 307 56.68 66.86 -31.33
C LEU A 307 55.59 67.85 -30.91
N SER A 308 54.46 67.80 -31.60
CA SER A 308 53.30 68.63 -31.28
C SER A 308 52.35 67.91 -30.33
N CYS A 309 52.73 67.86 -29.05
CA CYS A 309 51.97 67.14 -28.02
C CYS A 309 51.58 68.06 -26.87
N GLY A 310 50.49 67.70 -26.20
CA GLY A 310 50.05 68.36 -24.96
C GLY A 310 50.13 69.88 -24.98
N VAL A 311 49.36 70.50 -25.87
CA VAL A 311 49.35 71.95 -26.03
C VAL A 311 48.61 72.63 -24.89
N ASP A 332 39.70 72.56 -20.87
CA ASP A 332 39.82 71.89 -19.58
C ASP A 332 40.57 70.56 -19.68
N LEU A 333 40.06 69.68 -20.56
CA LEU A 333 40.67 68.36 -20.78
C LEU A 333 40.49 67.90 -22.24
N PRO A 334 41.21 68.56 -23.18
CA PRO A 334 41.07 68.24 -24.61
C PRO A 334 41.40 66.78 -24.96
N TRP A 335 42.38 66.22 -24.26
CA TRP A 335 42.79 64.83 -24.45
C TRP A 335 41.77 63.80 -23.98
N GLN A 336 40.91 64.19 -23.04
CA GLN A 336 39.92 63.29 -22.42
C GLN A 336 38.99 62.63 -23.45
N VAL A 337 38.93 61.31 -23.39
CA VAL A 337 38.03 60.52 -24.24
C VAL A 337 37.17 59.64 -23.33
N ALA A 338 36.07 59.11 -23.87
CA ALA A 338 35.19 58.18 -23.15
C ALA A 338 34.77 57.01 -24.06
N ILE A 339 35.24 55.81 -23.71
CA ILE A 339 34.96 54.61 -24.52
C ILE A 339 33.67 53.93 -24.06
N LYS A 340 32.57 54.30 -24.70
CA LYS A 340 31.24 53.78 -24.37
C LYS A 340 30.86 52.62 -25.30
N ASP A 341 30.39 51.52 -24.73
CA ASP A 341 29.86 50.40 -25.50
C ASP A 341 28.34 50.47 -25.62
N ALA A 342 27.77 49.61 -26.44
CA ALA A 342 26.32 49.56 -26.66
C ALA A 342 25.55 49.01 -25.45
N SER A 343 26.27 48.38 -24.52
CA SER A 343 25.69 47.93 -23.26
C SER A 343 25.41 49.13 -22.35
N GLY A 344 26.46 49.86 -22.00
CA GLY A 344 26.34 51.08 -21.19
C GLY A 344 27.31 51.15 -20.03
N ILE A 345 28.58 50.88 -20.31
CA ILE A 345 29.66 50.98 -19.31
C ILE A 345 30.85 51.72 -19.90
N THR A 346 31.32 52.73 -19.19
CA THR A 346 32.25 53.73 -19.73
C THR A 346 33.68 53.56 -19.20
N CYS A 347 34.65 53.89 -20.05
CA CYS A 347 36.06 53.95 -19.65
C CYS A 347 36.61 55.33 -20.01
N GLY A 348 37.63 55.79 -19.28
CA GLY A 348 38.20 57.12 -19.47
C GLY A 348 39.44 57.16 -20.33
N GLY A 349 39.24 57.17 -21.65
CA GLY A 349 40.36 57.18 -22.60
C GLY A 349 41.14 58.48 -22.62
N ILE A 350 42.32 58.43 -23.23
CA ILE A 350 43.19 59.61 -23.38
C ILE A 350 43.85 59.65 -24.76
N TYR A 351 43.57 60.72 -25.50
CA TYR A 351 44.04 60.87 -26.89
C TYR A 351 45.53 61.18 -26.93
N ILE A 352 46.30 60.32 -27.60
CA ILE A 352 47.76 60.46 -27.68
C ILE A 352 48.28 60.85 -29.08
N GLY A 353 47.55 60.51 -30.13
CA GLY A 353 47.92 60.95 -31.48
C GLY A 353 47.24 60.22 -32.62
N GLY A 354 46.66 61.01 -33.53
CA GLY A 354 46.14 60.49 -34.80
C GLY A 354 44.92 59.61 -34.64
N CYS A 355 45.13 58.30 -34.79
CA CYS A 355 44.05 57.31 -34.72
C CYS A 355 43.96 56.65 -33.36
N TRP A 356 44.91 56.98 -32.48
CA TRP A 356 45.15 56.17 -31.30
C TRP A 356 44.59 56.77 -30.01
N ILE A 357 43.97 55.91 -29.22
CA ILE A 357 43.51 56.25 -27.89
C ILE A 357 44.06 55.20 -26.92
N LEU A 358 44.53 55.68 -25.76
CA LEU A 358 45.18 54.83 -24.77
C LEU A 358 44.28 54.70 -23.54
N THR A 359 44.10 53.47 -23.05
CA THR A 359 43.27 53.22 -21.87
C THR A 359 43.80 52.04 -21.07
N ALA A 360 43.05 51.65 -20.04
CA ALA A 360 43.35 50.47 -19.24
C ALA A 360 42.61 49.28 -19.82
N ALA A 361 43.21 48.10 -19.70
CA ALA A 361 42.64 46.88 -20.28
C ALA A 361 41.35 46.45 -19.59
N HIS A 362 41.38 46.27 -18.28
CA HIS A 362 40.27 45.68 -17.54
C HIS A 362 38.88 46.24 -17.89
N CYS A 363 38.78 47.55 -18.05
CA CYS A 363 37.49 48.21 -18.36
C CYS A 363 36.99 47.85 -19.76
N LEU A 364 37.90 47.77 -20.72
CA LEU A 364 37.54 47.41 -22.09
C LEU A 364 36.96 46.00 -22.13
N ARG A 365 37.69 45.06 -21.53
CA ARG A 365 37.27 43.66 -21.52
C ARG A 365 36.12 43.36 -20.56
N ALA A 366 35.56 44.39 -19.94
CA ALA A 366 34.32 44.26 -19.16
C ALA A 366 33.09 44.17 -20.06
N SER A 367 33.24 44.57 -21.32
CA SER A 367 32.14 44.51 -22.29
C SER A 367 31.96 43.10 -22.85
N LYS A 368 30.70 42.74 -23.10
CA LYS A 368 30.36 41.46 -23.73
C LYS A 368 30.27 41.58 -25.26
N THR A 369 29.83 42.75 -25.73
CA THR A 369 29.60 43.00 -27.15
C THR A 369 30.89 43.17 -27.96
N HIS A 370 31.91 43.73 -27.30
CA HIS A 370 33.21 44.03 -27.93
C HIS A 370 33.11 45.06 -29.08
N ARG A 371 32.12 45.94 -29.00
CA ARG A 371 31.98 47.04 -29.97
C ARG A 371 31.72 48.36 -29.25
N TYR A 372 32.54 49.35 -29.55
CA TYR A 372 32.55 50.61 -28.81
C TYR A 372 32.33 51.82 -29.71
N GLN A 373 32.23 52.98 -29.08
CA GLN A 373 32.23 54.28 -29.76
C GLN A 373 33.03 55.25 -28.90
N ILE A 374 33.87 56.05 -29.55
CA ILE A 374 34.69 57.02 -28.84
C ILE A 374 34.01 58.39 -28.79
N TRP A 375 33.68 58.82 -27.58
CA TRP A 375 32.98 60.08 -27.33
C TRP A 375 33.93 61.10 -26.71
N THR A 376 33.72 62.38 -27.02
CA THR A 376 34.48 63.47 -26.43
C THR A 376 33.78 64.82 -26.62
N VAL A 390 31.66 64.87 -30.17
CA VAL A 390 32.14 64.17 -31.35
C VAL A 390 32.16 62.66 -31.12
N ILE A 391 31.80 61.90 -32.15
CA ILE A 391 31.73 60.44 -32.06
C ILE A 391 32.53 59.78 -33.19
N GLU A 392 33.60 59.07 -32.83
CA GLU A 392 34.31 58.19 -33.75
C GLU A 392 33.97 56.73 -33.45
N TYR A 393 34.34 55.85 -34.37
CA TYR A 393 34.14 54.41 -34.20
C TYR A 393 35.48 53.70 -34.06
N VAL A 394 35.49 52.60 -33.30
CA VAL A 394 36.72 51.85 -33.03
C VAL A 394 36.81 50.63 -33.94
N ASP A 395 37.84 50.62 -34.78
CA ASP A 395 38.05 49.53 -35.73
C ASP A 395 38.54 48.28 -35.03
N ARG A 396 39.63 48.43 -34.29
CA ARG A 396 40.28 47.31 -33.63
C ARG A 396 40.94 47.73 -32.33
N ILE A 397 41.12 46.77 -31.44
CA ILE A 397 41.66 47.01 -30.11
C ILE A 397 42.82 46.04 -29.87
N ILE A 398 43.93 46.57 -29.37
CA ILE A 398 45.10 45.76 -29.04
C ILE A 398 45.37 45.87 -27.54
N PHE A 399 45.26 44.74 -26.85
CA PHE A 399 45.63 44.64 -25.44
C PHE A 399 47.09 44.23 -25.35
N HIS A 400 47.75 44.66 -24.29
CA HIS A 400 49.11 44.20 -23.99
C HIS A 400 49.08 42.68 -23.75
N GLU A 401 50.06 41.98 -24.31
CA GLU A 401 50.05 40.51 -24.37
C GLU A 401 50.23 39.87 -23.00
N ASN A 402 51.07 40.50 -22.17
CA ASN A 402 51.38 39.99 -20.84
C ASN A 402 50.52 40.63 -19.74
N TYR A 403 49.23 40.80 -20.00
CA TYR A 403 48.29 41.30 -19.00
C TYR A 403 48.01 40.19 -18.00
N ASN A 404 48.19 40.51 -16.71
CA ASN A 404 47.98 39.58 -15.62
C ASN A 404 46.80 40.08 -14.78
N ALA A 405 45.64 39.44 -14.97
CA ALA A 405 44.36 39.89 -14.42
C ALA A 405 44.36 40.25 -12.94
N GLY A 406 44.99 39.41 -12.13
CA GLY A 406 44.92 39.53 -10.67
C GLY A 406 45.88 40.58 -10.14
N THR A 407 47.12 40.54 -10.64
CA THR A 407 48.16 41.50 -10.24
C THR A 407 48.04 42.86 -10.95
N TYR A 408 47.28 42.91 -12.05
CA TYR A 408 47.08 44.14 -12.85
C TYR A 408 48.35 44.66 -13.58
N GLN A 409 49.41 43.86 -13.60
CA GLN A 409 50.61 44.20 -14.35
C GLN A 409 50.27 44.28 -15.84
N ASN A 410 50.78 45.31 -16.51
CA ASN A 410 50.56 45.49 -17.95
C ASN A 410 49.08 45.70 -18.28
N ASP A 411 48.40 46.44 -17.41
CA ASP A 411 46.98 46.79 -17.59
C ASP A 411 46.90 48.00 -18.51
N ILE A 412 47.10 47.74 -19.80
CA ILE A 412 47.16 48.80 -20.80
C ILE A 412 46.75 48.26 -22.17
N ALA A 413 46.11 49.12 -22.97
CA ALA A 413 45.59 48.71 -24.27
C ALA A 413 45.45 49.91 -25.22
N LEU A 414 45.67 49.64 -26.51
CA LEU A 414 45.53 50.66 -27.56
C LEU A 414 44.25 50.46 -28.34
N ILE A 415 43.51 51.54 -28.53
CA ILE A 415 42.30 51.57 -29.36
C ILE A 415 42.63 52.24 -30.69
N GLU A 416 42.23 51.61 -31.80
CA GLU A 416 42.49 52.14 -33.14
C GLU A 416 41.18 52.50 -33.83
N MET A 417 41.01 53.78 -34.14
CA MET A 417 39.74 54.30 -34.65
C MET A 417 39.57 54.05 -36.15
N LYS A 418 38.30 53.89 -36.56
CA LYS A 418 37.96 53.62 -37.97
C LYS A 418 38.22 54.80 -38.89
N LYS A 419 38.42 55.99 -38.31
CA LYS A 419 38.74 57.21 -39.06
C LYS A 419 37.51 57.80 -39.78
N ASP A 420 36.92 57.02 -40.68
CA ASP A 420 35.75 57.44 -41.45
C ASP A 420 36.06 58.66 -42.34
N GLY A 421 35.09 59.07 -43.14
CA GLY A 421 35.26 60.15 -44.11
C GLY A 421 35.49 59.61 -45.51
N ASN A 422 36.21 58.50 -45.60
CA ASN A 422 36.51 57.82 -46.86
C ASN A 422 37.30 58.71 -47.83
N LYS A 423 38.24 59.48 -47.29
CA LYS A 423 39.05 60.39 -48.11
C LYS A 423 40.38 60.87 -47.50
N LYS A 424 40.52 60.83 -46.17
CA LYS A 424 41.74 61.33 -45.52
C LYS A 424 42.24 60.44 -44.36
N ASP A 425 42.12 60.92 -43.11
CA ASP A 425 42.79 60.31 -41.96
C ASP A 425 41.99 60.45 -40.67
N CYS A 426 42.43 59.73 -39.63
CA CYS A 426 41.68 59.60 -38.37
C CYS A 426 41.53 60.89 -37.58
N GLU A 427 42.55 61.73 -37.63
CA GLU A 427 42.65 62.92 -36.78
C GLU A 427 41.38 63.78 -36.83
N LEU A 428 40.95 64.25 -35.66
CA LEU A 428 39.75 65.09 -35.54
C LEU A 428 40.15 66.53 -35.89
N PRO A 429 39.27 67.27 -36.60
CA PRO A 429 39.54 68.66 -36.99
C PRO A 429 40.11 69.57 -35.91
N ARG A 430 39.68 69.37 -34.66
CA ARG A 430 40.06 70.23 -33.54
C ARG A 430 40.16 69.43 -32.23
N SER A 431 41.28 68.74 -32.08
CA SER A 431 41.54 67.90 -30.90
C SER A 431 43.05 67.84 -30.61
N ILE A 432 43.41 68.01 -29.33
CA ILE A 432 44.82 68.09 -28.92
C ILE A 432 45.29 66.78 -28.27
N PRO A 433 46.28 66.11 -28.89
CA PRO A 433 46.81 64.89 -28.29
C PRO A 433 47.76 65.18 -27.13
N ALA A 434 47.70 64.32 -26.11
CA ALA A 434 48.61 64.41 -24.98
C ALA A 434 49.97 63.82 -25.34
N CYS A 435 50.96 64.12 -24.51
CA CYS A 435 52.32 63.69 -24.77
C CYS A 435 52.57 62.36 -24.04
N VAL A 436 53.25 61.45 -24.72
CA VAL A 436 53.53 60.12 -24.16
C VAL A 436 54.97 60.12 -23.65
N PRO A 437 55.16 59.85 -22.35
CA PRO A 437 56.52 59.93 -21.81
C PRO A 437 57.40 58.81 -22.33
N TRP A 438 58.59 59.18 -22.78
CA TRP A 438 59.57 58.22 -23.32
C TRP A 438 60.49 57.68 -22.23
N SER A 439 60.52 58.39 -21.10
CA SER A 439 61.38 58.03 -19.96
C SER A 439 60.59 57.86 -18.68
N PRO A 440 60.97 56.89 -17.83
CA PRO A 440 60.38 56.76 -16.51
C PRO A 440 60.95 57.75 -15.49
N TYR A 441 61.94 58.55 -15.88
CA TYR A 441 62.54 59.56 -15.00
C TYR A 441 62.05 60.98 -15.29
N LEU A 442 60.95 61.12 -16.03
CA LEU A 442 60.40 62.45 -16.34
C LEU A 442 59.74 63.08 -15.11
N PHE A 443 58.83 62.34 -14.49
CA PHE A 443 58.16 62.78 -13.26
C PHE A 443 58.48 61.87 -12.08
N GLN A 444 58.66 62.49 -10.91
CA GLN A 444 59.20 61.84 -9.72
C GLN A 444 58.25 62.07 -8.54
N PRO A 445 58.58 61.53 -7.33
CA PRO A 445 57.73 61.77 -6.16
C PRO A 445 57.47 63.23 -5.81
N ASN A 446 56.37 63.48 -5.12
CA ASN A 446 55.92 64.83 -4.73
C ASN A 446 55.57 65.78 -5.90
N ASP A 447 55.69 65.28 -7.13
CA ASP A 447 55.17 65.99 -8.30
C ASP A 447 53.65 65.95 -8.24
N THR A 448 53.02 67.04 -8.66
CA THR A 448 51.57 67.13 -8.69
C THR A 448 51.05 66.73 -10.07
N CYS A 449 49.97 65.97 -10.10
CA CYS A 449 49.36 65.50 -11.35
C CYS A 449 47.84 65.60 -11.29
N ILE A 450 47.22 65.75 -12.45
CA ILE A 450 45.77 65.91 -12.55
C ILE A 450 45.09 64.58 -12.91
N VAL A 451 44.44 63.98 -11.91
CA VAL A 451 43.62 62.78 -12.11
C VAL A 451 42.23 63.18 -12.62
N SER A 452 41.69 62.35 -13.53
CA SER A 452 40.35 62.58 -14.09
C SER A 452 39.61 61.26 -14.27
N GLY A 453 38.29 61.33 -14.33
CA GLY A 453 37.45 60.15 -14.51
C GLY A 453 35.98 60.47 -14.72
N GLN A 467 34.65 65.88 -13.42
CA GLN A 467 35.60 66.78 -12.78
C GLN A 467 37.02 66.19 -12.84
N TRP A 468 37.95 66.83 -12.14
CA TRP A 468 39.35 66.39 -12.10
C TRP A 468 39.97 66.73 -10.74
N GLY A 469 40.74 65.78 -10.20
CA GLY A 469 41.37 65.93 -8.90
C GLY A 469 42.87 66.01 -8.99
N GLU A 470 43.46 66.99 -8.30
CA GLU A 470 44.90 67.15 -8.24
C GLU A 470 45.51 66.14 -7.28
N VAL A 471 46.03 65.05 -7.82
CA VAL A 471 46.71 64.04 -7.04
C VAL A 471 48.22 64.33 -7.03
N LYS A 472 48.94 63.72 -6.09
CA LYS A 472 50.40 63.83 -6.01
C LYS A 472 51.06 62.46 -6.07
N LEU A 473 52.21 62.39 -6.72
CA LEU A 473 52.94 61.13 -6.86
C LEU A 473 53.68 60.82 -5.56
N ILE A 474 53.49 59.61 -5.03
CA ILE A 474 54.06 59.23 -3.74
C ILE A 474 55.21 58.23 -3.87
N SER A 475 56.18 58.36 -2.96
CA SER A 475 57.38 57.53 -2.96
C SER A 475 57.21 56.30 -2.09
N ASN A 476 58.08 55.31 -2.32
CA ASN A 476 58.18 54.12 -1.47
C ASN A 476 56.82 53.43 -1.25
N CYS A 477 56.12 53.17 -2.35
CA CYS A 477 54.76 52.64 -2.27
C CYS A 477 54.69 51.17 -1.81
N SER A 478 55.85 50.57 -1.53
CA SER A 478 55.91 49.28 -0.81
C SER A 478 55.28 49.39 0.58
N LYS A 479 55.47 50.54 1.23
CA LYS A 479 54.91 50.81 2.56
C LYS A 479 53.39 50.59 2.62
N PHE A 480 52.70 50.87 1.52
CA PHE A 480 51.23 50.78 1.48
C PHE A 480 50.72 49.43 0.99
N TYR A 481 51.31 48.90 -0.07
CA TYR A 481 50.83 47.67 -0.73
C TYR A 481 51.83 46.51 -0.80
N GLY A 482 53.12 46.81 -0.66
CA GLY A 482 54.16 45.78 -0.57
C GLY A 482 54.50 45.10 -1.90
N ASN A 483 54.09 43.84 -2.02
CA ASN A 483 54.39 43.03 -3.21
C ASN A 483 53.23 42.99 -4.21
N ARG A 484 52.17 43.73 -3.91
CA ARG A 484 51.07 43.96 -4.85
C ARG A 484 51.33 45.18 -5.75
N PHE A 485 52.43 45.88 -5.48
CA PHE A 485 52.86 47.05 -6.27
C PHE A 485 54.24 46.81 -6.90
N TYR A 486 54.27 46.67 -8.22
CA TYR A 486 55.49 46.36 -8.96
C TYR A 486 56.12 47.63 -9.51
N GLU A 487 57.07 48.19 -8.76
CA GLU A 487 57.58 49.56 -8.97
C GLU A 487 58.01 49.91 -10.39
N LYS A 488 58.44 48.91 -11.15
CA LYS A 488 58.83 49.11 -12.55
C LYS A 488 57.61 49.37 -13.45
N GLU A 489 56.52 48.66 -13.17
CA GLU A 489 55.33 48.66 -14.05
C GLU A 489 54.15 49.48 -13.51
N MET A 490 54.23 49.92 -12.25
CA MET A 490 53.12 50.63 -11.62
C MET A 490 53.56 51.90 -10.90
N GLU A 491 52.62 52.84 -10.78
CA GLU A 491 52.84 54.12 -10.10
C GLU A 491 51.69 54.39 -9.14
N CYS A 492 52.01 54.85 -7.93
CA CYS A 492 51.01 55.24 -6.93
C CYS A 492 50.86 56.74 -6.87
N ALA A 493 49.63 57.23 -6.92
CA ALA A 493 49.34 58.64 -6.75
C ALA A 493 48.46 58.86 -5.51
N GLY A 494 49.02 59.54 -4.51
CA GLY A 494 48.31 59.83 -3.26
C GLY A 494 47.46 61.09 -3.36
N THR A 495 46.20 60.98 -2.96
CA THR A 495 45.24 62.07 -3.11
C THR A 495 45.49 63.18 -2.08
N TYR A 496 45.20 64.42 -2.47
CA TYR A 496 45.29 65.56 -1.57
C TYR A 496 44.39 66.70 -2.06
N SER A 507 36.34 54.10 -15.35
CA SER A 507 37.56 53.34 -15.14
C SER A 507 38.58 53.58 -16.24
N GLY A 508 39.83 53.20 -15.97
CA GLY A 508 40.94 53.37 -16.91
C GLY A 508 41.26 54.83 -17.23
N GLY A 509 40.89 55.72 -16.31
CA GLY A 509 41.04 57.16 -16.50
C GLY A 509 42.49 57.62 -16.48
N PRO A 510 42.76 58.82 -17.01
CA PRO A 510 44.13 59.31 -17.17
C PRO A 510 44.72 59.92 -15.90
N LEU A 511 46.03 59.76 -15.74
CA LEU A 511 46.80 60.48 -14.73
C LEU A 511 47.76 61.40 -15.48
N VAL A 512 47.29 62.61 -15.79
CA VAL A 512 48.05 63.54 -16.60
C VAL A 512 48.94 64.44 -15.73
N CYS A 513 50.18 64.65 -16.18
CA CYS A 513 51.11 65.54 -15.50
C CYS A 513 51.72 66.52 -16.50
N MET A 514 52.13 67.69 -16.02
CA MET A 514 52.73 68.71 -16.88
C MET A 514 54.12 69.09 -16.40
N ASP A 515 55.04 69.27 -17.34
CA ASP A 515 56.41 69.73 -17.04
C ASP A 515 56.46 71.26 -17.06
N ALA A 516 57.63 71.82 -16.77
CA ALA A 516 57.81 73.27 -16.62
C ALA A 516 57.43 74.09 -17.85
N ASN A 517 57.54 73.50 -19.04
CA ASN A 517 57.22 74.17 -20.31
C ASN A 517 55.77 73.96 -20.77
N ASN A 518 54.90 73.55 -19.85
CA ASN A 518 53.48 73.29 -20.13
C ASN A 518 53.21 72.15 -21.13
N VAL A 519 53.99 71.07 -21.05
CA VAL A 519 53.74 69.89 -21.88
C VAL A 519 52.92 68.87 -21.08
N THR A 520 51.71 68.57 -21.56
CA THR A 520 50.83 67.60 -20.90
C THR A 520 51.26 66.17 -21.24
N TYR A 521 51.75 65.45 -20.22
CA TYR A 521 52.18 64.06 -20.36
C TYR A 521 51.17 63.07 -19.78
N VAL A 522 50.82 62.05 -20.54
CA VAL A 522 50.02 60.92 -20.02
C VAL A 522 50.93 60.00 -19.20
N TRP A 523 51.02 60.28 -17.90
CA TRP A 523 51.94 59.56 -17.02
C TRP A 523 51.45 58.17 -16.61
N GLY A 524 50.15 58.04 -16.36
CA GLY A 524 49.57 56.78 -15.91
C GLY A 524 48.11 56.63 -16.26
N VAL A 525 47.61 55.40 -16.12
CA VAL A 525 46.19 55.12 -16.32
C VAL A 525 45.65 54.36 -15.08
N VAL A 526 44.40 54.61 -14.73
CA VAL A 526 43.83 54.12 -13.47
C VAL A 526 43.64 52.61 -13.49
N SER A 527 44.35 51.93 -12.58
CA SER A 527 44.50 50.48 -12.62
C SER A 527 43.71 49.78 -11.51
N TRP A 528 44.02 50.11 -10.26
CA TRP A 528 43.33 49.53 -9.10
C TRP A 528 43.53 50.36 -7.84
N PRO A 535 44.07 57.75 2.68
CA PRO A 535 45.21 58.14 3.49
C PRO A 535 46.35 57.12 3.41
N GLU A 536 46.03 55.86 3.65
CA GLU A 536 46.99 54.75 3.46
C GLU A 536 46.50 53.83 2.33
N PHE A 537 45.78 54.41 1.37
CA PHE A 537 45.28 53.70 0.20
C PHE A 537 45.35 54.63 -1.03
N PRO A 538 46.58 54.90 -1.51
CA PRO A 538 46.74 55.78 -2.68
C PRO A 538 46.43 55.05 -3.99
N GLY A 539 45.80 55.75 -4.92
CA GLY A 539 45.45 55.19 -6.22
C GLY A 539 46.66 54.64 -6.95
N VAL A 540 46.49 53.47 -7.57
CA VAL A 540 47.58 52.81 -8.29
C VAL A 540 47.36 52.94 -9.79
N TYR A 541 48.42 53.31 -10.50
CA TYR A 541 48.36 53.60 -11.94
C TYR A 541 49.43 52.82 -12.71
N THR A 542 49.01 52.13 -13.76
CA THR A 542 49.97 51.49 -14.67
C THR A 542 50.83 52.57 -15.32
N LYS A 543 52.14 52.51 -15.06
CA LYS A 543 53.07 53.58 -15.43
C LYS A 543 53.42 53.53 -16.92
N VAL A 544 52.81 54.43 -17.70
CA VAL A 544 52.87 54.39 -19.16
C VAL A 544 54.29 54.52 -19.75
N ALA A 545 55.16 55.31 -19.11
CA ALA A 545 56.53 55.49 -19.61
C ALA A 545 57.24 54.17 -19.86
N ASN A 546 56.92 53.15 -19.06
CA ASN A 546 57.48 51.81 -19.22
C ASN A 546 56.87 51.02 -20.39
N TYR A 547 56.07 51.70 -21.22
CA TYR A 547 55.42 51.07 -22.38
C TYR A 547 55.55 51.92 -23.64
N PHE A 548 56.58 52.77 -23.69
CA PHE A 548 56.82 53.61 -24.86
C PHE A 548 57.27 52.78 -26.06
N ASP A 549 58.15 51.82 -25.82
CA ASP A 549 58.56 50.87 -26.86
C ASP A 549 57.33 50.13 -27.37
N TRP A 550 56.55 49.58 -26.45
CA TRP A 550 55.33 48.86 -26.80
C TRP A 550 54.40 49.78 -27.59
N ILE A 551 54.11 50.97 -27.03
CA ILE A 551 53.32 51.98 -27.74
C ILE A 551 53.88 52.17 -29.15
N SER A 552 55.17 52.52 -29.24
CA SER A 552 55.84 52.77 -30.51
C SER A 552 55.65 51.64 -31.53
N TYR A 553 55.79 50.40 -31.06
CA TYR A 553 55.64 49.22 -31.91
C TYR A 553 54.33 49.23 -32.72
N HIS A 554 53.26 49.71 -32.10
CA HIS A 554 51.95 49.77 -32.76
C HIS A 554 51.66 51.15 -33.35
N VAL A 555 52.10 52.20 -32.67
CA VAL A 555 51.90 53.58 -33.13
C VAL A 555 52.83 53.90 -34.29
N ASP B 9 5.11 30.79 -13.10
CA ASP B 9 6.36 30.51 -13.86
C ASP B 9 7.50 30.25 -12.87
N LEU B 10 8.18 29.12 -13.04
CA LEU B 10 9.17 28.66 -12.05
C LEU B 10 10.47 28.06 -12.63
N VAL B 11 10.55 27.88 -13.94
CA VAL B 11 11.69 27.20 -14.58
C VAL B 11 12.72 28.17 -15.13
N GLU B 12 13.99 27.75 -15.14
CA GLU B 12 15.09 28.55 -15.70
C GLU B 12 15.44 28.07 -17.12
N LYS B 13 15.55 29.02 -18.04
CA LYS B 13 15.80 28.72 -19.45
C LYS B 13 17.23 28.20 -19.70
N LYS B 14 18.18 28.73 -18.95
CA LYS B 14 19.60 28.42 -19.16
C LYS B 14 20.01 27.00 -18.75
N CYS B 15 19.17 26.33 -17.96
CA CYS B 15 19.40 24.91 -17.61
C CYS B 15 18.46 23.94 -18.32
N LEU B 16 17.56 24.45 -19.16
CA LEU B 16 16.75 23.60 -20.05
C LEU B 16 17.57 23.20 -21.27
N ALA B 17 18.50 24.06 -21.66
CA ALA B 17 19.43 23.77 -22.75
C ALA B 17 20.44 22.70 -22.36
N LYS B 18 20.68 22.55 -21.06
CA LYS B 18 21.50 21.46 -20.52
C LYS B 18 20.81 20.10 -20.73
N LYS B 19 19.47 20.12 -20.73
CA LYS B 19 18.65 18.93 -20.95
C LYS B 19 18.96 17.82 -19.94
N TYR B 20 18.98 18.21 -18.66
CA TYR B 20 19.25 17.29 -17.56
C TYR B 20 18.09 16.31 -17.41
N THR B 21 18.43 15.04 -17.16
CA THR B 21 17.45 14.00 -16.88
C THR B 21 17.87 13.23 -15.63
N HIS B 22 17.24 12.09 -15.37
CA HIS B 22 17.63 11.26 -14.23
C HIS B 22 19.08 10.75 -14.31
N LEU B 23 19.65 10.73 -15.51
CA LEU B 23 21.06 10.34 -15.69
C LEU B 23 22.06 11.47 -15.42
N SER B 24 21.55 12.69 -15.23
CA SER B 24 22.39 13.86 -14.99
C SER B 24 22.92 13.92 -13.56
N CYS B 25 24.21 13.66 -13.41
CA CYS B 25 24.88 13.69 -12.10
C CYS B 25 24.95 15.07 -11.45
N ASP B 26 24.81 16.12 -12.23
CA ASP B 26 24.87 17.48 -11.70
C ASP B 26 23.57 17.88 -10.99
N LYS B 27 22.50 17.13 -11.22
CA LYS B 27 21.20 17.39 -10.56
C LYS B 27 20.79 16.30 -9.56
N VAL B 28 20.86 15.05 -9.98
CA VAL B 28 20.36 13.93 -9.17
C VAL B 28 21.48 12.99 -8.73
N PHE B 29 21.15 12.07 -7.83
CA PHE B 29 22.05 10.98 -7.42
C PHE B 29 21.82 9.79 -8.34
N CYS B 30 22.90 9.06 -8.67
CA CYS B 30 22.79 7.89 -9.55
C CYS B 30 22.10 6.72 -8.85
N GLN B 31 21.52 5.85 -9.66
CA GLN B 31 20.96 4.58 -9.19
C GLN B 31 22.11 3.71 -8.67
N PRO B 32 21.84 2.83 -7.70
CA PRO B 32 22.93 2.08 -7.07
C PRO B 32 23.72 1.19 -8.03
N TRP B 33 23.06 0.74 -9.10
CA TRP B 33 23.69 -0.03 -10.17
C TRP B 33 24.30 0.85 -11.28
N GLN B 34 24.76 2.04 -10.88
CA GLN B 34 25.39 2.98 -11.81
C GLN B 34 26.47 3.75 -11.07
N ARG B 35 27.36 4.40 -11.82
CA ARG B 35 28.42 5.23 -11.22
C ARG B 35 28.57 6.56 -11.95
N CYS B 36 28.93 7.58 -11.18
CA CYS B 36 28.98 8.96 -11.67
C CYS B 36 30.28 9.23 -12.42
N ILE B 37 30.17 9.37 -13.74
CA ILE B 37 31.33 9.64 -14.58
C ILE B 37 31.04 10.76 -15.57
N GLU B 38 31.87 11.80 -15.55
CA GLU B 38 31.76 12.94 -16.48
C GLU B 38 30.36 13.56 -16.47
N GLY B 39 29.78 13.66 -15.28
CA GLY B 39 28.44 14.24 -15.11
C GLY B 39 27.29 13.39 -15.62
N THR B 40 27.56 12.13 -15.95
CA THR B 40 26.55 11.22 -16.48
C THR B 40 26.57 9.90 -15.71
N CYS B 41 25.39 9.34 -15.48
CA CYS B 41 25.26 8.05 -14.79
C CYS B 41 25.49 6.92 -15.79
N VAL B 42 26.55 6.16 -15.53
CA VAL B 42 26.96 5.07 -16.41
C VAL B 42 26.79 3.74 -15.68
N CYS B 43 26.48 2.69 -16.45
CA CYS B 43 26.38 1.33 -15.91
C CYS B 43 27.63 0.94 -15.13
N LYS B 44 27.42 0.31 -13.97
CA LYS B 44 28.47 -0.45 -13.31
C LYS B 44 28.51 -1.83 -13.94
N LEU B 45 29.64 -2.53 -13.81
CA LEU B 45 29.71 -3.95 -14.16
C LEU B 45 29.15 -4.74 -12.99
N PRO B 46 28.32 -5.77 -13.27
CA PRO B 46 27.71 -6.62 -12.26
C PRO B 46 28.60 -6.92 -11.03
N TYR B 47 29.87 -7.19 -11.27
CA TYR B 47 30.83 -7.50 -10.19
C TYR B 47 31.35 -6.28 -9.41
N GLN B 48 30.90 -5.08 -9.77
CA GLN B 48 31.22 -3.87 -9.00
C GLN B 48 30.16 -3.59 -7.92
N CYS B 49 29.02 -4.27 -8.03
CA CYS B 49 27.93 -4.09 -7.07
C CYS B 49 28.27 -4.64 -5.69
N PRO B 50 27.53 -4.20 -4.65
CA PRO B 50 27.62 -4.86 -3.36
C PRO B 50 27.12 -6.30 -3.45
N LYS B 51 27.90 -7.23 -2.89
CA LYS B 51 27.65 -8.67 -3.08
C LYS B 51 26.41 -9.21 -2.37
N ASN B 52 26.10 -8.68 -1.18
CA ASN B 52 24.97 -9.18 -0.39
C ASN B 52 23.61 -8.84 -0.99
N GLY B 53 22.76 -9.86 -1.14
CA GLY B 53 21.40 -9.68 -1.67
C GLY B 53 20.72 -10.99 -2.00
N THR B 54 19.40 -10.95 -2.14
CA THR B 54 18.60 -12.15 -2.45
C THR B 54 18.41 -12.32 -3.96
N ALA B 55 18.22 -13.57 -4.38
CA ALA B 55 18.14 -13.92 -5.80
C ALA B 55 16.97 -13.23 -6.51
N VAL B 56 17.04 -13.20 -7.84
CA VAL B 56 16.07 -12.47 -8.66
C VAL B 56 16.06 -12.95 -10.11
N CYS B 57 14.93 -12.71 -10.77
CA CYS B 57 14.65 -13.22 -12.12
C CYS B 57 14.54 -12.07 -13.15
N ALA B 58 14.85 -12.38 -14.41
CA ALA B 58 14.67 -11.45 -15.53
C ALA B 58 13.96 -12.11 -16.71
N THR B 59 13.46 -11.29 -17.62
CA THR B 59 12.59 -11.73 -18.72
C THR B 59 13.20 -12.81 -19.62
N ASN B 60 14.52 -12.81 -19.74
CA ASN B 60 15.26 -13.86 -20.46
C ASN B 60 15.21 -15.24 -19.77
N ARG B 61 14.51 -15.32 -18.64
CA ARG B 61 14.48 -16.50 -17.77
C ARG B 61 15.89 -16.89 -17.31
N ARG B 62 16.48 -16.01 -16.50
CA ARG B 62 17.80 -16.22 -15.93
C ARG B 62 17.77 -15.79 -14.47
N SER B 63 18.52 -16.51 -13.63
CA SER B 63 18.61 -16.21 -12.21
C SER B 63 19.86 -15.37 -11.92
N PHE B 64 19.70 -14.37 -11.06
CA PHE B 64 20.79 -13.49 -10.66
C PHE B 64 20.93 -13.46 -9.15
N PRO B 65 22.17 -13.54 -8.62
CA PRO B 65 22.44 -13.50 -7.18
C PRO B 65 21.73 -12.38 -6.40
N THR B 66 21.80 -11.16 -6.93
CA THR B 66 21.21 -9.99 -6.26
C THR B 66 20.46 -9.11 -7.26
N TYR B 67 19.79 -8.09 -6.73
CA TYR B 67 19.00 -7.17 -7.56
C TYR B 67 19.90 -6.19 -8.34
N CYS B 68 21.01 -5.79 -7.74
CA CYS B 68 21.97 -4.89 -8.41
C CYS B 68 22.42 -5.46 -9.75
N GLN B 69 22.84 -6.72 -9.74
CA GLN B 69 23.47 -7.37 -10.90
C GLN B 69 22.54 -7.48 -12.10
N GLN B 70 21.27 -7.81 -11.87
CA GLN B 70 20.28 -7.87 -12.96
C GLN B 70 19.99 -6.47 -13.53
N LYS B 71 19.87 -5.48 -12.65
CA LYS B 71 19.67 -4.09 -13.07
C LYS B 71 20.94 -3.52 -13.72
N SER B 72 22.10 -4.02 -13.27
CA SER B 72 23.40 -3.65 -13.86
C SER B 72 23.53 -4.22 -15.28
N LEU B 73 23.10 -5.46 -15.46
CA LEU B 73 23.08 -6.09 -16.79
C LEU B 73 22.00 -5.50 -17.70
N GLU B 74 20.95 -4.93 -17.10
CA GLU B 74 19.92 -4.22 -17.87
C GLU B 74 20.43 -2.90 -18.47
N CYS B 75 21.32 -2.23 -17.74
CA CYS B 75 21.94 -0.97 -18.21
C CYS B 75 22.92 -1.23 -19.36
N LEU B 76 23.79 -2.22 -19.17
CA LEU B 76 24.76 -2.64 -20.19
C LEU B 76 24.10 -3.35 -21.37
N HIS B 77 23.03 -4.09 -21.10
CA HIS B 77 22.29 -4.82 -22.13
C HIS B 77 20.78 -4.65 -21.92
N PRO B 78 20.18 -3.64 -22.57
CA PRO B 78 18.73 -3.43 -22.43
C PRO B 78 17.90 -4.54 -23.08
N GLY B 79 16.68 -4.72 -22.62
CA GLY B 79 15.81 -5.81 -23.07
C GLY B 79 15.57 -6.81 -21.96
N THR B 80 16.63 -7.13 -21.21
CA THR B 80 16.54 -8.03 -20.07
C THR B 80 15.82 -7.32 -18.92
N LYS B 81 14.49 -7.38 -18.96
CA LYS B 81 13.64 -6.72 -17.97
C LYS B 81 13.30 -7.64 -16.79
N PHE B 82 12.95 -7.02 -15.67
CA PHE B 82 12.61 -7.73 -14.43
C PHE B 82 11.34 -8.57 -14.63
N LEU B 83 11.24 -9.67 -13.90
CA LEU B 83 10.09 -10.58 -13.99
C LEU B 83 9.47 -10.92 -12.63
N ASN B 84 10.29 -11.29 -11.65
CA ASN B 84 9.82 -11.55 -10.28
C ASN B 84 10.94 -11.52 -9.23
N ASN B 85 10.55 -11.35 -7.96
CA ASN B 85 11.51 -11.25 -6.85
C ASN B 85 12.27 -12.55 -6.58
N GLY B 86 11.56 -13.66 -6.59
CA GLY B 86 12.17 -14.94 -6.25
C GLY B 86 13.00 -15.47 -7.40
N THR B 87 13.48 -16.69 -7.26
CA THR B 87 14.14 -17.40 -8.35
C THR B 87 13.11 -17.55 -9.46
N CYS B 88 13.58 -17.79 -10.69
CA CYS B 88 12.66 -17.91 -11.81
C CYS B 88 11.78 -19.14 -11.68
N THR B 89 10.65 -19.11 -12.39
CA THR B 89 9.76 -20.25 -12.51
C THR B 89 9.75 -20.71 -13.97
N ALA B 90 9.63 -22.02 -14.18
CA ALA B 90 9.62 -22.59 -15.52
C ALA B 90 8.33 -22.26 -16.28
N GLU B 91 7.26 -21.97 -15.54
CA GLU B 91 5.95 -21.67 -16.12
C GLU B 91 5.64 -20.18 -16.09
N GLY B 92 5.87 -19.56 -14.93
CA GLY B 92 5.37 -18.21 -14.63
C GLY B 92 5.62 -17.14 -15.66
N LYS B 93 4.53 -16.49 -16.08
CA LYS B 93 4.55 -15.41 -17.05
C LYS B 93 4.11 -14.09 -16.42
N PHE B 94 4.78 -13.00 -16.78
CA PHE B 94 4.33 -11.65 -16.44
C PHE B 94 3.76 -10.98 -17.70
N SER B 95 2.56 -10.43 -17.59
CA SER B 95 1.89 -9.81 -18.72
C SER B 95 1.28 -8.47 -18.33
N VAL B 96 1.45 -7.48 -19.20
CA VAL B 96 0.71 -6.23 -19.12
C VAL B 96 0.01 -6.03 -20.45
N SER B 97 -1.23 -5.55 -20.41
CA SER B 97 -1.98 -5.26 -21.62
C SER B 97 -3.11 -4.28 -21.34
N LEU B 98 -3.36 -3.39 -22.30
CA LEU B 98 -4.45 -2.44 -22.23
C LEU B 98 -5.67 -3.05 -22.93
N LYS B 99 -6.75 -3.23 -22.17
CA LYS B 99 -7.94 -3.89 -22.68
C LYS B 99 -9.13 -2.94 -22.74
N HIS B 100 -10.22 -3.41 -23.35
CA HIS B 100 -11.42 -2.60 -23.60
C HIS B 100 -11.07 -1.27 -24.26
N GLY B 101 -9.96 -1.26 -24.99
CA GLY B 101 -9.37 -0.02 -25.51
C GLY B 101 -9.49 0.05 -27.02
N ASN B 102 -9.95 1.20 -27.51
CA ASN B 102 -10.22 1.38 -28.93
C ASN B 102 -8.96 1.29 -29.77
N THR B 103 -8.06 2.25 -29.61
CA THR B 103 -6.80 2.27 -30.34
C THR B 103 -5.75 1.44 -29.59
N ASP B 104 -4.56 1.35 -30.17
CA ASP B 104 -3.39 0.86 -29.44
C ASP B 104 -2.90 2.02 -28.58
N SER B 105 -2.12 1.73 -27.55
CA SER B 105 -1.65 2.76 -26.62
C SER B 105 -2.80 3.39 -25.83
N GLU B 106 -3.85 2.62 -25.60
CA GLU B 106 -5.07 3.11 -24.96
C GLU B 106 -5.92 1.96 -24.41
N GLY B 107 -6.40 2.11 -23.18
CA GLY B 107 -7.37 1.17 -22.62
C GLY B 107 -7.29 0.96 -21.12
N ILE B 108 -8.03 -0.03 -20.64
CA ILE B 108 -8.03 -0.40 -19.23
C ILE B 108 -6.85 -1.31 -18.95
N VAL B 109 -6.07 -0.97 -17.92
CA VAL B 109 -4.85 -1.71 -17.59
C VAL B 109 -5.16 -3.06 -16.94
N GLU B 110 -4.76 -4.14 -17.61
CA GLU B 110 -4.89 -5.50 -17.07
C GLU B 110 -3.52 -6.12 -16.88
N VAL B 111 -3.20 -6.47 -15.64
CA VAL B 111 -1.91 -7.08 -15.28
C VAL B 111 -2.11 -8.52 -14.83
N LYS B 112 -1.32 -9.43 -15.41
CA LYS B 112 -1.33 -10.85 -15.04
C LYS B 112 0.00 -11.21 -14.38
N LEU B 113 -0.03 -11.34 -13.05
CA LEU B 113 1.20 -11.54 -12.26
C LEU B 113 1.78 -12.95 -12.44
N VAL B 114 3.01 -13.13 -11.98
CA VAL B 114 3.73 -14.40 -12.10
C VAL B 114 3.28 -15.46 -11.08
N ASP B 115 2.44 -15.05 -10.13
CA ASP B 115 1.94 -15.95 -9.08
C ASP B 115 0.43 -15.77 -8.86
N GLN B 116 -0.34 -15.79 -9.95
CA GLN B 116 -1.78 -15.58 -9.90
C GLN B 116 -2.60 -16.50 -10.82
N ASP B 117 -2.15 -16.66 -12.06
CA ASP B 117 -2.90 -17.38 -13.10
C ASP B 117 -4.26 -16.73 -13.34
N LYS B 118 -4.31 -15.41 -13.17
CA LYS B 118 -5.57 -14.67 -13.20
C LYS B 118 -5.33 -13.19 -13.48
N THR B 119 -5.85 -12.72 -14.60
CA THR B 119 -5.68 -11.33 -15.01
C THR B 119 -6.62 -10.43 -14.21
N MET B 120 -6.08 -9.33 -13.68
CA MET B 120 -6.83 -8.40 -12.83
C MET B 120 -6.66 -6.96 -13.28
N PHE B 121 -7.61 -6.12 -12.89
CA PHE B 121 -7.56 -4.68 -13.16
C PHE B 121 -6.71 -3.97 -12.10
N ILE B 122 -6.58 -2.65 -12.24
CA ILE B 122 -5.78 -1.82 -11.33
C ILE B 122 -6.64 -0.67 -10.80
N CYS B 123 -6.44 -0.32 -9.53
CA CYS B 123 -7.28 0.69 -8.86
C CYS B 123 -6.99 2.11 -9.38
N LYS B 124 -8.02 2.73 -9.95
CA LYS B 124 -7.91 4.07 -10.55
C LYS B 124 -7.62 5.15 -9.51
N SER B 125 -8.32 5.08 -8.39
CA SER B 125 -8.19 6.07 -7.30
C SER B 125 -6.75 6.37 -6.94
N SER B 126 -5.90 5.34 -6.92
CA SER B 126 -4.47 5.48 -6.65
C SER B 126 -3.67 5.01 -7.87
N TRP B 127 -3.45 5.92 -8.80
CA TRP B 127 -2.79 5.61 -10.07
C TRP B 127 -2.22 6.90 -10.67
N SER B 128 -0.98 7.21 -10.31
CA SER B 128 -0.33 8.43 -10.75
C SER B 128 0.48 8.20 -12.02
N MET B 129 1.21 9.22 -12.45
CA MET B 129 2.10 9.11 -13.61
C MET B 129 3.26 8.14 -13.35
N ARG B 130 3.65 8.00 -12.07
CA ARG B 130 4.74 7.10 -11.68
C ARG B 130 4.57 5.71 -12.29
N GLU B 131 3.38 5.14 -12.10
CA GLU B 131 3.08 3.77 -12.58
C GLU B 131 2.51 3.77 -14.00
N ALA B 132 2.09 4.93 -14.48
CA ALA B 132 1.57 5.09 -15.84
C ALA B 132 2.69 5.14 -16.87
N ASN B 133 3.76 5.88 -16.55
CA ASN B 133 4.97 5.92 -17.38
C ASN B 133 5.65 4.56 -17.46
N VAL B 134 5.81 3.91 -16.31
CA VAL B 134 6.39 2.56 -16.23
C VAL B 134 5.54 1.53 -16.96
N ALA B 135 4.21 1.70 -16.92
CA ALA B 135 3.29 0.77 -17.59
C ALA B 135 3.45 0.84 -19.10
N CYS B 136 3.50 2.06 -19.63
CA CYS B 136 3.71 2.28 -21.06
C CYS B 136 5.09 1.82 -21.51
N LEU B 137 6.06 1.88 -20.61
CA LEU B 137 7.44 1.50 -20.91
C LEU B 137 7.56 0.00 -21.23
N ASP B 138 6.91 -0.85 -20.42
CA ASP B 138 6.90 -2.29 -20.72
C ASP B 138 5.80 -2.69 -21.71
N LEU B 139 4.98 -1.73 -22.12
CA LEU B 139 4.12 -1.90 -23.30
C LEU B 139 4.86 -1.49 -24.57
N GLY B 140 5.96 -0.77 -24.43
CA GLY B 140 6.85 -0.44 -25.55
C GLY B 140 6.99 1.02 -25.92
N PHE B 141 6.41 1.91 -25.12
CA PHE B 141 6.46 3.35 -25.38
C PHE B 141 7.44 4.02 -24.41
N GLN B 142 8.68 4.21 -24.85
CA GLN B 142 9.75 4.77 -24.00
C GLN B 142 9.50 6.22 -23.60
N GLN B 143 8.67 6.91 -24.36
CA GLN B 143 8.38 8.32 -24.13
C GLN B 143 7.61 8.54 -22.83
N GLY B 144 6.74 7.59 -22.49
CA GLY B 144 5.98 7.62 -21.24
C GLY B 144 4.48 7.55 -21.48
N ALA B 145 3.71 8.04 -20.50
CA ALA B 145 2.25 8.12 -20.63
C ALA B 145 1.82 9.56 -20.90
N ASP B 146 0.59 9.72 -21.41
CA ASP B 146 0.02 11.03 -21.65
C ASP B 146 -0.47 11.63 -20.34
N THR B 147 0.07 12.79 -19.98
CA THR B 147 -0.24 13.44 -18.71
C THR B 147 -1.59 14.17 -18.74
N GLN B 148 -1.95 14.72 -19.90
CA GLN B 148 -3.17 15.51 -20.05
C GLN B 148 -4.15 14.89 -21.07
N ARG B 149 -4.41 13.59 -20.92
CA ARG B 149 -5.40 12.89 -21.73
C ARG B 149 -5.81 11.58 -21.08
N ARG B 150 -7.13 11.31 -21.06
CA ARG B 150 -7.68 10.13 -20.40
C ARG B 150 -8.54 9.30 -21.36
N PHE B 151 -8.72 8.03 -21.02
CA PHE B 151 -9.61 7.13 -21.75
C PHE B 151 -10.93 6.92 -20.99
N LYS B 152 -12.04 6.88 -21.73
CA LYS B 152 -13.35 6.53 -21.16
C LYS B 152 -14.38 6.33 -22.28
N LEU B 153 -14.92 5.12 -22.38
CA LEU B 153 -15.84 4.75 -23.46
C LEU B 153 -17.31 4.84 -23.01
N SER B 154 -17.74 6.07 -22.72
CA SER B 154 -19.15 6.42 -22.51
C SER B 154 -19.92 5.55 -21.50
N ASP B 155 -20.39 4.39 -21.94
CA ASP B 155 -21.28 3.54 -21.14
C ASP B 155 -20.54 2.72 -20.08
N LEU B 156 -19.39 2.16 -20.47
CA LEU B 156 -18.59 1.30 -19.59
C LEU B 156 -19.27 -0.04 -19.30
N SER B 157 -18.52 -0.95 -18.67
CA SER B 157 -19.02 -2.29 -18.32
C SER B 157 -19.15 -2.50 -16.81
N ILE B 158 -18.10 -2.15 -16.09
CA ILE B 158 -18.03 -2.30 -14.62
C ILE B 158 -17.98 -3.81 -14.25
N ASN B 159 -18.44 -4.16 -13.05
CA ASN B 159 -18.40 -5.54 -12.52
C ASN B 159 -16.98 -6.02 -12.22
N SER B 160 -16.89 -7.09 -11.44
CA SER B 160 -15.61 -7.63 -10.95
C SER B 160 -14.83 -6.55 -10.19
N THR B 161 -15.24 -6.31 -8.95
CA THR B 161 -14.67 -5.24 -8.12
C THR B 161 -13.14 -5.33 -8.07
N GLU B 162 -12.63 -6.51 -7.70
CA GLU B 162 -11.19 -6.81 -7.66
C GLU B 162 -10.29 -5.81 -8.41
N CYS B 163 -9.50 -5.03 -7.66
CA CYS B 163 -8.46 -4.21 -8.26
C CYS B 163 -7.16 -4.28 -7.45
N LEU B 164 -6.04 -4.36 -8.17
CA LEU B 164 -4.70 -4.38 -7.58
C LEU B 164 -4.22 -2.96 -7.35
N HIS B 165 -3.54 -2.71 -6.23
CA HIS B 165 -2.95 -1.41 -5.96
C HIS B 165 -1.44 -1.44 -6.20
N VAL B 166 -1.03 -0.84 -7.32
CA VAL B 166 0.37 -0.78 -7.71
C VAL B 166 0.99 0.54 -7.25
N HIS B 167 2.20 0.47 -6.71
CA HIS B 167 2.99 1.68 -6.44
C HIS B 167 4.39 1.54 -7.02
N CYS B 168 4.70 2.42 -7.97
CA CYS B 168 6.03 2.53 -8.56
C CYS B 168 6.65 3.88 -8.14
N ARG B 169 7.97 3.90 -8.04
CA ARG B 169 8.69 5.16 -7.79
C ARG B 169 8.66 6.06 -9.04
N GLY B 170 8.81 5.47 -10.21
CA GLY B 170 8.74 6.20 -11.48
C GLY B 170 9.72 5.72 -12.54
N LEU B 171 10.95 5.47 -12.13
CA LEU B 171 12.03 5.07 -13.06
C LEU B 171 12.15 3.55 -13.31
N GLU B 172 11.17 2.77 -12.87
CA GLU B 172 11.17 1.33 -13.12
C GLU B 172 11.06 1.00 -14.61
N THR B 173 11.86 0.04 -15.08
CA THR B 173 11.85 -0.37 -16.49
C THR B 173 10.67 -1.28 -16.82
N SER B 174 10.19 -2.00 -15.81
CA SER B 174 8.99 -2.85 -15.93
C SER B 174 8.08 -2.67 -14.72
N LEU B 175 6.79 -2.95 -14.90
CA LEU B 175 5.84 -2.91 -13.77
C LEU B 175 6.13 -4.04 -12.78
N ALA B 176 6.72 -5.12 -13.27
CA ALA B 176 7.13 -6.24 -12.43
C ALA B 176 8.09 -5.82 -11.31
N GLU B 177 8.76 -4.70 -11.50
CA GLU B 177 9.63 -4.12 -10.45
C GLU B 177 8.83 -3.46 -9.31
N CYS B 178 7.55 -3.20 -9.52
CA CYS B 178 6.76 -2.41 -8.57
C CYS B 178 6.05 -3.28 -7.53
N THR B 179 5.66 -2.65 -6.42
CA THR B 179 4.99 -3.34 -5.33
C THR B 179 3.47 -3.43 -5.54
N PHE B 180 2.95 -4.65 -5.53
CA PHE B 180 1.52 -4.91 -5.74
C PHE B 180 0.83 -5.25 -4.43
N THR B 181 -0.48 -4.98 -4.35
CA THR B 181 -1.28 -5.35 -3.19
C THR B 181 -2.74 -5.61 -3.58
N LYS B 182 -3.53 -6.07 -2.62
CA LYS B 182 -4.96 -6.25 -2.80
C LYS B 182 -5.69 -5.19 -1.99
N ARG B 183 -6.36 -4.27 -2.69
CA ARG B 183 -7.16 -3.22 -2.04
C ARG B 183 -8.63 -3.62 -1.99
N ARG B 184 -9.07 -4.30 -3.04
CA ARG B 184 -10.43 -4.87 -3.13
C ARG B 184 -11.56 -3.82 -3.25
N THR B 185 -11.19 -2.64 -3.75
CA THR B 185 -12.06 -1.84 -4.64
C THR B 185 -12.80 -0.62 -4.07
N MET B 186 -14.12 -0.62 -4.23
CA MET B 186 -14.92 0.55 -4.64
C MET B 186 -16.06 -0.10 -5.45
N GLY B 187 -16.95 0.60 -6.15
CA GLY B 187 -16.99 2.06 -6.37
C GLY B 187 -17.40 2.43 -7.81
N TYR B 188 -18.09 1.52 -8.49
CA TYR B 188 -18.64 1.71 -9.85
C TYR B 188 -17.61 1.76 -11.00
N GLN B 189 -16.33 1.86 -10.66
CA GLN B 189 -15.25 1.62 -11.62
C GLN B 189 -14.00 1.20 -10.85
N ASP B 190 -13.22 2.20 -10.42
CA ASP B 190 -11.92 1.96 -9.78
C ASP B 190 -11.07 1.02 -10.64
N PHE B 191 -11.05 1.28 -11.95
CA PHE B 191 -10.22 0.54 -12.90
C PHE B 191 -9.38 1.54 -13.68
N ALA B 192 -8.07 1.35 -13.69
CA ALA B 192 -7.13 2.29 -14.31
C ALA B 192 -7.36 2.40 -15.82
N ASP B 193 -7.17 3.60 -16.35
CA ASP B 193 -7.36 3.85 -17.79
C ASP B 193 -6.27 4.79 -18.32
N VAL B 194 -5.16 4.19 -18.76
CA VAL B 194 -4.03 4.93 -19.30
C VAL B 194 -4.15 5.02 -20.81
N VAL B 195 -3.62 6.10 -21.39
CA VAL B 195 -3.45 6.23 -22.82
C VAL B 195 -2.04 6.75 -23.10
N CYS B 196 -1.18 5.87 -23.62
CA CYS B 196 0.25 6.16 -23.74
C CYS B 196 0.56 7.23 -24.77
N TYR B 197 1.61 8.00 -24.50
CA TYR B 197 2.06 9.07 -25.41
C TYR B 197 2.90 8.47 -26.52
N THR B 198 2.42 8.61 -27.75
CA THR B 198 3.09 8.04 -28.92
C THR B 198 3.91 9.11 -29.65
N PHE B 208 4.34 25.04 -24.83
CA PHE B 208 4.30 23.68 -24.31
C PHE B 208 5.65 23.27 -23.75
N PHE B 209 5.66 22.74 -22.52
CA PHE B 209 6.89 22.25 -21.89
C PHE B 209 7.30 20.91 -22.50
N GLN B 210 8.41 20.93 -23.24
CA GLN B 210 8.92 19.72 -23.87
C GLN B 210 9.82 18.96 -22.89
N CYS B 211 9.60 17.65 -22.80
CA CYS B 211 10.47 16.78 -22.00
C CYS B 211 11.71 16.41 -22.81
N VAL B 212 12.72 15.90 -22.13
CA VAL B 212 13.99 15.55 -22.78
C VAL B 212 13.84 14.38 -23.76
N ASN B 213 12.83 13.53 -23.53
CA ASN B 213 12.52 12.41 -24.43
C ASN B 213 11.68 12.81 -25.65
N GLY B 214 11.24 14.07 -25.70
CA GLY B 214 10.47 14.60 -26.83
C GLY B 214 8.97 14.60 -26.60
N LYS B 215 8.56 14.70 -25.34
CA LYS B 215 7.14 14.69 -24.97
C LYS B 215 6.70 16.11 -24.59
N TYR B 216 5.63 16.59 -25.23
CA TYR B 216 5.11 17.95 -24.98
C TYR B 216 4.00 17.94 -23.93
N ILE B 217 4.38 17.89 -22.66
CA ILE B 217 3.41 17.96 -21.56
C ILE B 217 2.97 19.41 -21.34
N SER B 218 1.98 19.61 -20.49
CA SER B 218 1.52 20.95 -20.12
C SER B 218 2.56 21.65 -19.26
N GLN B 219 2.75 22.94 -19.50
CA GLN B 219 3.67 23.76 -18.70
C GLN B 219 3.24 23.83 -17.23
N MET B 220 1.93 23.66 -16.99
CA MET B 220 1.38 23.67 -15.63
C MET B 220 1.83 22.46 -14.79
N LYS B 221 2.18 21.37 -15.45
CA LYS B 221 2.64 20.16 -14.76
C LYS B 221 4.07 20.28 -14.20
N ALA B 222 4.86 21.20 -14.76
CA ALA B 222 6.27 21.35 -14.40
C ALA B 222 6.50 21.79 -12.96
N CYS B 223 7.60 21.31 -12.37
CA CYS B 223 8.00 21.65 -10.99
C CYS B 223 6.98 21.31 -9.91
N ASP B 224 6.16 20.28 -10.13
CA ASP B 224 5.17 19.86 -9.14
C ASP B 224 5.62 18.67 -8.28
N GLY B 225 6.87 18.25 -8.45
CA GLY B 225 7.42 17.12 -7.69
C GLY B 225 6.92 15.76 -8.16
N ILE B 226 6.52 15.69 -9.42
CA ILE B 226 6.01 14.47 -10.02
C ILE B 226 6.71 14.26 -11.37
N ASN B 227 7.26 13.06 -11.55
CA ASN B 227 7.92 12.70 -12.80
C ASN B 227 6.89 12.45 -13.91
N ASP B 228 6.39 13.54 -14.50
CA ASP B 228 5.42 13.45 -15.60
C ASP B 228 6.06 12.97 -16.90
N CYS B 229 7.30 13.38 -17.12
CA CYS B 229 8.03 13.03 -18.35
C CYS B 229 8.38 11.54 -18.41
N GLY B 230 8.93 11.03 -17.31
CA GLY B 230 9.42 9.65 -17.23
C GLY B 230 10.92 9.57 -16.96
N ASP B 231 11.60 10.71 -17.11
CA ASP B 231 13.05 10.78 -16.92
C ASP B 231 13.48 12.02 -16.11
N GLN B 232 12.56 12.59 -15.35
CA GLN B 232 12.81 13.74 -14.48
C GLN B 232 13.21 15.03 -15.23
N SER B 233 12.78 15.18 -16.48
CA SER B 233 13.05 16.42 -17.23
C SER B 233 12.33 17.61 -16.60
N ASP B 234 11.08 17.39 -16.22
CA ASP B 234 10.21 18.46 -15.73
C ASP B 234 10.40 18.86 -14.27
N GLU B 235 11.34 18.22 -13.58
CA GLU B 235 11.53 18.46 -12.14
C GLU B 235 12.95 18.82 -11.74
N LEU B 236 13.86 18.91 -12.71
CA LEU B 236 15.29 19.15 -12.43
C LEU B 236 15.76 20.55 -12.87
N CYS B 237 14.84 21.51 -12.86
CA CYS B 237 15.15 22.89 -13.21
C CYS B 237 14.09 23.84 -12.68
N CYS B 238 14.12 24.08 -11.37
CA CYS B 238 13.09 24.84 -10.69
C CYS B 238 13.67 25.73 -9.59
N LYS B 239 13.37 27.02 -9.66
CA LYS B 239 13.69 27.96 -8.58
C LYS B 239 12.63 27.88 -7.48
N ALA B 240 11.47 27.33 -7.82
CA ALA B 240 10.39 27.10 -6.85
C ALA B 240 9.43 26.03 -7.40
N CYS B 241 8.74 25.34 -6.51
CA CYS B 241 7.84 24.25 -6.90
C CYS B 241 6.38 24.73 -7.01
N GLN B 242 5.57 23.93 -7.70
CA GLN B 242 4.19 24.31 -8.04
C GLN B 242 3.17 23.79 -7.01
N GLY B 243 2.88 22.49 -7.06
CA GLY B 243 1.82 21.90 -6.24
C GLY B 243 2.33 21.51 -4.87
N LYS B 244 2.44 20.21 -4.64
CA LYS B 244 2.91 19.67 -3.36
C LYS B 244 4.37 19.21 -3.50
N GLY B 245 5.21 20.10 -4.03
CA GLY B 245 6.61 19.78 -4.33
C GLY B 245 7.58 20.47 -3.38
N PHE B 246 8.58 19.72 -2.94
CA PHE B 246 9.63 20.24 -2.06
C PHE B 246 10.84 20.71 -2.87
N HIS B 247 11.18 21.99 -2.73
CA HIS B 247 12.28 22.60 -3.49
C HIS B 247 13.61 22.50 -2.75
N CYS B 248 14.52 21.67 -3.27
CA CYS B 248 15.86 21.54 -2.69
C CYS B 248 16.73 22.70 -3.16
N LYS B 249 17.84 22.92 -2.47
CA LYS B 249 18.77 24.01 -2.80
C LYS B 249 19.53 23.80 -4.12
N SER B 250 19.43 22.60 -4.69
CA SER B 250 20.05 22.30 -5.98
C SER B 250 19.13 22.59 -7.17
N GLY B 251 17.97 23.20 -6.92
CA GLY B 251 17.02 23.54 -7.98
C GLY B 251 16.25 22.34 -8.49
N VAL B 252 15.73 21.55 -7.56
CA VAL B 252 15.05 20.30 -7.88
C VAL B 252 13.77 20.14 -7.05
N CYS B 253 12.67 19.84 -7.72
CA CYS B 253 11.39 19.55 -7.04
C CYS B 253 11.19 18.04 -6.94
N ILE B 254 10.79 17.57 -5.76
CA ILE B 254 10.57 16.15 -5.51
C ILE B 254 9.29 15.97 -4.68
N PRO B 255 8.74 14.75 -4.62
CA PRO B 255 7.56 14.50 -3.79
C PRO B 255 7.77 14.91 -2.33
N SER B 256 6.73 15.48 -1.72
CA SER B 256 6.82 15.97 -0.34
C SER B 256 7.00 14.85 0.68
N GLN B 257 6.37 13.70 0.43
CA GLN B 257 6.47 12.55 1.36
C GLN B 257 7.90 11.98 1.42
N TYR B 258 8.68 12.20 0.36
CA TYR B 258 10.09 11.79 0.34
C TYR B 258 10.95 12.52 1.39
N GLN B 259 10.42 13.61 1.96
CA GLN B 259 11.03 14.23 3.13
C GLN B 259 11.05 13.24 4.29
N CYS B 260 12.15 13.23 5.03
CA CYS B 260 12.35 12.29 6.15
C CYS B 260 11.85 10.90 5.82
N ASN B 261 12.40 10.29 4.77
CA ASN B 261 12.05 8.90 4.42
C ASN B 261 13.25 7.93 4.46
N GLY B 262 14.38 8.41 4.98
CA GLY B 262 15.59 7.58 5.11
C GLY B 262 16.59 7.79 4.00
N GLU B 263 16.10 7.73 2.75
CA GLU B 263 16.95 7.97 1.58
C GLU B 263 17.10 9.47 1.32
N VAL B 264 18.31 9.87 0.93
CA VAL B 264 18.60 11.24 0.53
C VAL B 264 18.30 11.41 -0.95
N ASP B 265 17.47 12.40 -1.30
CA ASP B 265 17.09 12.66 -2.69
C ASP B 265 17.72 13.93 -3.26
N CYS B 266 17.77 14.99 -2.46
CA CYS B 266 18.44 16.23 -2.87
C CYS B 266 19.95 16.03 -2.76
N ILE B 267 20.69 16.43 -3.79
CA ILE B 267 22.17 16.40 -3.76
C ILE B 267 22.74 17.31 -2.67
N THR B 268 21.94 18.27 -2.20
CA THR B 268 22.29 19.10 -1.04
C THR B 268 22.01 18.37 0.28
N GLY B 269 21.01 17.50 0.27
CA GLY B 269 20.74 16.57 1.39
C GLY B 269 19.93 17.14 2.55
N GLU B 270 19.17 18.20 2.30
CA GLU B 270 18.45 18.91 3.36
C GLU B 270 17.01 18.42 3.52
N ASP B 271 16.61 17.40 2.75
CA ASP B 271 15.31 16.75 2.95
C ASP B 271 15.40 15.65 4.02
N GLU B 272 16.61 15.36 4.49
CA GLU B 272 16.83 14.46 5.63
C GLU B 272 17.52 15.18 6.79
N VAL B 273 17.42 16.50 6.84
CA VAL B 273 17.98 17.26 7.96
C VAL B 273 16.88 17.61 8.95
N GLY B 274 17.13 17.28 10.22
CA GLY B 274 16.11 17.38 11.26
C GLY B 274 14.95 16.45 10.98
N CYS B 275 15.14 15.16 11.26
CA CYS B 275 14.08 14.15 11.13
C CYS B 275 14.01 13.24 12.35
N LEU B 289 1.69 -8.79 -2.90
CA LEU B 289 2.17 -10.07 -3.43
C LEU B 289 3.65 -10.01 -3.75
N THR B 290 4.02 -9.04 -4.59
CA THR B 290 5.40 -8.82 -4.99
C THR B 290 6.23 -8.26 -3.83
N ALA B 291 7.55 -8.31 -3.98
CA ALA B 291 8.47 -8.05 -2.87
C ALA B 291 8.75 -6.58 -2.56
N ASP B 292 8.31 -5.67 -3.43
CA ASP B 292 8.73 -4.27 -3.39
C ASP B 292 10.24 -4.17 -3.61
N MET B 293 10.64 -4.09 -4.87
CA MET B 293 12.05 -3.94 -5.23
C MET B 293 12.56 -2.52 -4.94
N ASP B 294 11.64 -1.55 -4.87
CA ASP B 294 11.98 -0.19 -4.45
C ASP B 294 12.60 -0.16 -3.05
N ALA B 295 12.16 -1.08 -2.19
CA ALA B 295 12.76 -1.23 -0.87
C ALA B 295 14.17 -1.80 -0.98
N GLU B 296 14.36 -2.77 -1.88
CA GLU B 296 15.66 -3.42 -2.06
C GLU B 296 16.74 -2.51 -2.65
N ARG B 297 16.39 -1.65 -3.59
CA ARG B 297 17.35 -0.69 -4.14
C ARG B 297 17.87 0.30 -3.08
N ARG B 298 17.05 0.58 -2.06
CA ARG B 298 17.49 1.42 -0.94
C ARG B 298 18.48 0.69 -0.04
N ARG B 299 18.27 -0.62 0.13
CA ARG B 299 19.22 -1.45 0.88
C ARG B 299 20.61 -1.40 0.25
N ILE B 300 20.65 -1.38 -1.08
CA ILE B 300 21.92 -1.39 -1.82
C ILE B 300 22.71 -0.10 -1.62
N LYS B 301 22.00 1.02 -1.50
CA LYS B 301 22.62 2.32 -1.20
C LYS B 301 23.36 2.32 0.14
N SER B 302 22.75 1.72 1.16
CA SER B 302 23.38 1.66 2.48
C SER B 302 24.69 0.87 2.44
N LEU B 303 24.75 -0.12 1.56
CA LEU B 303 25.97 -0.92 1.38
C LEU B 303 27.07 -0.19 0.61
N LEU B 304 26.67 0.80 -0.20
CA LEU B 304 27.63 1.65 -0.91
C LEU B 304 28.54 2.35 0.09
N PRO B 305 29.87 2.30 -0.14
CA PRO B 305 30.78 2.99 0.79
C PRO B 305 30.65 4.52 0.72
N LYS B 306 30.65 5.15 1.88
CA LYS B 306 30.56 6.60 1.99
C LYS B 306 31.93 7.24 1.74
N LEU B 307 31.94 8.52 1.42
CA LEU B 307 33.18 9.28 1.27
C LEU B 307 33.83 9.50 2.63
N SER B 308 35.16 9.55 2.65
CA SER B 308 35.93 9.70 3.90
C SER B 308 36.30 11.16 4.16
N CYS B 309 35.30 12.02 4.24
CA CYS B 309 35.51 13.46 4.45
C CYS B 309 34.40 14.08 5.28
N ILE B 322 42.19 40.41 12.21
CA ILE B 322 40.80 40.29 11.80
C ILE B 322 40.28 38.88 12.06
N VAL B 323 39.37 38.76 13.04
CA VAL B 323 38.83 37.46 13.48
C VAL B 323 39.98 36.59 14.05
N GLY B 324 39.71 35.31 14.33
CA GLY B 324 40.73 34.43 14.87
C GLY B 324 40.34 32.96 14.97
N GLY B 325 41.34 32.13 15.22
CA GLY B 325 41.17 30.69 15.39
C GLY B 325 42.29 30.10 16.24
N LYS B 326 42.33 28.78 16.40
CA LYS B 326 41.36 27.85 15.83
C LYS B 326 40.36 27.41 16.91
N ARG B 327 40.48 26.17 17.40
CA ARG B 327 39.63 25.65 18.47
C ARG B 327 40.40 24.68 19.37
N ALA B 328 40.93 23.62 18.76
CA ALA B 328 41.64 22.54 19.46
C ALA B 328 40.72 21.34 19.67
N GLN B 329 41.32 20.16 19.82
CA GLN B 329 40.60 18.88 19.95
C GLN B 329 39.76 18.56 18.69
N LEU B 330 38.62 19.23 18.54
CA LEU B 330 37.76 19.08 17.37
C LEU B 330 37.71 20.41 16.63
N GLY B 331 38.31 20.46 15.44
CA GLY B 331 38.45 21.72 14.70
C GLY B 331 39.59 22.54 15.27
N ASP B 332 39.76 23.78 14.82
CA ASP B 332 38.98 24.41 13.76
C ASP B 332 39.84 24.51 12.51
N LEU B 333 39.21 24.40 11.35
CA LEU B 333 39.91 24.41 10.07
C LEU B 333 41.12 23.47 10.07
N PRO B 334 40.89 22.15 10.32
CA PRO B 334 42.01 21.20 10.29
C PRO B 334 42.54 20.94 8.87
N TRP B 335 41.69 21.15 7.87
CA TRP B 335 42.09 21.02 6.45
C TRP B 335 43.02 22.15 5.99
N GLN B 336 43.04 23.26 6.73
CA GLN B 336 43.82 24.45 6.38
C GLN B 336 45.30 24.13 6.16
N VAL B 337 45.85 24.58 5.04
CA VAL B 337 47.23 24.30 4.66
C VAL B 337 47.99 25.59 4.32
N ALA B 338 49.21 25.71 4.83
CA ALA B 338 50.05 26.88 4.60
C ALA B 338 51.26 26.51 3.75
N ILE B 339 51.28 26.99 2.51
CA ILE B 339 52.39 26.74 1.59
C ILE B 339 53.29 27.96 1.56
N LYS B 340 54.54 27.80 2.02
CA LYS B 340 55.50 28.91 2.10
C LYS B 340 56.68 28.73 1.14
N ASP B 341 57.47 29.79 1.03
CA ASP B 341 58.57 29.85 0.05
C ASP B 341 59.87 30.36 0.72
N ALA B 342 60.97 30.29 -0.02
CA ALA B 342 62.25 30.87 0.44
C ALA B 342 62.09 32.38 0.61
N SER B 343 61.85 33.07 -0.50
CA SER B 343 61.31 34.42 -0.46
C SER B 343 60.01 34.31 0.31
N GLY B 344 59.92 34.99 1.44
CA GLY B 344 58.78 34.85 2.35
C GLY B 344 57.43 35.26 1.77
N ILE B 345 57.13 34.74 0.59
CA ILE B 345 55.78 34.82 0.03
C ILE B 345 55.05 33.61 0.56
N THR B 346 53.73 33.61 0.46
CA THR B 346 52.93 32.52 1.01
C THR B 346 51.58 32.43 0.33
N CYS B 347 51.21 31.22 -0.07
CA CYS B 347 49.90 30.97 -0.68
C CYS B 347 49.08 30.05 0.22
N GLY B 348 47.80 30.36 0.37
CA GLY B 348 46.87 29.52 1.12
C GLY B 348 46.48 28.28 0.33
N GLY B 349 46.21 27.18 1.05
CA GLY B 349 45.83 25.91 0.42
C GLY B 349 44.80 25.16 1.22
N ILE B 350 44.37 24.01 0.70
CA ILE B 350 43.36 23.18 1.35
C ILE B 350 43.59 21.69 1.06
N TYR B 351 43.82 20.92 2.12
CA TYR B 351 43.97 19.47 2.02
C TYR B 351 42.66 18.84 1.56
N ILE B 352 42.73 18.00 0.52
CA ILE B 352 41.54 17.39 -0.09
C ILE B 352 41.44 15.87 0.05
N GLY B 353 42.44 15.25 0.67
CA GLY B 353 42.47 13.80 0.85
C GLY B 353 43.75 13.18 0.32
N GLY B 354 44.19 12.11 0.98
CA GLY B 354 45.40 11.40 0.57
C GLY B 354 46.65 12.22 0.82
N CYS B 355 47.37 12.52 -0.26
CA CYS B 355 48.59 13.35 -0.19
C CYS B 355 48.48 14.57 -1.09
N TRP B 356 47.23 15.00 -1.35
CA TRP B 356 46.95 16.09 -2.28
C TRP B 356 46.54 17.37 -1.57
N ILE B 357 46.97 18.50 -2.11
CA ILE B 357 46.60 19.81 -1.59
C ILE B 357 46.08 20.68 -2.73
N LEU B 358 44.84 21.14 -2.60
CA LEU B 358 44.23 22.02 -3.61
C LEU B 358 44.69 23.46 -3.41
N THR B 359 44.90 24.16 -4.52
CA THR B 359 45.41 25.53 -4.50
C THR B 359 45.09 26.28 -5.79
N ALA B 360 45.46 27.56 -5.82
CA ALA B 360 45.32 28.39 -7.02
C ALA B 360 46.63 28.36 -7.82
N ALA B 361 46.52 28.60 -9.13
CA ALA B 361 47.67 28.55 -10.02
C ALA B 361 48.58 29.78 -9.89
N HIS B 362 47.97 30.96 -9.83
CA HIS B 362 48.72 32.23 -9.88
C HIS B 362 49.65 32.47 -8.68
N CYS B 363 49.31 31.91 -7.53
CA CYS B 363 50.06 32.15 -6.29
C CYS B 363 51.32 31.30 -6.19
N LEU B 364 51.49 30.35 -7.10
CA LEU B 364 52.63 29.44 -7.11
C LEU B 364 53.65 29.87 -8.16
N ARG B 365 53.17 30.04 -9.40
CA ARG B 365 54.02 30.44 -10.53
C ARG B 365 54.80 31.74 -10.30
N ALA B 366 54.20 32.67 -9.56
CA ALA B 366 54.83 33.96 -9.25
C ALA B 366 55.90 33.76 -8.16
N SER B 367 57.06 33.30 -8.57
CA SER B 367 58.17 33.01 -7.65
C SER B 367 59.50 32.89 -8.37
N LYS B 368 60.57 32.81 -7.58
CA LYS B 368 61.94 32.67 -8.09
C LYS B 368 62.48 31.25 -7.89
N THR B 369 62.33 30.73 -6.68
CA THR B 369 62.97 29.48 -6.28
C THR B 369 62.30 28.21 -6.84
N HIS B 370 60.97 28.21 -6.86
CA HIS B 370 60.17 27.03 -7.24
C HIS B 370 60.39 25.88 -6.25
N ARG B 371 60.55 26.21 -4.97
CA ARG B 371 60.84 25.23 -3.93
C ARG B 371 60.00 25.55 -2.69
N TYR B 372 58.95 24.78 -2.48
CA TYR B 372 57.93 25.12 -1.46
C TYR B 372 58.01 24.26 -0.21
N GLN B 373 57.25 24.68 0.81
CA GLN B 373 57.24 24.02 2.12
C GLN B 373 55.80 24.09 2.67
N ILE B 374 55.22 22.93 2.95
CA ILE B 374 53.81 22.86 3.37
C ILE B 374 53.66 22.82 4.89
N TRP B 375 53.35 23.97 5.47
CA TRP B 375 53.16 24.12 6.91
C TRP B 375 51.74 23.69 7.27
N THR B 376 51.63 22.64 8.09
CA THR B 376 50.34 22.12 8.53
C THR B 376 50.43 21.61 9.97
N ARG B 388 51.77 22.32 17.54
CA ARG B 388 52.11 21.21 16.65
C ARG B 388 52.03 21.64 15.19
N ILE B 389 53.20 21.78 14.57
CA ILE B 389 53.31 22.13 13.15
C ILE B 389 54.25 21.16 12.47
N VAL B 390 53.73 20.42 11.50
CA VAL B 390 54.54 19.46 10.72
C VAL B 390 55.07 20.12 9.45
N ILE B 391 56.06 19.46 8.83
CA ILE B 391 56.68 19.96 7.61
C ILE B 391 56.65 18.89 6.51
N GLU B 392 55.56 18.88 5.74
CA GLU B 392 55.49 18.05 4.54
C GLU B 392 56.03 18.84 3.35
N TYR B 393 56.69 18.15 2.42
CA TYR B 393 57.29 18.80 1.26
C TYR B 393 56.59 18.40 -0.03
N VAL B 394 56.82 19.17 -1.09
CA VAL B 394 56.09 19.02 -2.35
C VAL B 394 56.82 18.11 -3.35
N ASP B 395 56.09 17.14 -3.88
CA ASP B 395 56.64 16.16 -4.83
C ASP B 395 56.46 16.62 -6.28
N ARG B 396 55.23 17.03 -6.59
CA ARG B 396 54.88 17.51 -7.94
C ARG B 396 53.89 18.66 -7.84
N ILE B 397 53.81 19.47 -8.89
CA ILE B 397 52.87 20.59 -8.95
C ILE B 397 52.20 20.65 -10.32
N ILE B 398 50.95 20.16 -10.37
CA ILE B 398 50.19 20.13 -11.62
C ILE B 398 49.32 21.39 -11.77
N PHE B 399 49.46 22.07 -12.90
CA PHE B 399 48.69 23.27 -13.21
C PHE B 399 47.70 22.95 -14.31
N HIS B 400 46.61 23.71 -14.38
CA HIS B 400 45.57 23.47 -15.38
C HIS B 400 46.05 23.94 -16.76
N GLU B 401 45.90 23.06 -17.74
CA GLU B 401 46.40 23.29 -19.11
C GLU B 401 45.78 24.51 -19.79
N ASN B 402 44.52 24.79 -19.44
CA ASN B 402 43.79 25.93 -19.99
C ASN B 402 43.94 27.21 -19.15
N TYR B 403 44.89 27.22 -18.22
CA TYR B 403 45.10 28.42 -17.39
C TYR B 403 45.49 29.61 -18.25
N ASN B 404 44.80 30.72 -18.04
CA ASN B 404 45.00 31.94 -18.81
C ASN B 404 45.11 33.13 -17.87
N ALA B 405 46.31 33.70 -17.79
CA ALA B 405 46.61 34.80 -16.87
C ALA B 405 45.89 36.11 -17.19
N GLY B 406 45.42 36.26 -18.42
CA GLY B 406 44.71 37.47 -18.82
C GLY B 406 43.30 37.52 -18.27
N THR B 407 42.64 36.37 -18.34
CA THR B 407 41.27 36.22 -17.88
C THR B 407 41.15 35.41 -16.58
N TYR B 408 42.28 34.88 -16.09
CA TYR B 408 42.31 34.02 -14.89
C TYR B 408 41.40 32.77 -14.93
N GLN B 409 40.92 32.40 -16.13
CA GLN B 409 40.09 31.20 -16.30
C GLN B 409 40.91 29.96 -15.96
N ASN B 410 40.26 28.98 -15.32
CA ASN B 410 40.93 27.73 -14.95
C ASN B 410 42.15 27.95 -14.05
N ASP B 411 42.06 28.96 -13.20
CA ASP B 411 43.08 29.24 -12.18
C ASP B 411 42.99 28.20 -11.07
N ILE B 412 43.45 26.99 -11.36
CA ILE B 412 43.46 25.94 -10.34
C ILE B 412 44.73 25.11 -10.46
N ALA B 413 45.19 24.60 -9.33
CA ALA B 413 46.43 23.81 -9.29
C ALA B 413 46.45 22.88 -8.09
N LEU B 414 46.72 21.60 -8.36
CA LEU B 414 46.92 20.59 -7.33
C LEU B 414 48.38 20.57 -6.92
N ILE B 415 48.63 20.37 -5.63
CA ILE B 415 49.96 20.15 -5.10
C ILE B 415 50.01 18.70 -4.61
N GLU B 416 51.06 17.97 -4.99
CA GLU B 416 51.24 16.59 -4.52
C GLU B 416 52.33 16.55 -3.44
N MET B 417 51.98 16.07 -2.26
CA MET B 417 52.89 16.02 -1.13
C MET B 417 53.84 14.83 -1.24
N LYS B 418 54.92 14.87 -0.46
CA LYS B 418 55.91 13.79 -0.43
C LYS B 418 55.50 12.72 0.58
N CYS B 426 51.89 9.26 1.93
CA CYS B 426 52.40 10.09 3.02
C CYS B 426 51.43 10.11 4.21
N GLU B 427 51.99 10.29 5.40
CA GLU B 427 51.23 10.22 6.64
C GLU B 427 50.93 11.61 7.20
N LEU B 428 49.66 12.01 7.13
CA LEU B 428 49.20 13.29 7.67
C LEU B 428 48.69 13.08 9.11
N PRO B 429 49.30 13.78 10.09
CA PRO B 429 48.89 13.65 11.48
C PRO B 429 47.74 14.58 11.89
N ARG B 430 46.59 13.99 12.20
CA ARG B 430 45.41 14.71 12.71
C ARG B 430 44.96 15.86 11.81
N SER B 431 44.24 15.52 10.74
CA SER B 431 43.74 16.51 9.80
C SER B 431 42.65 15.90 8.91
N ILE B 432 41.48 16.54 8.87
CA ILE B 432 40.39 16.11 8.02
C ILE B 432 40.57 16.69 6.61
N PRO B 433 40.25 15.91 5.58
CA PRO B 433 40.21 16.45 4.21
C PRO B 433 38.84 17.03 3.88
N ALA B 434 38.82 18.13 3.14
CA ALA B 434 37.58 18.77 2.73
C ALA B 434 37.01 18.08 1.50
N CYS B 435 35.71 17.78 1.54
CA CYS B 435 35.05 17.13 0.40
C CYS B 435 35.14 18.01 -0.84
N VAL B 436 35.26 17.38 -2.01
CA VAL B 436 35.34 18.10 -3.28
C VAL B 436 34.00 17.99 -3.99
N PRO B 437 33.40 19.13 -4.38
CA PRO B 437 32.06 19.13 -4.98
C PRO B 437 32.04 18.58 -6.39
N TRP B 438 31.01 17.79 -6.69
CA TRP B 438 30.87 17.10 -7.97
C TRP B 438 29.76 17.70 -8.82
N SER B 439 29.18 18.79 -8.34
CA SER B 439 28.09 19.46 -9.03
C SER B 439 28.17 20.96 -8.77
N PRO B 440 27.82 21.78 -9.78
CA PRO B 440 27.78 23.23 -9.59
C PRO B 440 26.57 23.69 -8.77
N TYR B 441 25.54 22.84 -8.69
CA TYR B 441 24.30 23.18 -7.99
C TYR B 441 24.28 22.77 -6.52
N LEU B 442 25.41 22.32 -5.97
CA LEU B 442 25.49 21.99 -4.55
C LEU B 442 25.20 23.23 -3.70
N PHE B 443 25.78 24.37 -4.07
CA PHE B 443 25.52 25.63 -3.38
C PHE B 443 25.03 26.71 -4.35
N GLN B 444 24.33 27.70 -3.80
CA GLN B 444 23.68 28.74 -4.58
C GLN B 444 23.86 30.11 -3.92
N PRO B 445 23.48 31.19 -4.62
CA PRO B 445 23.40 32.53 -4.05
C PRO B 445 22.79 32.59 -2.65
N ASN B 446 23.29 33.54 -1.86
CA ASN B 446 22.85 33.81 -0.48
C ASN B 446 23.32 32.77 0.57
N ASP B 447 23.74 31.58 0.12
CA ASP B 447 24.32 30.57 1.01
C ASP B 447 25.62 31.08 1.62
N THR B 448 25.82 30.80 2.91
CA THR B 448 26.95 31.35 3.66
C THR B 448 28.17 30.44 3.57
N CYS B 449 29.34 31.05 3.33
CA CYS B 449 30.60 30.32 3.16
C CYS B 449 31.72 30.98 3.94
N ILE B 450 32.82 30.26 4.11
CA ILE B 450 33.95 30.70 4.91
C ILE B 450 35.23 30.80 4.07
N VAL B 451 35.88 31.96 4.13
CA VAL B 451 37.14 32.21 3.42
C VAL B 451 38.29 32.28 4.41
N SER B 452 39.40 31.61 4.09
CA SER B 452 40.56 31.57 4.98
C SER B 452 41.86 31.71 4.19
N GLY B 453 42.70 32.66 4.60
CA GLY B 453 43.98 32.88 3.94
C GLY B 453 44.78 34.03 4.53
N TRP B 454 46.09 33.85 4.66
CA TRP B 454 46.98 34.87 5.20
C TRP B 454 48.29 34.92 4.42
N LEU B 466 47.35 34.54 10.14
CA LEU B 466 46.50 33.62 10.88
C LEU B 466 45.11 34.22 11.08
N GLN B 467 44.22 33.96 10.13
CA GLN B 467 42.84 34.47 10.20
C GLN B 467 41.89 33.76 9.24
N TRP B 468 40.59 33.90 9.52
CA TRP B 468 39.52 33.38 8.66
C TRP B 468 38.26 34.21 8.85
N GLY B 469 37.50 34.40 7.77
CA GLY B 469 36.31 35.24 7.80
C GLY B 469 35.08 34.59 7.22
N GLU B 470 33.96 35.32 7.27
CA GLU B 470 32.71 34.87 6.67
C GLU B 470 32.35 35.72 5.45
N VAL B 471 31.46 35.19 4.64
CA VAL B 471 31.14 35.76 3.33
C VAL B 471 29.87 35.08 2.80
N LYS B 472 29.20 35.73 1.86
CA LYS B 472 27.97 35.20 1.26
C LYS B 472 28.09 35.08 -0.25
N LEU B 473 27.73 33.91 -0.77
CA LEU B 473 27.68 33.71 -2.22
C LEU B 473 26.63 34.65 -2.80
N ILE B 474 26.91 35.20 -3.97
CA ILE B 474 26.06 36.24 -4.56
C ILE B 474 25.40 35.79 -5.86
N SER B 475 24.39 36.54 -6.28
CA SER B 475 23.66 36.26 -7.51
C SER B 475 24.08 37.27 -8.59
N ASN B 476 24.39 36.75 -9.78
CA ASN B 476 24.72 37.58 -10.94
C ASN B 476 25.90 38.52 -10.67
N CYS B 477 27.11 37.96 -10.66
CA CYS B 477 28.33 38.73 -10.40
C CYS B 477 28.72 39.61 -11.60
N SER B 478 28.27 39.24 -12.79
CA SER B 478 28.48 40.04 -14.00
C SER B 478 27.99 41.49 -13.86
N LYS B 479 27.13 41.74 -12.88
CA LYS B 479 26.70 43.09 -12.54
C LYS B 479 27.87 43.94 -12.03
N PHE B 480 28.80 43.29 -11.33
CA PHE B 480 29.97 43.96 -10.75
C PHE B 480 31.17 44.03 -11.70
N TYR B 481 31.19 43.21 -12.74
CA TYR B 481 32.38 43.09 -13.61
C TYR B 481 32.05 42.95 -15.10
N GLY B 482 31.11 42.06 -15.42
CA GLY B 482 30.70 41.81 -16.79
C GLY B 482 31.42 40.61 -17.39
N ASN B 483 32.05 40.83 -18.54
CA ASN B 483 32.78 39.77 -19.26
C ASN B 483 34.08 39.36 -18.53
N ARG B 484 34.46 40.12 -17.50
CA ARG B 484 35.53 39.74 -16.57
C ARG B 484 35.19 38.48 -15.76
N PHE B 485 33.88 38.22 -15.59
CA PHE B 485 33.39 37.08 -14.80
C PHE B 485 32.79 36.01 -15.71
N TYR B 486 33.28 34.77 -15.55
CA TYR B 486 32.78 33.63 -16.32
C TYR B 486 31.92 32.74 -15.43
N GLU B 487 30.65 32.58 -15.82
CA GLU B 487 29.66 31.86 -14.99
C GLU B 487 30.08 30.43 -14.64
N LYS B 488 30.51 29.66 -15.64
CA LYS B 488 30.82 28.24 -15.45
C LYS B 488 32.07 28.01 -14.60
N GLU B 489 33.06 28.89 -14.76
CA GLU B 489 34.39 28.69 -14.20
C GLU B 489 34.63 29.41 -12.87
N MET B 490 33.94 30.54 -12.66
CA MET B 490 34.19 31.39 -11.49
C MET B 490 32.94 31.61 -10.64
N GLU B 491 33.16 32.01 -9.39
CA GLU B 491 32.10 32.27 -8.41
C GLU B 491 32.46 33.46 -7.52
N CYS B 492 31.47 34.31 -7.22
CA CYS B 492 31.68 35.50 -6.39
C CYS B 492 31.06 35.36 -5.00
N ALA B 493 31.68 36.02 -4.02
CA ALA B 493 31.21 35.99 -2.63
C ALA B 493 31.37 37.35 -1.95
N GLY B 494 30.28 37.84 -1.35
CA GLY B 494 30.27 39.14 -0.67
C GLY B 494 30.53 39.01 0.82
N THR B 495 31.58 39.66 1.31
CA THR B 495 32.05 39.46 2.69
C THR B 495 31.09 39.96 3.76
N TYR B 496 31.28 39.46 4.97
CA TYR B 496 30.52 39.91 6.15
C TYR B 496 31.39 40.83 7.01
N ASP B 506 48.90 37.92 -0.19
CA ASP B 506 49.03 36.51 0.16
C ASP B 506 47.76 35.74 -0.21
N SER B 507 47.54 35.63 -1.51
CA SER B 507 46.29 35.11 -2.07
C SER B 507 46.23 33.58 -2.09
N GLY B 508 45.22 33.04 -2.79
CA GLY B 508 45.10 31.61 -3.06
C GLY B 508 44.35 30.78 -2.03
N GLY B 509 43.84 31.42 -0.99
CA GLY B 509 43.15 30.71 0.09
C GLY B 509 41.86 30.03 -0.36
N PRO B 510 41.41 28.98 0.37
CA PRO B 510 40.18 28.27 0.00
C PRO B 510 38.88 28.99 0.38
N LEU B 511 37.78 28.47 -0.12
CA LEU B 511 36.43 29.00 0.15
C LEU B 511 35.52 27.84 0.54
N VAL B 512 35.39 27.64 1.86
CA VAL B 512 34.63 26.51 2.40
C VAL B 512 33.15 26.85 2.54
N CYS B 513 32.31 25.93 2.09
CA CYS B 513 30.86 26.04 2.24
C CYS B 513 30.31 24.75 2.85
N MET B 514 29.68 24.89 4.01
CA MET B 514 29.15 23.76 4.78
C MET B 514 27.68 23.54 4.40
N ASP B 515 27.27 22.28 4.31
CA ASP B 515 25.88 21.93 3.95
C ASP B 515 25.09 21.43 5.17
N ALA B 516 23.88 20.93 4.93
CA ALA B 516 22.92 20.57 6.00
C ALA B 516 23.48 19.80 7.19
N ASN B 517 24.43 18.90 6.93
CA ASN B 517 24.91 17.94 7.94
C ASN B 517 26.42 18.06 8.25
N ASN B 518 26.88 19.30 8.43
CA ASN B 518 28.23 19.59 8.94
C ASN B 518 29.40 19.13 8.04
N VAL B 519 29.12 18.91 6.75
CA VAL B 519 30.16 18.45 5.82
C VAL B 519 30.83 19.65 5.12
N THR B 520 32.10 19.88 5.45
CA THR B 520 32.87 20.99 4.87
C THR B 520 33.34 20.67 3.45
N TYR B 521 32.86 21.44 2.48
CA TYR B 521 33.26 21.28 1.07
C TYR B 521 34.37 22.28 0.69
N VAL B 522 34.92 22.08 -0.51
CA VAL B 522 35.87 23.01 -1.11
C VAL B 522 35.20 23.65 -2.31
N TRP B 523 34.54 24.78 -2.07
CA TRP B 523 33.73 25.40 -3.12
C TRP B 523 34.57 26.25 -4.06
N GLY B 524 35.66 26.80 -3.55
CA GLY B 524 36.55 27.63 -4.37
C GLY B 524 37.88 27.92 -3.72
N VAL B 525 38.81 28.44 -4.53
CA VAL B 525 40.05 29.02 -4.02
C VAL B 525 40.12 30.45 -4.55
N VAL B 526 40.87 31.30 -3.86
CA VAL B 526 40.89 32.73 -4.19
C VAL B 526 41.56 32.95 -5.55
N SER B 527 40.87 33.68 -6.42
CA SER B 527 41.32 33.95 -7.78
C SER B 527 41.70 35.42 -7.91
N TRP B 528 40.71 36.30 -7.81
CA TRP B 528 40.95 37.75 -7.93
C TRP B 528 39.80 38.58 -7.36
N GLY B 529 40.08 39.84 -7.10
CA GLY B 529 39.09 40.76 -6.55
C GLY B 529 39.75 42.00 -5.95
N GLU B 530 39.03 42.66 -5.06
CA GLU B 530 39.49 43.93 -4.48
C GLU B 530 40.40 43.63 -3.29
N ASN B 531 39.84 43.01 -2.25
CA ASN B 531 40.59 42.55 -1.09
C ASN B 531 41.47 43.66 -0.46
N CYS B 532 40.90 44.86 -0.32
CA CYS B 532 41.65 46.01 0.18
C CYS B 532 40.75 47.20 0.63
N GLY B 533 39.86 47.72 -0.22
CA GLY B 533 39.64 47.30 -1.60
C GLY B 533 38.74 48.26 -2.35
N LYS B 534 37.59 47.77 -2.79
CA LYS B 534 36.60 48.59 -3.50
C LYS B 534 35.19 48.10 -3.14
N PRO B 535 34.84 48.15 -1.84
CA PRO B 535 33.54 47.64 -1.41
C PRO B 535 32.36 48.42 -2.01
N GLU B 536 31.22 47.76 -2.25
CA GLU B 536 31.00 46.35 -1.93
C GLU B 536 31.06 45.48 -3.19
N PHE B 537 32.28 45.27 -3.68
CA PHE B 537 32.52 44.40 -4.84
C PHE B 537 33.07 43.05 -4.34
N PRO B 538 32.55 41.94 -4.88
CA PRO B 538 32.85 40.64 -4.30
C PRO B 538 34.19 40.09 -4.75
N GLY B 539 34.83 39.32 -3.88
CA GLY B 539 36.00 38.56 -4.27
C GLY B 539 35.57 37.51 -5.29
N VAL B 540 36.37 37.31 -6.32
CA VAL B 540 36.08 36.29 -7.32
C VAL B 540 36.88 35.04 -7.01
N TYR B 541 36.22 33.89 -7.11
CA TYR B 541 36.81 32.60 -6.76
C TYR B 541 36.66 31.68 -7.95
N THR B 542 37.69 30.87 -8.20
CA THR B 542 37.59 29.81 -9.21
C THR B 542 36.70 28.70 -8.66
N LYS B 543 35.59 28.43 -9.35
CA LYS B 543 34.59 27.47 -8.89
C LYS B 543 35.07 26.02 -9.03
N VAL B 544 35.56 25.45 -7.93
CA VAL B 544 36.19 24.12 -7.93
C VAL B 544 35.25 22.98 -8.39
N ALA B 545 33.94 23.18 -8.25
CA ALA B 545 32.97 22.20 -8.75
C ALA B 545 32.98 22.09 -10.28
N ASN B 546 33.49 23.13 -10.94
CA ASN B 546 33.73 23.11 -12.39
C ASN B 546 34.83 22.11 -12.77
N TYR B 547 35.73 21.82 -11.82
CA TYR B 547 36.87 20.94 -12.04
C TYR B 547 36.80 19.74 -11.08
N PHE B 548 35.70 19.00 -11.15
CA PHE B 548 35.61 17.72 -10.44
C PHE B 548 36.28 16.66 -11.29
N ASP B 549 35.87 16.57 -12.56
CA ASP B 549 36.50 15.69 -13.54
C ASP B 549 38.02 15.84 -13.49
N TRP B 550 38.48 17.07 -13.74
CA TRP B 550 39.91 17.34 -13.82
C TRP B 550 40.62 16.91 -12.54
N ILE B 551 40.11 17.34 -11.40
CA ILE B 551 40.67 16.94 -10.10
C ILE B 551 40.69 15.42 -9.95
N SER B 552 39.60 14.76 -10.35
CA SER B 552 39.47 13.31 -10.22
C SER B 552 40.33 12.55 -11.25
N TYR B 553 40.67 13.22 -12.35
CA TYR B 553 41.50 12.64 -13.40
C TYR B 553 42.92 12.44 -12.88
N HIS B 554 43.48 13.49 -12.29
CA HIS B 554 44.86 13.46 -11.79
C HIS B 554 45.00 12.83 -10.40
N VAL B 555 43.90 12.76 -9.65
CA VAL B 555 43.91 12.22 -8.30
C VAL B 555 43.04 10.97 -8.21
N GLY B 556 43.45 9.93 -7.48
CA GLY B 556 44.75 9.84 -6.82
C GLY B 556 45.67 8.90 -7.58
N ARG B 557 45.16 7.71 -7.87
CA ARG B 557 45.88 6.71 -8.68
C ARG B 557 44.90 5.99 -9.64
N PRO B 558 44.11 6.77 -10.42
CA PRO B 558 43.09 6.17 -11.26
C PRO B 558 43.55 5.86 -12.68
N PHE B 559 42.88 4.92 -13.33
CA PHE B 559 43.03 4.70 -14.78
C PHE B 559 42.02 5.56 -15.55
N ILE B 560 41.01 6.05 -14.81
CA ILE B 560 40.17 7.20 -15.21
C ILE B 560 38.91 6.92 -16.04
N SER B 561 38.86 5.81 -16.78
CA SER B 561 37.62 5.44 -17.45
C SER B 561 36.54 5.39 -16.35
N GLN B 562 35.34 5.97 -16.52
CA GLN B 562 34.59 6.22 -17.78
C GLN B 562 33.69 4.99 -17.96
N TYR B 563 33.81 4.27 -19.08
CA TYR B 563 33.12 3.00 -19.24
C TYR B 563 34.17 1.88 -19.18
N ASN B 564 33.82 0.74 -18.57
CA ASN B 564 34.73 -0.41 -18.56
C ASN B 564 34.10 -1.81 -18.40
N VAL B 565 32.97 -2.12 -19.04
CA VAL B 565 32.26 -1.29 -20.03
C VAL B 565 31.20 -0.41 -19.35
N GLU C 8 -72.51 -71.20 14.68
CA GLU C 8 -72.66 -69.85 14.08
C GLU C 8 -72.68 -68.76 15.15
N ASP C 9 -72.10 -67.61 14.83
CA ASP C 9 -72.07 -66.47 15.75
C ASP C 9 -72.17 -65.16 14.96
N LEU C 10 -73.40 -64.71 14.73
CA LEU C 10 -73.68 -63.53 13.91
C LEU C 10 -73.40 -62.21 14.62
N VAL C 11 -73.63 -62.18 15.93
CA VAL C 11 -73.54 -60.94 16.70
C VAL C 11 -72.08 -60.48 16.84
N GLU C 12 -71.90 -59.16 16.87
CA GLU C 12 -70.58 -58.53 16.97
C GLU C 12 -70.45 -57.84 18.33
N LYS C 13 -69.57 -58.36 19.18
CA LYS C 13 -69.54 -57.99 20.60
C LYS C 13 -69.01 -56.59 20.89
N LYS C 14 -68.15 -56.07 20.02
CA LYS C 14 -67.53 -54.76 20.25
C LYS C 14 -68.51 -53.59 20.16
N CYS C 15 -69.51 -53.70 19.27
CA CYS C 15 -70.51 -52.64 19.12
C CYS C 15 -71.75 -52.84 20.01
N LEU C 16 -71.88 -54.02 20.61
CA LEU C 16 -72.96 -54.28 21.57
C LEU C 16 -72.76 -53.48 22.86
N ALA C 17 -71.51 -53.07 23.12
CA ALA C 17 -71.19 -52.21 24.26
C ALA C 17 -71.45 -50.73 23.97
N LYS C 18 -71.90 -50.41 22.75
CA LYS C 18 -72.24 -49.04 22.38
C LYS C 18 -73.72 -48.71 22.65
N LYS C 19 -74.53 -49.74 22.92
CA LYS C 19 -75.95 -49.60 23.24
C LYS C 19 -76.73 -48.94 22.11
N TYR C 20 -76.57 -49.47 20.90
CA TYR C 20 -77.22 -48.91 19.72
C TYR C 20 -78.69 -49.25 19.73
N THR C 21 -79.52 -48.26 19.36
CA THR C 21 -80.97 -48.44 19.25
C THR C 21 -81.42 -47.93 17.89
N HIS C 22 -82.73 -47.74 17.72
CA HIS C 22 -83.25 -47.09 16.51
C HIS C 22 -83.07 -45.56 16.55
N LEU C 23 -82.62 -45.02 17.68
CA LEU C 23 -82.33 -43.59 17.81
C LEU C 23 -80.83 -43.29 17.73
N SER C 24 -80.12 -44.05 16.91
CA SER C 24 -78.67 -43.92 16.76
C SER C 24 -78.29 -43.53 15.33
N CYS C 25 -77.74 -42.32 15.19
CA CYS C 25 -77.30 -41.78 13.90
C CYS C 25 -76.34 -42.67 13.13
N ASP C 26 -75.46 -43.34 13.88
CA ASP C 26 -74.39 -44.13 13.29
C ASP C 26 -74.91 -45.34 12.50
N LYS C 27 -75.95 -46.00 13.03
CA LYS C 27 -76.39 -47.27 12.47
C LYS C 27 -77.64 -47.24 11.57
N VAL C 28 -78.36 -46.12 11.58
CA VAL C 28 -79.61 -46.04 10.81
C VAL C 28 -80.09 -44.61 10.66
N PHE C 29 -80.83 -44.35 9.58
CA PHE C 29 -81.43 -43.04 9.37
C PHE C 29 -82.50 -42.77 10.42
N CYS C 30 -82.51 -41.53 10.91
CA CYS C 30 -83.55 -41.07 11.81
C CYS C 30 -84.84 -40.87 11.03
N GLN C 31 -85.95 -40.84 11.74
CA GLN C 31 -87.25 -40.57 11.14
C GLN C 31 -87.38 -39.08 10.80
N PRO C 32 -88.29 -38.72 9.88
CA PRO C 32 -88.38 -37.33 9.42
C PRO C 32 -88.60 -36.31 10.53
N TRP C 33 -89.48 -36.64 11.47
CA TRP C 33 -89.79 -35.78 12.62
C TRP C 33 -88.65 -35.67 13.64
N GLN C 34 -87.52 -36.32 13.35
CA GLN C 34 -86.33 -36.23 14.19
C GLN C 34 -85.17 -35.69 13.36
N ARG C 35 -84.01 -35.52 14.00
CA ARG C 35 -82.78 -35.12 13.30
C ARG C 35 -81.54 -35.54 14.08
N CYS C 36 -80.42 -35.63 13.37
CA CYS C 36 -79.18 -36.16 13.94
C CYS C 36 -78.34 -35.08 14.62
N ILE C 37 -77.98 -35.34 15.87
CA ILE C 37 -77.12 -34.46 16.67
C ILE C 37 -76.24 -35.31 17.59
N GLU C 38 -74.94 -35.28 17.33
CA GLU C 38 -73.93 -35.94 18.17
C GLU C 38 -74.15 -37.44 18.39
N GLY C 39 -74.66 -38.14 17.38
CA GLY C 39 -74.81 -39.60 17.45
C GLY C 39 -76.22 -40.11 17.78
N THR C 40 -77.09 -39.21 18.26
CA THR C 40 -78.45 -39.58 18.63
C THR C 40 -79.47 -38.84 17.77
N CYS C 41 -80.52 -39.54 17.36
CA CYS C 41 -81.69 -38.89 16.79
C CYS C 41 -82.39 -38.13 17.90
N VAL C 42 -82.35 -36.81 17.81
CA VAL C 42 -83.09 -35.95 18.72
C VAL C 42 -84.34 -35.49 17.96
N CYS C 43 -85.35 -35.02 18.69
CA CYS C 43 -86.56 -34.51 18.05
C CYS C 43 -86.29 -33.17 17.38
N LYS C 44 -87.09 -32.85 16.37
CA LYS C 44 -87.17 -31.49 15.87
C LYS C 44 -88.50 -30.86 16.26
N LEU C 45 -88.60 -29.55 16.05
CA LEU C 45 -89.81 -28.80 16.37
C LEU C 45 -90.77 -28.95 15.19
N PRO C 46 -92.08 -28.79 15.43
CA PRO C 46 -93.07 -29.08 14.38
C PRO C 46 -92.91 -28.24 13.10
N TYR C 47 -92.68 -26.94 13.24
CA TYR C 47 -92.47 -26.08 12.07
C TYR C 47 -91.28 -26.53 11.21
N GLN C 48 -90.28 -27.16 11.84
CA GLN C 48 -89.14 -27.71 11.11
C GLN C 48 -89.47 -28.97 10.28
N CYS C 49 -90.74 -29.34 10.22
CA CYS C 49 -91.23 -30.33 9.26
C CYS C 49 -91.56 -29.65 7.94
N PRO C 50 -91.69 -30.43 6.86
CA PRO C 50 -92.17 -29.89 5.59
C PRO C 50 -93.55 -29.22 5.70
N LYS C 51 -93.83 -28.30 4.79
CA LYS C 51 -95.10 -27.56 4.79
C LYS C 51 -96.26 -28.42 4.28
N ASN C 52 -95.95 -29.32 3.36
CA ASN C 52 -96.97 -30.14 2.67
C ASN C 52 -97.45 -31.28 3.58
N GLY C 53 -98.67 -31.77 3.33
CA GLY C 53 -99.23 -32.90 4.07
C GLY C 53 -100.74 -32.95 4.10
N THR C 54 -101.28 -33.77 5.02
CA THR C 54 -102.72 -33.85 5.26
C THR C 54 -102.99 -33.96 6.77
N ALA C 55 -104.25 -33.83 7.15
CA ALA C 55 -104.64 -33.69 8.56
C ALA C 55 -104.53 -34.99 9.37
N VAL C 56 -104.23 -34.84 10.66
CA VAL C 56 -104.23 -35.97 11.62
C VAL C 56 -104.81 -35.52 12.95
N CYS C 57 -105.05 -36.49 13.84
CA CYS C 57 -105.62 -36.24 15.17
C CYS C 57 -104.88 -37.04 16.25
N ALA C 58 -104.72 -36.43 17.41
CA ALA C 58 -104.03 -37.06 18.54
C ALA C 58 -104.97 -37.34 19.72
N THR C 59 -104.44 -37.99 20.74
CA THR C 59 -105.24 -38.45 21.89
C THR C 59 -105.85 -37.31 22.72
N ASN C 60 -105.27 -36.11 22.61
CA ASN C 60 -105.91 -34.89 23.15
C ASN C 60 -107.23 -34.57 22.46
N ARG C 61 -107.53 -35.29 21.38
CA ARG C 61 -108.56 -34.89 20.42
C ARG C 61 -108.29 -33.48 19.89
N ARG C 62 -106.99 -33.17 19.81
CA ARG C 62 -106.49 -31.93 19.24
C ARG C 62 -105.88 -32.28 17.89
N SER C 63 -106.34 -31.63 16.83
CA SER C 63 -105.90 -31.96 15.48
C SER C 63 -104.63 -31.19 15.10
N PHE C 64 -103.96 -31.71 14.08
CA PHE C 64 -102.72 -31.12 13.55
C PHE C 64 -102.84 -30.99 12.02
N PRO C 65 -101.99 -30.13 11.42
CA PRO C 65 -101.98 -29.97 9.97
C PRO C 65 -101.30 -31.12 9.24
N THR C 66 -100.13 -31.53 9.74
CA THR C 66 -99.38 -32.64 9.15
C THR C 66 -99.23 -33.77 10.16
N TYR C 67 -98.96 -34.96 9.65
CA TYR C 67 -98.59 -36.10 10.50
C TYR C 67 -97.23 -35.85 11.15
N CYS C 68 -96.30 -35.28 10.38
CA CYS C 68 -94.96 -34.93 10.88
C CYS C 68 -94.99 -34.01 12.10
N GLN C 69 -95.89 -33.04 12.08
CA GLN C 69 -96.01 -32.08 13.18
C GLN C 69 -96.46 -32.78 14.45
N GLN C 70 -97.52 -33.57 14.34
CA GLN C 70 -98.01 -34.36 15.47
C GLN C 70 -96.87 -35.17 16.09
N LYS C 71 -96.25 -36.04 15.28
CA LYS C 71 -95.16 -36.89 15.76
C LYS C 71 -93.95 -36.12 16.28
N SER C 72 -93.83 -34.85 15.87
CA SER C 72 -92.82 -33.96 16.43
C SER C 72 -93.19 -33.55 17.86
N LEU C 73 -94.48 -33.31 18.07
CA LEU C 73 -94.97 -32.89 19.39
C LEU C 73 -94.91 -34.07 20.36
N GLU C 74 -95.39 -35.23 19.92
CA GLU C 74 -95.26 -36.47 20.70
C GLU C 74 -93.81 -36.72 21.12
N CYS C 75 -92.89 -36.42 20.21
CA CYS C 75 -91.46 -36.57 20.47
C CYS C 75 -90.97 -35.57 21.52
N LEU C 76 -91.30 -34.30 21.32
CA LEU C 76 -90.93 -33.23 22.26
C LEU C 76 -91.66 -33.32 23.61
N HIS C 77 -92.85 -33.93 23.59
CA HIS C 77 -93.70 -34.06 24.78
C HIS C 77 -94.30 -35.45 24.87
N PRO C 78 -93.72 -36.33 25.73
CA PRO C 78 -94.19 -37.70 25.82
C PRO C 78 -95.46 -37.82 26.67
N GLY C 79 -96.55 -38.27 26.05
CA GLY C 79 -97.84 -38.35 26.72
C GLY C 79 -99.00 -38.50 25.76
N THR C 80 -98.93 -37.77 24.64
CA THR C 80 -99.98 -37.79 23.62
C THR C 80 -99.51 -38.53 22.37
N LYS C 81 -100.45 -39.18 21.70
CA LYS C 81 -100.14 -40.10 20.61
C LYS C 81 -101.16 -40.03 19.48
N PHE C 82 -100.85 -40.71 18.38
CA PHE C 82 -101.69 -40.70 17.19
C PHE C 82 -103.00 -41.44 17.44
N LEU C 83 -104.11 -40.74 17.25
CA LEU C 83 -105.43 -41.33 17.36
C LEU C 83 -105.94 -41.71 15.97
N ASN C 84 -106.02 -40.73 15.08
CA ASN C 84 -106.80 -40.87 13.85
C ASN C 84 -106.33 -39.97 12.70
N ASN C 85 -106.41 -40.49 11.48
CA ASN C 85 -106.18 -39.69 10.27
C ASN C 85 -107.35 -38.74 10.01
N GLY C 86 -107.03 -37.50 9.66
CA GLY C 86 -108.03 -36.43 9.49
C GLY C 86 -108.22 -35.67 10.78
N THR C 87 -108.94 -34.55 10.71
CA THR C 87 -109.28 -33.77 11.91
C THR C 87 -110.11 -34.64 12.86
N CYS C 88 -110.12 -34.27 14.13
CA CYS C 88 -110.73 -35.11 15.16
C CYS C 88 -112.25 -35.19 15.03
N THR C 89 -112.80 -36.28 15.57
CA THR C 89 -114.24 -36.49 15.67
C THR C 89 -114.67 -36.48 17.14
N ALA C 90 -115.97 -36.52 17.36
CA ALA C 90 -116.53 -36.58 18.71
C ALA C 90 -116.86 -38.02 19.10
N GLU C 91 -117.48 -38.74 18.17
CA GLU C 91 -117.89 -40.13 18.37
C GLU C 91 -116.70 -41.08 18.53
N GLY C 92 -115.64 -40.85 17.75
CA GLY C 92 -114.52 -41.78 17.64
C GLY C 92 -113.64 -41.92 18.87
N LYS C 93 -113.28 -43.16 19.19
CA LYS C 93 -112.38 -43.46 20.32
C LYS C 93 -111.65 -44.79 20.07
N PHE C 94 -110.40 -44.86 20.53
CA PHE C 94 -109.54 -46.04 20.31
C PHE C 94 -109.23 -46.78 21.62
N SER C 95 -109.24 -48.12 21.57
CA SER C 95 -108.92 -48.94 22.73
C SER C 95 -108.29 -50.28 22.34
N VAL C 96 -107.37 -50.75 23.18
CA VAL C 96 -106.75 -52.08 23.03
C VAL C 96 -106.74 -52.76 24.40
N SER C 97 -107.12 -54.03 24.45
CA SER C 97 -107.20 -54.77 25.72
C SER C 97 -106.92 -56.27 25.59
N LEU C 98 -106.62 -56.88 26.75
CA LEU C 98 -106.27 -58.30 26.81
C LEU C 98 -107.40 -59.11 27.47
N LYS C 99 -108.37 -59.48 26.66
CA LYS C 99 -109.58 -60.19 27.11
C LYS C 99 -109.27 -61.65 27.45
N HIS C 100 -110.00 -62.19 28.43
CA HIS C 100 -109.83 -63.57 28.89
C HIS C 100 -108.42 -63.85 29.44
N GLY C 101 -107.76 -62.79 29.88
CA GLY C 101 -106.39 -62.90 30.38
C GLY C 101 -106.35 -63.45 31.80
N ASN C 102 -105.43 -64.40 32.02
CA ASN C 102 -105.17 -64.90 33.37
C ASN C 102 -104.36 -63.87 34.15
N THR C 103 -103.65 -63.03 33.39
CA THR C 103 -103.01 -61.81 33.90
C THR C 103 -103.43 -60.67 32.97
N ASP C 104 -103.28 -59.42 33.41
CA ASP C 104 -103.58 -58.27 32.55
C ASP C 104 -102.40 -57.82 31.67
N SER C 105 -101.38 -58.67 31.58
CA SER C 105 -100.22 -58.45 30.70
C SER C 105 -100.12 -59.60 29.69
N GLU C 106 -101.23 -60.31 29.49
CA GLU C 106 -101.25 -61.54 28.72
C GLU C 106 -102.68 -61.89 28.32
N GLY C 107 -102.89 -62.27 27.07
CA GLY C 107 -104.23 -62.66 26.62
C GLY C 107 -104.49 -62.52 25.13
N ILE C 108 -105.78 -62.61 24.79
CA ILE C 108 -106.26 -62.45 23.40
C ILE C 108 -106.41 -60.96 23.08
N VAL C 109 -106.05 -60.59 21.85
CA VAL C 109 -106.02 -59.19 21.44
C VAL C 109 -107.36 -58.73 20.84
N GLU C 110 -107.82 -57.57 21.27
CA GLU C 110 -109.07 -56.97 20.80
C GLU C 110 -108.90 -55.46 20.67
N VAL C 111 -109.40 -54.90 19.57
CA VAL C 111 -109.16 -53.49 19.24
C VAL C 111 -110.42 -52.77 18.79
N LYS C 112 -110.65 -51.59 19.34
CA LYS C 112 -111.77 -50.74 18.95
C LYS C 112 -111.27 -49.65 17.99
N LEU C 113 -111.87 -49.59 16.80
CA LEU C 113 -111.45 -48.63 15.78
C LEU C 113 -112.33 -47.38 15.79
N VAL C 114 -111.68 -46.22 15.75
CA VAL C 114 -112.36 -44.91 15.75
C VAL C 114 -113.50 -44.84 14.74
N ASP C 115 -113.28 -45.44 13.57
CA ASP C 115 -114.31 -45.54 12.53
C ASP C 115 -114.98 -46.92 12.62
N GLN C 116 -115.44 -47.29 13.82
CA GLN C 116 -116.02 -48.61 14.05
C GLN C 116 -116.89 -48.65 15.31
N ASP C 117 -118.15 -49.05 15.14
CA ASP C 117 -119.10 -49.16 16.26
C ASP C 117 -118.79 -50.33 17.19
N LYS C 118 -118.36 -51.46 16.61
CA LYS C 118 -118.08 -52.68 17.36
C LYS C 118 -116.60 -52.90 17.62
N THR C 119 -116.30 -53.54 18.75
CA THR C 119 -114.95 -54.05 19.04
C THR C 119 -114.75 -55.35 18.28
N MET C 120 -113.54 -55.58 17.79
CA MET C 120 -113.21 -56.80 17.03
C MET C 120 -111.89 -57.40 17.48
N PHE C 121 -111.66 -58.64 17.05
CA PHE C 121 -110.44 -59.39 17.37
C PHE C 121 -109.40 -59.19 16.28
N ILE C 122 -108.17 -59.62 16.56
CA ILE C 122 -107.06 -59.54 15.61
C ILE C 122 -106.73 -60.95 15.10
N CYS C 123 -106.41 -61.05 13.81
CA CYS C 123 -106.01 -62.33 13.21
C CYS C 123 -104.62 -62.75 13.67
N LYS C 124 -104.40 -64.06 13.79
CA LYS C 124 -103.09 -64.62 14.15
C LYS C 124 -102.19 -64.77 12.92
N SER C 125 -102.82 -64.98 11.77
CA SER C 125 -102.10 -65.20 10.50
C SER C 125 -101.07 -64.10 10.22
N SER C 126 -101.51 -62.85 10.25
CA SER C 126 -100.64 -61.70 9.96
C SER C 126 -99.93 -61.16 11.20
N TRP C 127 -100.19 -61.76 12.36
CA TRP C 127 -99.63 -61.31 13.64
C TRP C 127 -98.16 -61.68 13.73
N SER C 128 -97.33 -60.69 14.08
CA SER C 128 -95.89 -60.89 14.20
C SER C 128 -95.33 -60.05 15.34
N MET C 129 -94.02 -60.08 15.53
CA MET C 129 -93.37 -59.35 16.63
C MET C 129 -93.33 -57.84 16.44
N ARG C 130 -93.76 -57.34 15.28
CA ARG C 130 -93.85 -55.89 15.07
C ARG C 130 -95.14 -55.36 15.66
N GLU C 131 -96.25 -55.99 15.30
CA GLU C 131 -97.58 -55.60 15.80
C GLU C 131 -97.68 -55.78 17.31
N ALA C 132 -97.29 -56.97 17.77
CA ALA C 132 -97.29 -57.32 19.20
C ALA C 132 -96.48 -56.32 20.03
N ASN C 133 -95.28 -55.99 19.55
CA ASN C 133 -94.46 -54.95 20.17
C ASN C 133 -95.20 -53.63 20.33
N VAL C 134 -95.96 -53.25 19.31
CA VAL C 134 -96.67 -51.97 19.29
C VAL C 134 -97.85 -51.99 20.24
N ALA C 135 -98.67 -53.03 20.16
CA ALA C 135 -99.86 -53.18 21.00
C ALA C 135 -99.50 -53.15 22.49
N CYS C 136 -98.46 -53.90 22.86
CA CYS C 136 -98.02 -53.95 24.26
C CYS C 136 -97.45 -52.61 24.72
N LEU C 137 -96.79 -51.90 23.81
CA LEU C 137 -96.16 -50.62 24.15
C LEU C 137 -97.15 -49.58 24.66
N ASP C 138 -98.33 -49.51 24.04
CA ASP C 138 -99.34 -48.52 24.44
C ASP C 138 -100.25 -49.02 25.58
N LEU C 139 -100.14 -50.31 25.89
CA LEU C 139 -100.80 -50.89 27.08
C LEU C 139 -99.98 -50.69 28.36
N GLY C 140 -98.88 -49.94 28.27
CA GLY C 140 -98.04 -49.62 29.43
C GLY C 140 -96.83 -50.51 29.61
N PHE C 141 -96.58 -51.38 28.63
CA PHE C 141 -95.42 -52.27 28.67
C PHE C 141 -94.32 -51.75 27.74
N GLN C 142 -93.51 -50.83 28.26
CA GLN C 142 -92.48 -50.13 27.47
C GLN C 142 -91.52 -51.05 26.71
N GLN C 143 -91.29 -52.24 27.25
CA GLN C 143 -90.37 -53.21 26.65
C GLN C 143 -91.04 -54.11 25.59
N GLY C 144 -92.31 -53.86 25.31
CA GLY C 144 -93.01 -54.53 24.21
C GLY C 144 -93.46 -55.94 24.53
N ALA C 145 -93.47 -56.80 23.51
CA ALA C 145 -93.94 -58.18 23.64
C ALA C 145 -92.82 -59.11 24.09
N ASP C 146 -93.21 -60.24 24.68
CA ASP C 146 -92.27 -61.30 25.00
C ASP C 146 -92.16 -62.23 23.80
N THR C 147 -90.97 -62.79 23.62
CA THR C 147 -90.69 -63.66 22.48
C THR C 147 -91.03 -65.12 22.78
N GLN C 148 -90.58 -65.63 23.92
CA GLN C 148 -90.70 -67.05 24.26
C GLN C 148 -92.05 -67.43 24.88
N ARG C 149 -92.68 -66.49 25.56
CA ARG C 149 -93.91 -66.75 26.30
C ARG C 149 -95.10 -66.87 25.35
N ARG C 150 -96.03 -67.76 25.68
CA ARG C 150 -97.22 -68.03 24.86
C ARG C 150 -98.51 -67.86 25.68
N PHE C 151 -99.65 -68.01 25.01
CA PHE C 151 -100.96 -67.98 25.66
C PHE C 151 -102.03 -68.71 24.85
N LYS C 152 -102.33 -69.94 25.24
CA LYS C 152 -103.34 -70.77 24.56
C LYS C 152 -104.60 -70.91 25.43
N LEU C 153 -105.72 -71.19 24.77
CA LEU C 153 -107.00 -71.38 25.46
C LEU C 153 -107.70 -72.67 25.01
N SER C 154 -108.68 -73.08 25.81
CA SER C 154 -109.59 -74.16 25.44
C SER C 154 -111.00 -73.59 25.19
N ASP C 155 -111.05 -72.46 24.49
CA ASP C 155 -112.30 -71.75 24.24
C ASP C 155 -112.77 -71.95 22.80
N LEU C 156 -113.99 -71.51 22.53
CA LEU C 156 -114.58 -71.57 21.19
C LEU C 156 -115.53 -70.40 20.99
N SER C 157 -114.95 -69.23 20.74
CA SER C 157 -115.71 -67.98 20.58
C SER C 157 -115.10 -67.11 19.49
N CYS C 163 -112.72 -60.52 11.83
CA CYS C 163 -111.31 -60.41 12.15
C CYS C 163 -110.72 -59.10 11.64
N LEU C 164 -109.64 -58.65 12.26
CA LEU C 164 -108.90 -57.45 11.82
C LEU C 164 -107.46 -57.83 11.49
N HIS C 165 -107.02 -57.45 10.30
CA HIS C 165 -105.63 -57.62 9.87
C HIS C 165 -104.81 -56.40 10.29
N VAL C 166 -103.82 -56.60 11.16
CA VAL C 166 -102.98 -55.52 11.64
C VAL C 166 -101.62 -55.58 10.95
N HIS C 167 -101.09 -54.42 10.57
CA HIS C 167 -99.77 -54.32 9.97
C HIS C 167 -99.06 -53.06 10.45
N CYS C 168 -97.89 -53.25 11.06
CA CYS C 168 -97.08 -52.16 11.62
C CYS C 168 -95.63 -52.32 11.20
N ARG C 169 -94.90 -51.20 11.11
CA ARG C 169 -93.45 -51.25 10.88
C ARG C 169 -92.72 -51.72 12.15
N GLY C 170 -93.27 -51.35 13.30
CA GLY C 170 -92.75 -51.81 14.59
C GLY C 170 -92.05 -50.75 15.43
N LEU C 171 -92.01 -49.51 14.91
CA LEU C 171 -91.43 -48.39 15.65
C LEU C 171 -92.44 -47.29 15.96
N GLU C 172 -93.72 -47.59 15.78
CA GLU C 172 -94.79 -46.70 16.21
C GLU C 172 -94.96 -46.81 17.72
N THR C 173 -95.53 -45.77 18.33
CA THR C 173 -95.75 -45.76 19.78
C THR C 173 -97.23 -45.95 20.11
N SER C 174 -98.03 -46.29 19.11
CA SER C 174 -99.43 -46.65 19.30
C SER C 174 -99.91 -47.59 18.21
N LEU C 175 -100.99 -48.30 18.48
CA LEU C 175 -101.54 -49.28 17.54
C LEU C 175 -102.63 -48.64 16.66
N ALA C 176 -102.88 -47.34 16.86
CA ALA C 176 -103.75 -46.58 15.96
C ALA C 176 -103.02 -46.35 14.64
N GLU C 177 -101.72 -46.09 14.73
CA GLU C 177 -100.87 -45.77 13.58
C GLU C 177 -100.73 -46.89 12.55
N CYS C 178 -101.05 -48.11 12.94
CA CYS C 178 -100.94 -49.26 12.04
C CYS C 178 -102.09 -49.28 11.04
N THR C 179 -101.95 -50.12 10.01
CA THR C 179 -102.96 -50.22 8.95
C THR C 179 -103.84 -51.45 9.17
N PHE C 180 -105.15 -51.28 8.99
CA PHE C 180 -106.16 -52.28 9.35
C PHE C 180 -107.07 -52.62 8.16
N THR C 181 -107.29 -53.91 7.94
CA THR C 181 -108.08 -54.39 6.81
C THR C 181 -108.90 -55.63 7.18
N LYS C 182 -110.22 -55.48 7.29
CA LYS C 182 -111.12 -56.61 7.58
C LYS C 182 -110.85 -57.79 6.68
N ARG C 183 -110.55 -58.94 7.29
CA ARG C 183 -110.25 -60.18 6.57
C ARG C 183 -111.06 -61.32 7.18
N ARG C 184 -111.58 -62.20 6.33
CA ARG C 184 -112.39 -63.32 6.82
C ARG C 184 -111.50 -64.37 7.47
N THR C 185 -112.00 -64.98 8.54
CA THR C 185 -111.21 -65.94 9.33
C THR C 185 -110.91 -67.22 8.55
N MET C 186 -109.74 -67.80 8.83
CA MET C 186 -109.20 -68.93 8.07
C MET C 186 -109.58 -70.29 8.67
N GLY C 187 -109.50 -70.40 9.99
CA GLY C 187 -109.85 -71.64 10.70
C GLY C 187 -110.42 -71.35 12.08
N TYR C 188 -110.16 -72.26 13.03
CA TYR C 188 -110.57 -72.06 14.43
C TYR C 188 -109.39 -71.75 15.36
N GLN C 189 -108.17 -72.11 14.95
CA GLN C 189 -106.97 -71.54 15.54
C GLN C 189 -106.68 -70.29 14.72
N ASP C 190 -107.31 -69.19 15.13
CA ASP C 190 -107.46 -68.01 14.26
C ASP C 190 -107.07 -66.67 14.90
N PHE C 191 -107.51 -66.44 16.13
CA PHE C 191 -107.38 -65.12 16.76
C PHE C 191 -106.00 -64.86 17.37
N ALA C 192 -105.67 -63.57 17.51
CA ALA C 192 -104.34 -63.14 17.91
C ALA C 192 -104.17 -63.11 19.43
N ASP C 193 -103.24 -63.92 19.93
CA ASP C 193 -102.83 -63.88 21.32
C ASP C 193 -101.56 -63.06 21.44
N VAL C 194 -101.31 -62.53 22.63
CA VAL C 194 -100.08 -61.80 22.90
C VAL C 194 -99.72 -61.84 24.38
N VAL C 195 -98.43 -61.84 24.65
CA VAL C 195 -97.90 -61.78 26.02
C VAL C 195 -96.89 -60.63 26.09
N CYS C 196 -97.25 -59.60 26.86
CA CYS C 196 -96.39 -58.45 27.04
C CYS C 196 -95.30 -58.77 28.04
N TYR C 197 -94.16 -58.11 27.90
CA TYR C 197 -92.96 -58.44 28.68
C TYR C 197 -93.03 -57.91 30.10
N THR C 198 -92.61 -58.75 31.05
CA THR C 198 -92.59 -58.39 32.46
C THR C 198 -91.39 -59.03 33.14
N ASP C 207 -76.86 -68.83 24.39
CA ASP C 207 -78.16 -69.17 24.96
C ASP C 207 -79.20 -68.09 24.68
N PHE C 208 -78.94 -66.86 25.15
CA PHE C 208 -79.87 -65.74 25.02
C PHE C 208 -79.19 -64.46 24.52
N PHE C 209 -79.97 -63.40 24.37
CA PHE C 209 -79.45 -62.07 24.03
C PHE C 209 -80.29 -60.98 24.69
N GLN C 210 -79.63 -60.05 25.36
CA GLN C 210 -80.29 -58.94 26.06
C GLN C 210 -80.31 -57.69 25.17
N CYS C 211 -81.47 -57.05 25.10
CA CYS C 211 -81.62 -55.80 24.36
C CYS C 211 -81.16 -54.63 25.23
N VAL C 212 -81.14 -53.43 24.65
CA VAL C 212 -80.71 -52.22 25.38
C VAL C 212 -81.79 -51.71 26.33
N ASN C 213 -83.06 -51.97 26.02
CA ASN C 213 -84.16 -51.63 26.92
C ASN C 213 -84.18 -52.50 28.19
N GLY C 214 -83.73 -53.74 28.06
CA GLY C 214 -83.63 -54.68 29.19
C GLY C 214 -84.12 -56.06 28.83
N LYS C 215 -85.18 -56.13 28.04
CA LYS C 215 -85.83 -57.38 27.65
C LYS C 215 -84.83 -58.41 27.12
N TYR C 216 -84.85 -59.61 27.70
CA TYR C 216 -84.05 -60.72 27.22
C TYR C 216 -84.82 -61.42 26.10
N ILE C 217 -84.11 -61.78 25.04
CA ILE C 217 -84.68 -62.50 23.91
C ILE C 217 -83.74 -63.62 23.45
N SER C 218 -84.26 -64.51 22.59
CA SER C 218 -83.52 -65.70 22.16
C SER C 218 -82.30 -65.35 21.31
N GLN C 219 -81.35 -66.28 21.25
CA GLN C 219 -80.15 -66.14 20.42
C GLN C 219 -80.49 -66.29 18.94
N MET C 220 -81.51 -67.11 18.64
CA MET C 220 -82.01 -67.25 17.27
C MET C 220 -82.74 -65.99 16.78
N LYS C 221 -83.09 -65.11 17.69
CA LYS C 221 -83.81 -63.85 17.36
C LYS C 221 -82.89 -62.65 17.16
N ALA C 222 -81.63 -62.76 17.57
CA ALA C 222 -80.63 -61.73 17.29
C ALA C 222 -80.18 -61.86 15.84
N CYS C 223 -80.13 -60.72 15.13
CA CYS C 223 -79.72 -60.67 13.73
C CYS C 223 -80.56 -61.54 12.79
N ASP C 224 -81.87 -61.59 13.01
CA ASP C 224 -82.78 -62.34 12.12
C ASP C 224 -83.68 -61.45 11.27
N GLY C 225 -83.34 -60.17 11.15
CA GLY C 225 -84.09 -59.21 10.33
C GLY C 225 -85.21 -58.52 11.08
N ILE C 226 -86.16 -59.33 11.58
CA ILE C 226 -87.31 -58.81 12.30
C ILE C 226 -86.91 -58.16 13.63
N ASN C 227 -87.52 -57.01 13.91
CA ASN C 227 -87.30 -56.24 15.15
C ASN C 227 -88.05 -56.88 16.33
N ASP C 228 -87.30 -57.34 17.32
CA ASP C 228 -87.88 -58.08 18.45
C ASP C 228 -87.85 -57.29 19.77
N CYS C 229 -86.83 -56.45 19.94
CA CYS C 229 -86.67 -55.67 21.17
C CYS C 229 -87.68 -54.53 21.30
N GLY C 230 -88.06 -53.96 20.16
CA GLY C 230 -88.87 -52.74 20.14
C GLY C 230 -88.00 -51.54 19.81
N ASP C 231 -86.82 -51.49 20.41
CA ASP C 231 -85.83 -50.44 20.16
C ASP C 231 -84.83 -50.82 19.04
N GLN C 232 -85.02 -51.98 18.43
CA GLN C 232 -84.25 -52.44 17.27
C GLN C 232 -82.80 -52.82 17.57
N SER C 233 -82.43 -52.94 18.84
CA SER C 233 -81.02 -53.15 19.22
C SER C 233 -80.45 -54.49 18.75
N ASP C 234 -81.31 -55.50 18.64
CA ASP C 234 -80.84 -56.84 18.27
C ASP C 234 -80.52 -57.00 16.78
N GLU C 235 -80.77 -55.97 15.98
CA GLU C 235 -80.53 -56.01 14.53
C GLU C 235 -79.59 -54.91 14.04
N LEU C 236 -78.67 -54.49 14.89
CA LEU C 236 -77.73 -53.41 14.55
C LEU C 236 -76.25 -53.79 14.70
N CYS C 237 -75.97 -54.90 15.37
CA CYS C 237 -74.61 -55.40 15.54
C CYS C 237 -74.47 -56.76 14.87
N CYS C 238 -74.63 -56.76 13.55
CA CYS C 238 -74.81 -58.00 12.79
C CYS C 238 -73.85 -58.17 11.61
N LYS C 239 -72.94 -59.13 11.75
CA LYS C 239 -72.01 -59.53 10.69
C LYS C 239 -72.76 -60.17 9.51
N ALA C 240 -73.86 -60.85 9.81
CA ALA C 240 -74.69 -61.49 8.80
C ALA C 240 -76.05 -61.86 9.39
N CYS C 241 -76.99 -62.21 8.53
CA CYS C 241 -78.37 -62.49 8.93
C CYS C 241 -78.69 -63.99 8.91
N GLN C 242 -79.53 -64.42 9.84
CA GLN C 242 -80.01 -65.82 9.89
C GLN C 242 -81.52 -65.89 9.69
N GLY C 243 -81.93 -66.14 8.45
CA GLY C 243 -83.34 -66.24 8.10
C GLY C 243 -83.58 -65.95 6.64
N LYS C 244 -84.55 -65.07 6.37
CA LYS C 244 -84.88 -64.68 4.99
C LYS C 244 -84.70 -63.18 4.77
N GLY C 245 -83.92 -62.54 5.64
CA GLY C 245 -83.66 -61.11 5.54
C GLY C 245 -82.43 -60.81 4.69
N PHE C 246 -81.96 -59.56 4.79
CA PHE C 246 -80.84 -59.09 3.99
C PHE C 246 -79.87 -58.27 4.85
N HIS C 247 -78.58 -58.43 4.57
CA HIS C 247 -77.53 -57.79 5.34
C HIS C 247 -77.19 -56.42 4.74
N CYS C 248 -77.18 -55.40 5.60
CA CYS C 248 -76.65 -54.09 5.24
C CYS C 248 -75.16 -54.08 5.54
N LYS C 249 -74.38 -53.55 4.60
CA LYS C 249 -72.94 -53.39 4.76
C LYS C 249 -72.54 -52.64 6.05
N SER C 250 -73.47 -51.85 6.59
CA SER C 250 -73.26 -51.12 7.85
C SER C 250 -73.20 -51.98 9.11
N GLY C 251 -73.55 -53.26 8.98
CA GLY C 251 -73.63 -54.18 10.13
C GLY C 251 -75.04 -54.31 10.67
N VAL C 252 -76.02 -54.25 9.76
CA VAL C 252 -77.44 -54.19 10.10
C VAL C 252 -78.20 -55.19 9.24
N CYS C 253 -79.19 -55.86 9.81
CA CYS C 253 -80.04 -56.79 9.06
C CYS C 253 -81.40 -56.14 8.82
N ILE C 254 -82.00 -56.47 7.67
CA ILE C 254 -83.35 -56.03 7.34
C ILE C 254 -84.11 -57.18 6.67
N PRO C 255 -85.46 -57.17 6.74
CA PRO C 255 -86.22 -58.20 6.02
C PRO C 255 -86.13 -58.06 4.49
N SER C 256 -86.26 -59.17 3.78
CA SER C 256 -86.21 -59.20 2.30
C SER C 256 -87.07 -58.12 1.65
N GLN C 257 -88.31 -58.00 2.13
CA GLN C 257 -89.28 -57.05 1.54
C GLN C 257 -88.86 -55.58 1.65
N TYR C 258 -87.87 -55.29 2.51
CA TYR C 258 -87.31 -53.95 2.63
C TYR C 258 -86.32 -53.64 1.50
N GLN C 259 -86.12 -54.57 0.56
CA GLN C 259 -85.33 -54.34 -0.64
C GLN C 259 -86.18 -53.73 -1.74
N CYS C 260 -85.60 -52.79 -2.49
CA CYS C 260 -86.25 -52.19 -3.65
C CYS C 260 -87.75 -51.92 -3.42
N ASN C 261 -88.04 -51.06 -2.44
CA ASN C 261 -89.42 -50.67 -2.11
C ASN C 261 -89.58 -49.16 -1.93
N GLY C 262 -88.71 -48.38 -2.57
CA GLY C 262 -88.82 -46.93 -2.59
C GLY C 262 -88.23 -46.19 -1.40
N GLU C 263 -87.62 -46.92 -0.46
CA GLU C 263 -87.00 -46.32 0.72
C GLU C 263 -85.62 -46.92 0.97
N VAL C 264 -84.67 -46.07 1.34
CA VAL C 264 -83.31 -46.50 1.64
C VAL C 264 -83.21 -46.85 3.12
N ASP C 265 -83.31 -48.14 3.44
CA ASP C 265 -83.26 -48.60 4.84
C ASP C 265 -81.84 -48.66 5.38
N CYS C 266 -80.92 -49.25 4.62
CA CYS C 266 -79.51 -49.29 5.02
C CYS C 266 -78.86 -47.94 4.76
N ILE C 267 -78.07 -47.44 5.72
CA ILE C 267 -77.29 -46.22 5.48
C ILE C 267 -76.22 -46.44 4.40
N THR C 268 -75.72 -47.67 4.31
CA THR C 268 -74.81 -48.07 3.23
C THR C 268 -75.51 -48.07 1.86
N GLY C 269 -76.84 -48.17 1.88
CA GLY C 269 -77.68 -47.79 0.73
C GLY C 269 -77.93 -48.81 -0.36
N GLU C 270 -77.28 -49.96 -0.28
CA GLU C 270 -77.29 -50.93 -1.38
C GLU C 270 -78.66 -51.54 -1.67
N ASP C 271 -79.60 -51.41 -0.72
CA ASP C 271 -80.97 -51.91 -0.90
C ASP C 271 -81.72 -51.18 -2.03
N GLU C 272 -81.31 -49.95 -2.34
CA GLU C 272 -81.90 -49.20 -3.44
C GLU C 272 -80.85 -48.87 -4.52
N VAL C 273 -80.18 -49.91 -5.01
CA VAL C 273 -79.36 -49.82 -6.22
C VAL C 273 -79.61 -51.07 -7.07
N GLY C 274 -80.03 -50.83 -8.31
CA GLY C 274 -80.34 -51.92 -9.24
C GLY C 274 -81.76 -52.39 -9.06
N CYS C 275 -82.68 -51.45 -8.86
CA CYS C 275 -84.09 -51.78 -8.59
C CYS C 275 -84.99 -51.39 -9.76
N ALA C 276 -84.47 -51.50 -10.98
CA ALA C 276 -85.23 -51.17 -12.19
C ALA C 276 -85.98 -49.84 -12.03
N GLY C 277 -85.28 -48.82 -11.55
CA GLY C 277 -85.86 -47.51 -11.29
C GLY C 277 -86.55 -47.46 -9.94
N MET C 293 -100.34 -44.68 7.00
CA MET C 293 -99.52 -43.83 7.86
C MET C 293 -98.01 -44.13 7.78
N ASP C 294 -97.64 -45.36 7.41
CA ASP C 294 -96.27 -45.68 7.04
C ASP C 294 -95.98 -45.09 5.67
N ALA C 295 -96.90 -45.33 4.74
CA ALA C 295 -96.89 -44.65 3.43
C ALA C 295 -96.69 -43.15 3.57
N GLU C 296 -97.30 -42.56 4.61
CA GLU C 296 -97.18 -41.13 4.89
C GLU C 296 -95.80 -40.72 5.42
N ARG C 297 -95.16 -41.57 6.23
CA ARG C 297 -93.84 -41.25 6.77
C ARG C 297 -92.74 -41.34 5.70
N ARG C 298 -92.85 -42.31 4.80
CA ARG C 298 -91.93 -42.44 3.67
C ARG C 298 -92.08 -41.26 2.73
N ARG C 299 -93.33 -40.88 2.46
CA ARG C 299 -93.61 -39.66 1.71
C ARG C 299 -92.96 -38.46 2.38
N ILE C 300 -93.13 -38.33 3.69
CA ILE C 300 -92.57 -37.20 4.43
C ILE C 300 -91.05 -37.16 4.34
N LYS C 301 -90.41 -38.32 4.44
CA LYS C 301 -88.96 -38.44 4.21
C LYS C 301 -88.53 -37.85 2.87
N SER C 302 -89.31 -38.12 1.83
CA SER C 302 -88.95 -37.70 0.47
C SER C 302 -89.15 -36.21 0.17
N LEU C 303 -89.50 -35.43 1.19
CA LEU C 303 -89.61 -33.97 1.06
C LEU C 303 -88.51 -33.23 1.82
N LEU C 304 -87.66 -33.97 2.54
CA LEU C 304 -86.53 -33.38 3.24
C LEU C 304 -85.45 -32.98 2.23
N PRO C 305 -84.68 -31.91 2.54
CA PRO C 305 -83.67 -31.43 1.59
C PRO C 305 -82.53 -32.42 1.39
N LYS C 306 -82.20 -32.70 0.13
CA LYS C 306 -81.04 -33.51 -0.23
C LYS C 306 -79.85 -32.58 -0.44
N LEU C 307 -78.73 -32.90 0.20
CA LEU C 307 -77.52 -32.07 0.11
C LEU C 307 -76.92 -32.08 -1.32
N SER C 308 -77.24 -33.11 -2.10
CA SER C 308 -76.82 -33.23 -3.50
C SER C 308 -75.37 -32.79 -3.70
N CYS C 309 -74.48 -33.56 -3.08
CA CYS C 309 -73.06 -33.28 -3.07
C CYS C 309 -72.31 -34.58 -3.34
N GLY C 310 -71.04 -34.47 -3.73
CA GLY C 310 -70.26 -35.63 -4.13
C GLY C 310 -70.86 -36.27 -5.37
N VAL C 311 -71.24 -35.43 -6.33
CA VAL C 311 -71.85 -35.87 -7.59
C VAL C 311 -70.75 -36.19 -8.62
N PRO C 334 -63.21 -34.60 -9.24
CA PRO C 334 -63.51 -33.17 -9.32
C PRO C 334 -63.50 -32.45 -7.96
N TRP C 335 -62.81 -33.04 -6.99
CA TRP C 335 -62.78 -32.51 -5.61
C TRP C 335 -61.37 -32.29 -5.03
N GLN C 336 -60.35 -32.81 -5.71
CA GLN C 336 -58.96 -32.73 -5.21
C GLN C 336 -58.43 -31.30 -5.26
N VAL C 337 -57.55 -30.98 -4.31
CA VAL C 337 -57.00 -29.64 -4.15
C VAL C 337 -55.54 -29.70 -3.70
N ALA C 338 -54.74 -28.74 -4.16
CA ALA C 338 -53.33 -28.63 -3.79
C ALA C 338 -53.13 -27.37 -2.96
N ILE C 339 -52.49 -27.51 -1.81
CA ILE C 339 -52.20 -26.38 -0.92
C ILE C 339 -50.75 -25.94 -1.12
N LYS C 340 -50.53 -25.12 -2.15
CA LYS C 340 -49.19 -24.60 -2.46
C LYS C 340 -48.76 -23.51 -1.48
N ASP C 341 -47.49 -23.12 -1.56
CA ASP C 341 -46.93 -22.13 -0.63
C ASP C 341 -45.67 -21.44 -1.18
N ALA C 342 -45.12 -20.51 -0.40
CA ALA C 342 -43.92 -19.77 -0.77
C ALA C 342 -42.67 -20.66 -0.74
N ILE C 345 -43.37 -26.47 -1.80
CA ILE C 345 -43.97 -27.80 -1.63
C ILE C 345 -45.49 -27.75 -1.87
N THR C 346 -46.16 -28.88 -1.68
CA THR C 346 -47.61 -28.98 -1.89
C THR C 346 -48.22 -30.07 -1.00
N CYS C 347 -49.23 -29.69 -0.21
CA CYS C 347 -49.98 -30.63 0.63
C CYS C 347 -51.30 -31.02 -0.02
N GLY C 348 -51.74 -32.26 0.21
CA GLY C 348 -52.96 -32.79 -0.39
C GLY C 348 -54.20 -32.39 0.36
N GLY C 349 -55.25 -32.03 -0.38
CA GLY C 349 -56.50 -31.58 0.21
C GLY C 349 -57.73 -31.91 -0.63
N ILE C 350 -58.90 -31.87 0.01
CA ILE C 350 -60.17 -32.08 -0.68
C ILE C 350 -61.17 -31.01 -0.25
N TYR C 351 -62.15 -30.75 -1.12
CA TYR C 351 -63.12 -29.66 -0.93
C TYR C 351 -64.46 -30.19 -0.43
N ILE C 352 -64.86 -29.70 0.74
CA ILE C 352 -66.09 -30.17 1.40
C ILE C 352 -67.17 -29.08 1.49
N GLY C 353 -67.19 -28.19 0.50
CA GLY C 353 -68.21 -27.15 0.40
C GLY C 353 -67.83 -25.85 1.08
N GLY C 354 -68.48 -24.77 0.68
CA GLY C 354 -68.25 -23.46 1.27
C GLY C 354 -66.84 -22.95 0.99
N CYS C 355 -66.15 -22.55 2.06
CA CYS C 355 -64.76 -22.11 1.98
C CYS C 355 -63.80 -23.24 2.32
N TRP C 356 -64.36 -24.39 2.68
CA TRP C 356 -63.65 -25.33 3.52
C TRP C 356 -62.83 -26.38 2.78
N ILE C 357 -61.63 -26.60 3.30
CA ILE C 357 -60.73 -27.62 2.81
C ILE C 357 -60.42 -28.53 3.98
N LEU C 358 -60.66 -29.82 3.82
CA LEU C 358 -60.34 -30.81 4.85
C LEU C 358 -59.02 -31.49 4.51
N THR C 359 -57.98 -31.19 5.29
CA THR C 359 -56.68 -31.83 5.12
C THR C 359 -56.19 -32.35 6.46
N ALA C 360 -55.08 -33.08 6.43
CA ALA C 360 -54.38 -33.45 7.66
C ALA C 360 -53.82 -32.19 8.31
N ALA C 361 -53.36 -32.32 9.55
CA ALA C 361 -52.81 -31.20 10.31
C ALA C 361 -51.28 -31.18 10.32
N HIS C 362 -50.67 -32.36 10.11
CA HIS C 362 -49.21 -32.50 10.16
C HIS C 362 -48.50 -31.87 8.97
N CYS C 363 -49.10 -32.00 7.79
CA CYS C 363 -48.52 -31.47 6.56
C CYS C 363 -48.46 -29.95 6.66
N LEU C 364 -49.54 -29.36 7.15
CA LEU C 364 -49.62 -27.93 7.41
C LEU C 364 -49.17 -27.64 8.84
N THR C 369 -44.26 -20.48 8.29
CA THR C 369 -44.90 -19.57 7.35
C THR C 369 -46.41 -19.83 7.28
N HIS C 370 -47.18 -18.99 7.97
CA HIS C 370 -48.63 -19.11 8.01
C HIS C 370 -49.30 -18.33 6.89
N ARG C 371 -49.07 -18.79 5.66
CA ARG C 371 -49.69 -18.19 4.47
C ARG C 371 -49.59 -19.13 3.26
N TYR C 372 -50.52 -20.08 3.21
CA TYR C 372 -50.58 -21.06 2.14
C TYR C 372 -51.53 -20.61 1.03
N GLN C 373 -51.18 -20.95 -0.22
CA GLN C 373 -52.03 -20.68 -1.38
C GLN C 373 -52.74 -21.97 -1.79
N ILE C 374 -53.99 -21.83 -2.22
CA ILE C 374 -54.85 -22.99 -2.51
C ILE C 374 -55.12 -23.13 -4.01
N TRP C 375 -54.48 -24.13 -4.62
CA TRP C 375 -54.63 -24.40 -6.05
C TRP C 375 -55.59 -25.57 -6.29
N THR C 376 -56.34 -25.48 -7.37
CA THR C 376 -57.23 -26.57 -7.80
C THR C 376 -56.97 -26.89 -9.27
N THR C 377 -57.10 -28.16 -9.64
CA THR C 377 -56.73 -28.64 -10.97
C THR C 377 -57.70 -28.17 -12.06
N VAL C 378 -58.96 -28.59 -11.93
CA VAL C 378 -60.00 -28.24 -12.91
C VAL C 378 -59.56 -28.57 -14.34
N ARG C 388 -58.82 -24.47 -16.92
CA ARG C 388 -58.46 -23.42 -15.99
C ARG C 388 -57.48 -23.93 -14.93
N ILE C 389 -56.80 -22.98 -14.27
CA ILE C 389 -55.97 -23.28 -13.12
C ILE C 389 -56.25 -22.21 -12.04
N VAL C 390 -57.37 -22.39 -11.35
CA VAL C 390 -57.89 -21.39 -10.41
C VAL C 390 -57.14 -21.45 -9.08
N ILE C 391 -56.97 -20.28 -8.45
CA ILE C 391 -56.25 -20.16 -7.18
C ILE C 391 -57.14 -19.51 -6.12
N GLU C 392 -56.94 -19.91 -4.86
CA GLU C 392 -57.61 -19.29 -3.72
C GLU C 392 -56.64 -19.09 -2.56
N TYR C 393 -57.04 -18.23 -1.61
CA TYR C 393 -56.19 -17.86 -0.48
C TYR C 393 -56.84 -18.20 0.86
N VAL C 394 -56.01 -18.37 1.89
CA VAL C 394 -56.44 -18.88 3.19
C VAL C 394 -56.73 -17.76 4.20
N ASP C 395 -57.95 -17.78 4.76
CA ASP C 395 -58.33 -16.87 5.85
C ASP C 395 -57.70 -17.35 7.15
N ARG C 396 -57.97 -18.61 7.51
CA ARG C 396 -57.40 -19.20 8.72
C ARG C 396 -57.26 -20.71 8.65
N ILE C 397 -56.48 -21.23 9.59
CA ILE C 397 -56.18 -22.65 9.70
C ILE C 397 -56.69 -23.17 11.04
N ILE C 398 -57.73 -24.01 11.00
CA ILE C 398 -58.29 -24.63 12.21
C ILE C 398 -57.68 -26.02 12.43
N PHE C 399 -56.68 -26.09 13.31
CA PHE C 399 -56.13 -27.37 13.77
C PHE C 399 -57.12 -27.99 14.75
N HIS C 400 -57.07 -29.32 14.86
CA HIS C 400 -57.81 -30.00 15.92
C HIS C 400 -57.04 -29.83 17.23
N GLU C 401 -57.75 -29.44 18.27
CA GLU C 401 -57.13 -28.94 19.51
C GLU C 401 -56.29 -29.99 20.24
N ASN C 402 -56.65 -31.25 20.05
CA ASN C 402 -55.96 -32.38 20.70
C ASN C 402 -55.07 -33.16 19.73
N TYR C 403 -54.70 -32.52 18.61
CA TYR C 403 -53.81 -33.14 17.63
C TYR C 403 -52.46 -33.44 18.27
N ASN C 404 -52.21 -34.72 18.53
CA ASN C 404 -50.97 -35.14 19.19
C ASN C 404 -49.93 -35.53 18.16
N ALA C 405 -48.88 -34.73 18.05
CA ALA C 405 -47.77 -34.98 17.13
C ALA C 405 -47.02 -36.27 17.48
N GLY C 406 -46.94 -36.59 18.77
CA GLY C 406 -46.30 -37.82 19.24
C GLY C 406 -46.97 -39.10 18.79
N THR C 407 -48.26 -39.03 18.48
CA THR C 407 -49.02 -40.21 18.02
C THR C 407 -49.77 -40.01 16.70
N TYR C 408 -49.85 -38.77 16.22
CA TYR C 408 -50.68 -38.39 15.06
C TYR C 408 -52.17 -38.73 15.23
N GLN C 409 -52.62 -38.77 16.49
CA GLN C 409 -54.04 -38.88 16.80
C GLN C 409 -54.68 -37.54 16.48
N ASN C 410 -55.88 -37.58 15.94
CA ASN C 410 -56.60 -36.37 15.53
C ASN C 410 -55.75 -35.54 14.56
N ASP C 411 -55.20 -36.23 13.55
CA ASP C 411 -54.41 -35.60 12.51
C ASP C 411 -55.35 -35.05 11.45
N ILE C 412 -55.95 -33.90 11.75
CA ILE C 412 -56.94 -33.30 10.88
C ILE C 412 -57.07 -31.79 11.12
N ALA C 413 -57.58 -31.09 10.10
CA ALA C 413 -57.74 -29.66 10.18
C ALA C 413 -58.60 -29.18 9.02
N LEU C 414 -59.25 -28.04 9.24
CA LEU C 414 -60.03 -27.37 8.21
C LEU C 414 -59.36 -26.04 7.92
N ILE C 415 -59.39 -25.65 6.65
CA ILE C 415 -58.88 -24.34 6.23
C ILE C 415 -60.02 -23.53 5.64
N GLU C 416 -60.14 -22.28 6.09
CA GLU C 416 -61.21 -21.39 5.65
C GLU C 416 -60.73 -20.46 4.55
N MET C 417 -61.27 -20.63 3.35
CA MET C 417 -60.97 -19.76 2.21
C MET C 417 -61.63 -18.39 2.33
N LYS C 418 -60.98 -17.37 1.78
CA LYS C 418 -61.53 -16.01 1.79
C LYS C 418 -62.53 -15.80 0.66
N LYS C 419 -63.40 -14.81 0.84
CA LYS C 419 -64.44 -14.47 -0.15
C LYS C 419 -64.15 -13.11 -0.75
N ASP C 420 -64.77 -12.82 -1.90
CA ASP C 420 -64.71 -11.49 -2.50
C ASP C 420 -65.72 -11.34 -3.65
N GLY C 421 -65.91 -10.10 -4.09
CA GLY C 421 -66.80 -9.82 -5.21
C GLY C 421 -68.27 -9.82 -4.82
N ASN C 422 -68.74 -8.67 -4.35
CA ASN C 422 -70.14 -8.48 -3.90
C ASN C 422 -70.54 -9.27 -2.64
N LYS C 423 -69.73 -10.26 -2.27
CA LYS C 423 -69.94 -11.06 -1.05
C LYS C 423 -71.32 -11.72 -1.01
N LYS C 424 -71.62 -12.49 -2.06
CA LYS C 424 -72.85 -13.26 -2.14
C LYS C 424 -72.76 -14.46 -1.18
N ASP C 425 -71.84 -15.37 -1.50
CA ASP C 425 -71.61 -16.57 -0.71
C ASP C 425 -70.16 -17.01 -0.90
N CYS C 426 -69.63 -17.72 0.08
CA CYS C 426 -68.22 -18.11 0.07
C CYS C 426 -67.90 -19.12 -1.02
N GLU C 427 -68.74 -20.14 -1.15
CA GLU C 427 -68.57 -21.14 -2.20
C GLU C 427 -68.70 -20.51 -3.57
N LEU C 428 -67.92 -21.01 -4.52
CA LEU C 428 -67.94 -20.53 -5.90
C LEU C 428 -68.12 -21.72 -6.84
N PRO C 429 -69.35 -22.21 -6.97
CA PRO C 429 -69.61 -23.38 -7.83
C PRO C 429 -69.26 -23.11 -9.29
N ARG C 430 -68.49 -23.98 -9.95
CA ARG C 430 -67.87 -25.19 -9.38
C ARG C 430 -66.40 -24.85 -9.08
N SER C 431 -65.59 -25.71 -8.43
CA SER C 431 -65.77 -27.17 -8.30
C SER C 431 -66.90 -27.68 -7.40
N ILE C 432 -67.15 -28.98 -7.50
CA ILE C 432 -68.17 -29.68 -6.72
C ILE C 432 -67.52 -30.36 -5.51
N PRO C 433 -68.15 -30.26 -4.31
CA PRO C 433 -67.53 -30.79 -3.11
C PRO C 433 -67.83 -32.26 -2.82
N ALA C 434 -66.98 -32.88 -2.00
CA ALA C 434 -67.20 -34.25 -1.53
C ALA C 434 -67.93 -34.25 -0.20
N CYS C 435 -68.92 -35.12 -0.06
CA CYS C 435 -69.70 -35.20 1.17
C CYS C 435 -68.89 -35.84 2.29
N VAL C 436 -68.99 -35.27 3.49
CA VAL C 436 -68.27 -35.76 4.65
C VAL C 436 -69.02 -36.96 5.23
N PRO C 437 -68.29 -38.00 5.67
CA PRO C 437 -68.95 -39.14 6.29
C PRO C 437 -69.37 -38.83 7.72
N TRP C 438 -70.58 -39.24 8.11
CA TRP C 438 -71.08 -39.00 9.47
C TRP C 438 -70.87 -40.22 10.35
N SER C 439 -71.12 -41.40 9.79
CA SER C 439 -71.04 -42.65 10.53
C SER C 439 -69.76 -43.38 10.19
N PRO C 440 -69.06 -43.94 11.19
CA PRO C 440 -67.90 -44.78 10.89
C PRO C 440 -68.27 -46.20 10.43
N TYR C 441 -69.44 -46.36 9.83
CA TYR C 441 -69.93 -47.67 9.36
C TYR C 441 -70.32 -47.65 7.88
N LEU C 442 -69.99 -46.56 7.20
CA LEU C 442 -70.36 -46.40 5.78
C LEU C 442 -69.42 -47.16 4.85
N PHE C 443 -68.21 -47.46 5.32
CA PHE C 443 -67.25 -48.26 4.54
C PHE C 443 -66.44 -49.20 5.44
N GLN C 444 -66.45 -50.48 5.08
CA GLN C 444 -65.85 -51.55 5.88
C GLN C 444 -64.63 -52.08 5.12
N PRO C 445 -63.90 -53.05 5.71
CA PRO C 445 -62.73 -53.61 5.03
C PRO C 445 -63.01 -54.11 3.60
N ASN C 446 -61.99 -54.02 2.75
CA ASN C 446 -62.02 -54.51 1.36
C ASN C 446 -63.00 -53.78 0.44
N ASP C 447 -63.46 -52.60 0.85
CA ASP C 447 -64.31 -51.76 0.00
C ASP C 447 -63.45 -50.97 -1.00
N THR C 448 -63.97 -50.78 -2.21
CA THR C 448 -63.25 -50.10 -3.28
C THR C 448 -63.20 -48.60 -3.05
N CYS C 449 -62.01 -48.10 -2.73
CA CYS C 449 -61.79 -46.67 -2.52
C CYS C 449 -60.54 -46.21 -3.29
N ILE C 450 -60.32 -44.90 -3.30
CA ILE C 450 -59.31 -44.29 -4.17
C ILE C 450 -58.40 -43.36 -3.38
N VAL C 451 -57.15 -43.26 -3.82
CA VAL C 451 -56.16 -42.36 -3.22
C VAL C 451 -55.47 -41.54 -4.31
N SER C 452 -55.33 -40.25 -4.08
CA SER C 452 -54.64 -39.33 -5.01
C SER C 452 -53.50 -38.63 -4.30
N GLY C 453 -52.60 -38.02 -5.08
CA GLY C 453 -51.47 -37.28 -4.54
C GLY C 453 -50.62 -36.59 -5.59
N TRP C 454 -49.47 -36.08 -5.17
CA TRP C 454 -48.50 -35.46 -6.07
C TRP C 454 -47.07 -35.79 -5.63
N LEU C 466 -51.93 -35.55 -10.31
CA LEU C 466 -52.87 -36.04 -11.33
C LEU C 466 -52.75 -37.55 -11.56
N GLN C 467 -52.59 -38.30 -10.48
CA GLN C 467 -52.58 -39.76 -10.52
C GLN C 467 -53.36 -40.34 -9.35
N TRP C 468 -53.73 -41.61 -9.47
CA TRP C 468 -54.46 -42.31 -8.42
C TRP C 468 -54.38 -43.82 -8.59
N GLY C 469 -54.82 -44.54 -7.57
CA GLY C 469 -54.87 -46.00 -7.61
C GLY C 469 -55.90 -46.55 -6.64
N GLU C 470 -56.62 -47.59 -7.06
CA GLU C 470 -57.64 -48.22 -6.22
C GLU C 470 -56.99 -48.89 -5.02
N VAL C 471 -57.34 -48.40 -3.83
CA VAL C 471 -56.78 -48.89 -2.57
C VAL C 471 -57.88 -49.52 -1.72
N LYS C 472 -57.54 -50.59 -1.00
CA LYS C 472 -58.51 -51.32 -0.20
C LYS C 472 -58.30 -51.11 1.29
N LEU C 473 -59.40 -51.08 2.03
CA LEU C 473 -59.36 -50.88 3.48
C LEU C 473 -59.05 -52.21 4.13
N ILE C 474 -58.05 -52.24 5.00
CA ILE C 474 -57.61 -53.49 5.65
C ILE C 474 -58.24 -53.66 7.04
N SER C 475 -58.46 -54.91 7.41
CA SER C 475 -59.04 -55.24 8.72
C SER C 475 -57.92 -55.62 9.69
N ASN C 476 -58.07 -55.20 10.95
CA ASN C 476 -57.12 -55.51 12.01
C ASN C 476 -55.72 -54.95 11.71
N CYS C 477 -55.61 -53.62 11.82
CA CYS C 477 -54.34 -52.94 11.57
C CYS C 477 -53.40 -53.01 12.78
N SER C 478 -53.93 -53.51 13.91
CA SER C 478 -53.11 -53.79 15.09
C SER C 478 -52.06 -54.88 14.83
N LYS C 479 -52.36 -55.76 13.87
CA LYS C 479 -51.42 -56.82 13.46
C LYS C 479 -50.08 -56.23 13.02
N PHE C 480 -50.13 -55.08 12.36
CA PHE C 480 -48.93 -54.40 11.88
C PHE C 480 -48.37 -53.45 12.94
N TYR C 481 -49.10 -52.37 13.21
CA TYR C 481 -48.57 -51.26 14.01
C TYR C 481 -48.86 -51.35 15.51
N GLY C 482 -49.60 -52.38 15.92
CA GLY C 482 -49.88 -52.62 17.34
C GLY C 482 -50.61 -51.47 18.00
N ASN C 483 -50.15 -51.09 19.19
CA ASN C 483 -50.80 -50.04 19.99
C ASN C 483 -50.48 -48.61 19.52
N ARG C 484 -49.77 -48.48 18.40
CA ARG C 484 -49.60 -47.18 17.76
C ARG C 484 -50.91 -46.76 17.08
N PHE C 485 -51.60 -47.74 16.52
CA PHE C 485 -52.87 -47.51 15.83
C PHE C 485 -54.01 -47.28 16.84
N TYR C 486 -54.88 -46.32 16.53
CA TYR C 486 -56.07 -46.03 17.32
C TYR C 486 -57.30 -46.14 16.42
N GLU C 487 -57.99 -47.29 16.50
CA GLU C 487 -59.12 -47.60 15.62
C GLU C 487 -60.30 -46.62 15.74
N LYS C 488 -60.37 -45.89 16.84
CA LYS C 488 -61.34 -44.81 17.01
C LYS C 488 -61.02 -43.65 16.06
N GLU C 489 -59.74 -43.28 16.03
CA GLU C 489 -59.28 -42.03 15.41
C GLU C 489 -58.53 -42.23 14.09
N MET C 490 -58.25 -43.48 13.71
CA MET C 490 -57.45 -43.79 12.52
C MET C 490 -58.07 -44.90 11.70
N GLU C 491 -57.69 -44.98 10.43
CA GLU C 491 -58.15 -46.00 9.48
C GLU C 491 -56.98 -46.44 8.60
N CYS C 492 -56.89 -47.75 8.33
CA CYS C 492 -55.81 -48.30 7.52
C CYS C 492 -56.26 -48.73 6.13
N ALA C 493 -55.39 -48.50 5.14
CA ALA C 493 -55.63 -48.95 3.78
C ALA C 493 -54.30 -49.21 3.07
N GLY C 494 -54.30 -50.20 2.18
CA GLY C 494 -53.12 -50.55 1.39
C GLY C 494 -53.51 -50.95 -0.04
N THR C 495 -52.63 -50.65 -0.99
CA THR C 495 -52.92 -50.90 -2.41
C THR C 495 -52.83 -52.38 -2.76
N PRO C 510 -55.88 -37.69 -0.12
CA PRO C 510 -56.93 -38.13 0.78
C PRO C 510 -57.61 -39.39 0.28
N LEU C 511 -57.91 -40.30 1.21
CA LEU C 511 -58.67 -41.51 0.89
C LEU C 511 -60.12 -41.14 0.60
N VAL C 512 -60.63 -41.61 -0.52
CA VAL C 512 -61.98 -41.23 -1.00
C VAL C 512 -62.71 -42.46 -1.52
N CYS C 513 -63.88 -42.73 -0.94
CA CYS C 513 -64.69 -43.90 -1.28
C CYS C 513 -65.95 -43.49 -2.01
N MET C 514 -66.50 -44.43 -2.78
CA MET C 514 -67.75 -44.21 -3.51
C MET C 514 -68.77 -45.28 -3.13
N ASP C 515 -69.98 -44.84 -2.78
CA ASP C 515 -71.04 -45.75 -2.35
C ASP C 515 -71.80 -46.34 -3.53
N ALA C 516 -72.81 -47.16 -3.25
CA ALA C 516 -73.60 -47.84 -4.28
C ALA C 516 -74.35 -46.89 -5.21
N ASN C 517 -74.82 -45.77 -4.67
CA ASN C 517 -75.63 -44.81 -5.43
C ASN C 517 -74.82 -43.65 -6.03
N ASN C 518 -73.61 -43.94 -6.50
CA ASN C 518 -72.73 -42.96 -7.17
C ASN C 518 -72.34 -41.72 -6.35
N VAL C 519 -72.54 -41.75 -5.03
CA VAL C 519 -72.11 -40.65 -4.15
C VAL C 519 -70.73 -40.97 -3.59
N THR C 520 -69.88 -39.94 -3.44
CA THR C 520 -68.47 -40.13 -3.10
C THR C 520 -68.07 -39.30 -1.88
N TYR C 521 -67.46 -39.97 -0.89
CA TYR C 521 -67.23 -39.39 0.43
C TYR C 521 -65.75 -39.33 0.83
N VAL C 522 -65.39 -38.26 1.55
CA VAL C 522 -64.04 -38.08 2.10
C VAL C 522 -63.83 -39.02 3.29
N TRP C 523 -63.53 -40.28 2.99
CA TRP C 523 -63.41 -41.31 4.02
C TRP C 523 -62.15 -41.14 4.86
N GLY C 524 -61.08 -40.63 4.25
CA GLY C 524 -59.81 -40.53 4.97
C GLY C 524 -58.91 -39.43 4.44
N VAL C 525 -57.89 -39.14 5.24
CA VAL C 525 -56.89 -38.14 4.93
C VAL C 525 -55.55 -38.71 5.39
N VAL C 526 -54.61 -38.87 4.44
CA VAL C 526 -53.33 -39.52 4.72
C VAL C 526 -52.70 -38.87 5.95
N SER C 527 -52.11 -39.69 6.82
CA SER C 527 -51.60 -39.21 8.11
C SER C 527 -50.15 -39.66 8.34
N TRP C 528 -49.93 -40.97 8.33
CA TRP C 528 -48.60 -41.55 8.54
C TRP C 528 -48.57 -43.01 8.08
N GLY C 529 -47.42 -43.67 8.25
CA GLY C 529 -47.28 -45.10 7.92
C GLY C 529 -45.94 -45.44 7.33
N GLU C 530 -45.54 -46.71 7.48
CA GLU C 530 -44.31 -47.24 6.90
C GLU C 530 -44.54 -47.55 5.42
N ASN C 531 -45.81 -47.78 5.06
CA ASN C 531 -46.23 -48.11 3.70
C ASN C 531 -45.41 -47.45 2.59
N GLU C 536 -45.92 -56.48 3.47
CA GLU C 536 -46.54 -55.25 2.99
C GLU C 536 -47.28 -54.55 4.13
N PHE C 537 -46.79 -53.35 4.49
CA PHE C 537 -47.39 -52.55 5.56
C PHE C 537 -48.37 -51.53 4.97
N PRO C 538 -49.58 -51.40 5.55
CA PRO C 538 -50.59 -50.50 5.02
C PRO C 538 -50.47 -49.07 5.57
N GLY C 539 -50.94 -48.10 4.80
CA GLY C 539 -50.89 -46.70 5.21
C GLY C 539 -51.93 -46.39 6.27
N VAL C 540 -51.55 -45.56 7.24
CA VAL C 540 -52.47 -45.10 8.28
C VAL C 540 -53.05 -43.73 7.91
N TYR C 541 -54.38 -43.66 7.91
CA TYR C 541 -55.11 -42.43 7.58
C TYR C 541 -55.91 -41.98 8.78
N THR C 542 -56.08 -40.67 8.93
CA THR C 542 -56.99 -40.13 9.94
C THR C 542 -58.43 -40.35 9.49
N LYS C 543 -59.16 -41.18 10.24
CA LYS C 543 -60.53 -41.57 9.90
C LYS C 543 -61.51 -40.42 10.12
N VAL C 544 -62.23 -40.01 9.07
CA VAL C 544 -63.04 -38.78 9.10
C VAL C 544 -64.39 -38.93 9.81
N ALA C 545 -65.10 -40.02 9.57
CA ALA C 545 -66.42 -40.25 10.19
C ALA C 545 -66.44 -39.90 11.68
N ASN C 546 -65.36 -40.23 12.36
CA ASN C 546 -65.16 -39.89 13.78
C ASN C 546 -65.08 -38.38 14.09
N TYR C 547 -65.03 -37.53 13.06
CA TYR C 547 -64.86 -36.09 13.25
C TYR C 547 -65.94 -35.26 12.55
N PHE C 548 -67.08 -35.89 12.25
CA PHE C 548 -68.22 -35.20 11.64
C PHE C 548 -68.79 -34.10 12.56
N ASP C 549 -68.70 -34.32 13.87
CA ASP C 549 -69.20 -33.36 14.86
C ASP C 549 -68.25 -32.18 15.05
N TRP C 550 -66.96 -32.47 15.13
CA TRP C 550 -65.92 -31.43 15.16
C TRP C 550 -65.95 -30.60 13.89
N ILE C 551 -66.28 -31.25 12.77
CA ILE C 551 -66.45 -30.55 11.49
C ILE C 551 -67.72 -29.68 11.51
N SER C 552 -68.85 -30.30 11.83
CA SER C 552 -70.16 -29.61 11.87
C SER C 552 -70.11 -28.31 12.67
N TYR C 553 -69.48 -28.37 13.83
CA TYR C 553 -69.39 -27.25 14.78
C TYR C 553 -68.62 -26.05 14.21
N HIS C 554 -67.58 -26.32 13.41
CA HIS C 554 -66.78 -25.25 12.80
C HIS C 554 -67.37 -24.78 11.47
N VAL C 555 -68.15 -25.64 10.83
CA VAL C 555 -68.86 -25.29 9.60
C VAL C 555 -70.24 -24.71 9.91
N LEU D 10 -11.60 -25.79 0.32
CA LEU D 10 -11.21 -26.60 1.50
C LEU D 10 -12.25 -26.47 2.62
N VAL D 11 -12.57 -25.24 2.99
CA VAL D 11 -13.47 -24.97 4.12
C VAL D 11 -14.93 -25.29 3.78
N GLU D 12 -15.62 -25.92 4.74
CA GLU D 12 -17.04 -26.26 4.58
C GLU D 12 -17.91 -25.09 5.03
N LYS D 13 -18.93 -24.77 4.23
CA LYS D 13 -19.75 -23.57 4.43
C LYS D 13 -20.77 -23.70 5.57
N LYS D 14 -21.12 -24.93 5.91
CA LYS D 14 -22.15 -25.19 6.93
C LYS D 14 -21.65 -24.98 8.35
N CYS D 15 -20.52 -25.61 8.68
CA CYS D 15 -19.98 -25.58 10.05
C CYS D 15 -19.38 -24.25 10.48
N LEU D 16 -19.15 -23.35 9.52
CA LEU D 16 -18.77 -21.97 9.83
C LEU D 16 -19.93 -21.23 10.49
N ALA D 17 -21.15 -21.60 10.08
CA ALA D 17 -22.37 -21.05 10.67
C ALA D 17 -22.53 -21.45 12.14
N LYS D 18 -21.88 -22.53 12.55
CA LYS D 18 -21.88 -22.98 13.95
C LYS D 18 -20.89 -22.17 14.79
N LYS D 19 -19.93 -21.54 14.14
CA LYS D 19 -18.93 -20.68 14.80
C LYS D 19 -18.08 -21.44 15.82
N TYR D 20 -17.68 -22.66 15.46
CA TYR D 20 -16.87 -23.50 16.33
C TYR D 20 -15.51 -22.87 16.61
N THR D 21 -15.09 -22.94 17.88
CA THR D 21 -13.79 -22.44 18.31
C THR D 21 -13.11 -23.49 19.17
N HIS D 22 -12.02 -23.10 19.84
CA HIS D 22 -11.28 -24.03 20.71
C HIS D 22 -12.12 -24.55 21.89
N LEU D 23 -13.17 -23.81 22.26
CA LEU D 23 -14.12 -24.23 23.29
C LEU D 23 -15.33 -24.98 22.71
N SER D 24 -15.19 -25.55 21.51
CA SER D 24 -16.24 -26.35 20.90
C SER D 24 -16.03 -27.83 21.17
N CYS D 25 -16.98 -28.43 21.89
CA CYS D 25 -16.94 -29.85 22.24
C CYS D 25 -17.19 -30.74 21.03
N ASP D 26 -17.95 -30.22 20.08
CA ASP D 26 -18.23 -30.93 18.84
C ASP D 26 -16.98 -31.27 18.04
N LYS D 27 -16.00 -30.37 18.05
CA LYS D 27 -14.82 -30.48 17.16
C LYS D 27 -13.53 -30.92 17.84
N VAL D 28 -13.24 -30.31 18.99
CA VAL D 28 -11.95 -30.49 19.66
C VAL D 28 -12.15 -30.81 21.13
N PHE D 29 -11.20 -31.53 21.71
CA PHE D 29 -11.19 -31.80 23.15
C PHE D 29 -10.97 -30.51 23.92
N CYS D 30 -11.48 -30.47 25.15
CA CYS D 30 -11.23 -29.37 26.07
C CYS D 30 -9.87 -29.58 26.70
N GLN D 31 -9.32 -28.50 27.25
CA GLN D 31 -8.07 -28.57 28.01
C GLN D 31 -8.34 -29.17 29.39
N PRO D 32 -7.31 -29.77 30.03
CA PRO D 32 -7.52 -30.57 31.25
C PRO D 32 -8.21 -29.85 32.42
N TRP D 33 -8.04 -28.53 32.49
CA TRP D 33 -8.66 -27.71 33.56
C TRP D 33 -10.09 -27.27 33.22
N GLN D 34 -10.70 -27.91 32.23
CA GLN D 34 -12.06 -27.60 31.78
C GLN D 34 -12.82 -28.90 31.61
N ARG D 35 -14.14 -28.82 31.50
CA ARG D 35 -14.97 -29.98 31.16
C ARG D 35 -16.06 -29.57 30.18
N CYS D 36 -16.56 -30.55 29.44
CA CYS D 36 -17.56 -30.30 28.41
C CYS D 36 -18.98 -30.18 29.00
N ILE D 37 -19.66 -29.07 28.68
CA ILE D 37 -21.06 -28.88 29.06
C ILE D 37 -21.84 -28.18 27.94
N GLU D 38 -22.87 -28.86 27.44
CA GLU D 38 -23.82 -28.30 26.45
C GLU D 38 -23.17 -27.82 25.14
N GLY D 39 -22.01 -28.36 24.79
CA GLY D 39 -21.28 -27.92 23.60
C GLY D 39 -20.08 -27.02 23.90
N THR D 40 -20.10 -26.39 25.07
CA THR D 40 -19.04 -25.46 25.47
C THR D 40 -18.07 -26.15 26.41
N CYS D 41 -16.78 -25.87 26.25
CA CYS D 41 -15.78 -26.28 27.23
C CYS D 41 -15.77 -25.24 28.34
N VAL D 42 -16.58 -25.49 29.35
CA VAL D 42 -16.69 -24.63 30.51
C VAL D 42 -15.67 -25.11 31.54
N CYS D 43 -15.28 -24.21 32.44
CA CYS D 43 -14.26 -24.51 33.46
C CYS D 43 -14.76 -25.50 34.50
N LYS D 44 -13.81 -26.08 35.22
CA LYS D 44 -14.09 -26.88 36.41
C LYS D 44 -13.42 -26.22 37.61
N LEU D 45 -13.89 -26.57 38.80
CA LEU D 45 -13.31 -26.02 40.04
C LEU D 45 -11.89 -26.55 40.21
N PRO D 46 -11.01 -25.76 40.86
CA PRO D 46 -9.62 -26.20 41.08
C PRO D 46 -9.50 -27.56 41.77
N TYR D 47 -10.40 -27.86 42.70
CA TYR D 47 -10.38 -29.15 43.39
C TYR D 47 -10.71 -30.31 42.44
N GLN D 48 -11.48 -30.04 41.40
CA GLN D 48 -11.79 -31.07 40.38
C GLN D 48 -10.58 -31.45 39.52
N CYS D 49 -9.47 -30.72 39.65
CA CYS D 49 -8.20 -31.14 39.06
C CYS D 49 -7.56 -32.22 39.93
N PRO D 50 -6.79 -33.14 39.31
CA PRO D 50 -6.03 -34.11 40.10
C PRO D 50 -5.20 -33.44 41.20
N LYS D 51 -4.93 -34.18 42.27
CA LYS D 51 -4.20 -33.63 43.42
C LYS D 51 -2.72 -34.06 43.40
N ASN D 52 -2.11 -34.00 42.22
CA ASN D 52 -0.68 -34.31 42.04
C ASN D 52 -0.05 -33.43 40.97
N GLY D 53 1.06 -32.79 41.31
CA GLY D 53 1.82 -31.96 40.37
C GLY D 53 2.85 -31.07 41.04
N THR D 54 3.64 -30.38 40.22
CA THR D 54 4.62 -29.42 40.73
C THR D 54 3.95 -28.09 41.07
N ALA D 55 4.68 -27.23 41.78
CA ALA D 55 4.17 -25.91 42.18
C ALA D 55 4.07 -24.96 40.99
N VAL D 56 3.25 -23.93 41.13
CA VAL D 56 3.03 -22.94 40.08
C VAL D 56 2.71 -21.58 40.69
N CYS D 57 3.29 -20.53 40.11
CA CYS D 57 3.09 -19.15 40.58
C CYS D 57 2.17 -18.37 39.64
N ALA D 58 1.45 -17.41 40.19
CA ALA D 58 0.49 -16.61 39.42
C ALA D 58 0.89 -15.14 39.40
N THR D 59 0.23 -14.38 38.52
CA THR D 59 0.68 -13.02 38.18
C THR D 59 0.58 -12.02 39.33
N ASN D 60 -0.37 -12.23 40.25
CA ASN D 60 -0.48 -11.40 41.45
C ASN D 60 0.27 -11.99 42.65
N ARG D 61 1.32 -12.75 42.36
CA ARG D 61 2.12 -13.46 43.37
C ARG D 61 1.23 -14.24 44.35
N ARG D 62 0.41 -15.13 43.79
CA ARG D 62 -0.28 -16.15 44.57
C ARG D 62 0.15 -17.53 44.05
N SER D 63 0.84 -18.27 44.90
CA SER D 63 1.37 -19.59 44.55
C SER D 63 0.27 -20.64 44.62
N PHE D 64 0.16 -21.45 43.57
CA PHE D 64 -0.82 -22.53 43.50
C PHE D 64 -0.14 -23.89 43.70
N PRO D 65 -0.88 -24.88 44.25
CA PRO D 65 -0.37 -26.24 44.40
C PRO D 65 0.00 -26.90 43.07
N THR D 66 -0.80 -26.67 42.04
CA THR D 66 -0.49 -27.17 40.70
C THR D 66 -0.96 -26.24 39.60
N TYR D 67 -0.47 -26.51 38.40
CA TYR D 67 -0.79 -25.76 37.18
C TYR D 67 -2.27 -25.88 36.78
N CYS D 68 -2.88 -27.03 37.05
CA CYS D 68 -4.30 -27.25 36.72
C CYS D 68 -5.21 -26.35 37.55
N GLN D 69 -4.82 -26.09 38.80
CA GLN D 69 -5.60 -25.26 39.70
C GLN D 69 -5.45 -23.78 39.35
N GLN D 70 -4.21 -23.37 39.09
CA GLN D 70 -3.91 -22.01 38.63
C GLN D 70 -4.67 -21.67 37.36
N LYS D 71 -4.71 -22.61 36.42
CA LYS D 71 -5.42 -22.41 35.16
C LYS D 71 -6.93 -22.55 35.34
N SER D 72 -7.35 -23.45 36.23
CA SER D 72 -8.77 -23.57 36.58
C SER D 72 -9.29 -22.23 37.11
N LEU D 73 -8.68 -21.76 38.19
CA LEU D 73 -9.05 -20.48 38.79
C LEU D 73 -9.05 -19.35 37.77
N GLU D 74 -8.06 -19.38 36.87
CA GLU D 74 -7.95 -18.39 35.79
C GLU D 74 -9.16 -18.41 34.85
N CYS D 75 -9.66 -19.59 34.52
CA CYS D 75 -10.90 -19.70 33.73
C CYS D 75 -12.07 -19.10 34.51
N LEU D 76 -12.17 -19.49 35.77
CA LEU D 76 -13.24 -19.03 36.67
C LEU D 76 -13.16 -17.53 36.98
N HIS D 77 -11.95 -17.00 37.03
CA HIS D 77 -11.73 -15.57 37.33
C HIS D 77 -10.58 -15.00 36.50
N PRO D 78 -10.90 -14.47 35.30
CA PRO D 78 -9.92 -13.81 34.45
C PRO D 78 -9.25 -12.61 35.13
N GLY D 79 -7.99 -12.36 34.79
CA GLY D 79 -7.21 -11.25 35.37
C GLY D 79 -6.09 -11.67 36.31
N THR D 80 -5.64 -12.92 36.17
CA THR D 80 -4.51 -13.44 36.93
C THR D 80 -3.95 -14.65 36.17
N LYS D 81 -2.76 -14.47 35.62
CA LYS D 81 -2.16 -15.42 34.67
C LYS D 81 -0.97 -16.19 35.26
N PHE D 82 -0.42 -17.09 34.46
CA PHE D 82 0.77 -17.85 34.85
C PHE D 82 1.99 -16.95 34.79
N LEU D 83 2.71 -16.86 35.90
CA LEU D 83 3.93 -16.05 35.99
C LEU D 83 5.18 -16.94 35.92
N ASN D 84 5.41 -17.72 36.98
CA ASN D 84 6.60 -18.57 37.09
C ASN D 84 6.22 -20.03 37.27
N ASN D 85 7.08 -20.93 36.82
CA ASN D 85 7.04 -22.32 37.25
C ASN D 85 7.49 -22.39 38.71
N GLY D 86 6.91 -23.30 39.48
CA GLY D 86 7.27 -23.48 40.88
C GLY D 86 6.72 -22.41 41.80
N THR D 87 7.25 -22.36 43.01
CA THR D 87 6.84 -21.35 43.98
C THR D 87 7.34 -19.98 43.55
N CYS D 88 6.61 -18.94 43.93
CA CYS D 88 6.99 -17.57 43.57
C CYS D 88 8.30 -17.18 44.23
N THR D 89 9.10 -16.39 43.54
CA THR D 89 10.32 -15.81 44.10
C THR D 89 9.98 -14.52 44.82
N ALA D 90 10.95 -13.96 45.53
CA ALA D 90 10.75 -12.76 46.33
C ALA D 90 10.56 -11.51 45.46
N GLU D 91 11.22 -11.48 44.30
CA GLU D 91 11.21 -10.31 43.42
C GLU D 91 11.08 -10.72 41.94
N GLY D 92 10.09 -11.56 41.65
CA GLY D 92 9.83 -12.03 40.28
C GLY D 92 9.16 -10.98 39.41
N LYS D 93 9.52 -10.94 38.14
CA LYS D 93 8.98 -9.96 37.20
C LYS D 93 9.12 -10.44 35.76
N PHE D 94 7.99 -10.48 35.05
CA PHE D 94 7.94 -10.83 33.64
C PHE D 94 7.42 -9.63 32.84
N SER D 95 8.08 -9.32 31.71
CA SER D 95 7.69 -8.19 30.86
C SER D 95 7.32 -8.64 29.45
N VAL D 96 6.39 -7.92 28.84
CA VAL D 96 6.04 -8.09 27.42
C VAL D 96 5.82 -6.72 26.81
N SER D 97 6.87 -6.16 26.21
CA SER D 97 6.82 -4.81 25.64
C SER D 97 7.38 -4.78 24.22
N LEU D 98 6.75 -3.96 23.39
CA LEU D 98 7.20 -3.73 22.01
C LEU D 98 8.05 -2.45 21.96
N LYS D 99 9.17 -2.52 21.24
CA LYS D 99 10.10 -1.39 21.13
C LYS D 99 10.24 -0.87 19.70
N HIS D 100 10.73 0.36 19.58
CA HIS D 100 10.96 1.04 18.29
C HIS D 100 9.69 1.25 17.46
N GLY D 101 8.54 1.23 18.12
CA GLY D 101 7.25 1.29 17.44
C GLY D 101 6.64 2.68 17.38
N ASN D 102 5.72 2.85 16.42
CA ASN D 102 4.99 4.11 16.24
C ASN D 102 3.54 4.00 16.71
N THR D 103 2.88 2.91 16.34
CA THR D 103 1.43 2.77 16.54
C THR D 103 1.00 2.10 17.86
N ASP D 104 1.97 1.69 18.69
CA ASP D 104 1.70 1.05 19.99
C ASP D 104 1.26 -0.42 19.87
N SER D 105 0.66 -0.77 18.73
CA SER D 105 0.34 -2.16 18.39
C SER D 105 1.41 -2.81 17.51
N GLU D 106 2.54 -2.12 17.32
CA GLU D 106 3.65 -2.59 16.49
C GLU D 106 5.00 -2.40 17.20
N GLY D 107 5.97 -3.24 16.86
CA GLY D 107 7.34 -3.08 17.36
C GLY D 107 8.17 -4.35 17.33
N ILE D 108 9.38 -4.24 17.87
CA ILE D 108 10.29 -5.39 18.02
C ILE D 108 10.06 -5.99 19.40
N VAL D 109 9.80 -7.30 19.43
CA VAL D 109 9.39 -7.98 20.67
C VAL D 109 10.56 -8.16 21.64
N GLU D 110 10.59 -7.34 22.69
CA GLU D 110 11.51 -7.55 23.82
C GLU D 110 10.79 -8.29 24.94
N VAL D 111 11.53 -9.11 25.68
CA VAL D 111 10.96 -9.96 26.73
C VAL D 111 11.90 -10.05 27.93
N LYS D 112 11.36 -9.76 29.11
CA LYS D 112 12.07 -9.90 30.37
C LYS D 112 11.55 -11.15 31.07
N LEU D 113 12.45 -12.04 31.47
CA LEU D 113 12.08 -13.29 32.14
C LEU D 113 12.36 -13.20 33.63
N VAL D 114 11.50 -13.84 34.43
CA VAL D 114 11.75 -13.98 35.86
C VAL D 114 13.04 -14.77 36.06
N ASP D 115 13.83 -14.36 37.05
CA ASP D 115 15.19 -14.88 37.23
C ASP D 115 16.03 -14.65 35.96
N GLN D 116 16.14 -13.39 35.58
CA GLN D 116 17.02 -12.93 34.51
C GLN D 116 17.09 -11.41 34.61
N ASP D 117 18.29 -10.87 34.84
CA ASP D 117 18.44 -9.46 35.20
C ASP D 117 18.64 -8.51 34.02
N LYS D 118 18.23 -8.93 32.82
CA LYS D 118 18.33 -8.10 31.62
C LYS D 118 17.16 -8.34 30.66
N THR D 119 16.95 -7.38 29.77
CA THR D 119 15.93 -7.50 28.73
C THR D 119 16.54 -8.13 27.50
N MET D 120 15.80 -9.05 26.87
CA MET D 120 16.33 -9.81 25.74
C MET D 120 15.36 -9.79 24.55
N PHE D 121 15.92 -9.96 23.35
CA PHE D 121 15.13 -9.96 22.12
C PHE D 121 14.57 -11.35 21.83
N ILE D 122 13.59 -11.40 20.94
CA ILE D 122 13.03 -12.64 20.44
C ILE D 122 13.56 -12.89 19.02
N CYS D 123 13.92 -14.14 18.73
CA CYS D 123 14.48 -14.50 17.43
C CYS D 123 13.41 -14.52 16.34
N LYS D 124 13.85 -14.47 15.09
CA LYS D 124 12.96 -14.49 13.93
C LYS D 124 12.96 -15.84 13.22
N SER D 125 14.05 -16.59 13.35
CA SER D 125 14.16 -17.92 12.75
C SER D 125 12.98 -18.81 13.13
N SER D 126 12.68 -18.83 14.43
CA SER D 126 11.56 -19.58 14.99
C SER D 126 10.52 -18.62 15.59
N TRP D 127 9.55 -18.22 14.77
CA TRP D 127 8.50 -17.30 15.20
C TRP D 127 7.32 -17.36 14.25
N SER D 128 6.41 -18.31 14.52
CA SER D 128 5.20 -18.45 13.71
C SER D 128 4.09 -17.55 14.26
N MET D 129 2.88 -17.73 13.75
CA MET D 129 1.71 -17.02 14.27
C MET D 129 1.37 -17.42 15.70
N ARG D 130 1.61 -18.70 16.03
CA ARG D 130 1.37 -19.23 17.37
C ARG D 130 1.85 -18.29 18.47
N GLU D 131 3.16 -18.05 18.51
CA GLU D 131 3.75 -17.18 19.53
C GLU D 131 3.38 -15.72 19.33
N ALA D 132 3.10 -15.36 18.08
CA ALA D 132 2.62 -14.02 17.73
C ALA D 132 1.26 -13.71 18.36
N ASN D 133 0.33 -14.65 18.25
CA ASN D 133 -1.02 -14.51 18.83
C ASN D 133 -1.01 -14.39 20.36
N VAL D 134 -0.21 -15.22 21.02
CA VAL D 134 -0.10 -15.20 22.48
C VAL D 134 0.50 -13.89 22.98
N ALA D 135 1.64 -13.51 22.42
CA ALA D 135 2.35 -12.28 22.82
C ALA D 135 1.45 -11.05 22.77
N CYS D 136 0.59 -10.99 21.75
CA CYS D 136 -0.35 -9.88 21.59
C CYS D 136 -1.48 -9.87 22.63
N LEU D 137 -1.77 -11.03 23.21
CA LEU D 137 -2.89 -11.15 24.16
C LEU D 137 -2.59 -10.40 25.45
N ASP D 138 -1.43 -10.67 26.06
CA ASP D 138 -1.03 -9.96 27.30
C ASP D 138 -0.35 -8.61 27.03
N LEU D 139 -0.22 -8.24 25.76
CA LEU D 139 0.07 -6.85 25.38
C LEU D 139 -1.19 -5.99 25.48
N GLY D 140 -2.32 -6.62 25.75
CA GLY D 140 -3.59 -5.92 25.97
C GLY D 140 -4.50 -5.88 24.75
N PHE D 141 -4.20 -6.72 23.77
CA PHE D 141 -4.95 -6.73 22.52
C PHE D 141 -5.71 -8.04 22.37
N GLN D 142 -7.03 -7.95 22.27
CA GLN D 142 -7.84 -9.10 21.88
C GLN D 142 -7.61 -9.27 20.39
N GLN D 143 -8.11 -10.39 19.83
CA GLN D 143 -7.93 -10.73 18.40
C GLN D 143 -6.57 -11.38 18.08
N GLY D 144 -5.60 -11.23 18.96
CA GLY D 144 -4.25 -11.77 18.72
C GLY D 144 -3.47 -10.94 17.71
N ALA D 145 -2.54 -11.60 17.01
CA ALA D 145 -1.65 -10.93 16.07
C ALA D 145 -2.28 -10.85 14.68
N ASP D 146 -1.80 -9.90 13.87
CA ASP D 146 -2.29 -9.73 12.51
C ASP D 146 -1.67 -10.76 11.58
N THR D 147 -2.47 -11.23 10.63
CA THR D 147 -2.06 -12.29 9.72
C THR D 147 -1.04 -11.82 8.66
N GLN D 148 -1.40 -10.79 7.89
CA GLN D 148 -0.62 -10.40 6.71
C GLN D 148 0.57 -9.49 7.01
N ARG D 149 0.29 -8.27 7.46
CA ARG D 149 1.28 -7.19 7.50
C ARG D 149 2.42 -7.41 8.50
N ARG D 150 3.62 -6.99 8.10
CA ARG D 150 4.82 -7.06 8.93
C ARG D 150 5.30 -5.66 9.32
N PHE D 151 6.30 -5.60 10.19
CA PHE D 151 6.90 -4.35 10.63
C PHE D 151 8.39 -4.32 10.27
N LYS D 152 8.83 -3.24 9.62
CA LYS D 152 10.22 -3.08 9.18
C LYS D 152 10.97 -2.06 10.04
N LEU D 153 12.28 -2.24 10.14
CA LEU D 153 13.13 -1.35 10.91
C LEU D 153 14.48 -1.14 10.23
N SER D 154 15.04 0.05 10.36
CA SER D 154 16.34 0.39 9.78
C SER D 154 17.47 -0.13 10.65
N GLU D 162 22.27 -12.60 22.67
CA GLU D 162 21.23 -12.76 23.69
C GLU D 162 19.83 -13.00 23.09
N CYS D 163 19.78 -13.73 21.97
CA CYS D 163 18.54 -14.03 21.27
C CYS D 163 17.79 -15.18 21.93
N LEU D 164 16.50 -14.97 22.22
CA LEU D 164 15.65 -15.99 22.86
C LEU D 164 14.80 -16.74 21.85
N HIS D 165 14.84 -18.07 21.92
CA HIS D 165 13.96 -18.94 21.14
C HIS D 165 12.69 -19.22 21.96
N VAL D 166 11.54 -18.88 21.38
CA VAL D 166 10.25 -19.02 22.06
C VAL D 166 9.38 -20.02 21.34
N HIS D 167 8.65 -20.83 22.10
CA HIS D 167 7.76 -21.83 21.53
C HIS D 167 6.45 -21.89 22.30
N CYS D 168 5.33 -21.80 21.56
CA CYS D 168 4.00 -21.74 22.13
C CYS D 168 3.03 -22.60 21.31
N ARG D 169 2.08 -23.25 21.96
CA ARG D 169 1.04 -24.00 21.27
C ARG D 169 0.02 -23.06 20.63
N GLY D 170 -0.30 -21.98 21.34
CA GLY D 170 -1.17 -20.91 20.80
C GLY D 170 -2.53 -20.77 21.46
N LEU D 171 -2.71 -21.42 22.62
CA LEU D 171 -3.88 -21.19 23.47
C LEU D 171 -3.50 -20.67 24.86
N GLU D 172 -2.20 -20.67 25.17
CA GLU D 172 -1.69 -20.01 26.37
C GLU D 172 -2.26 -18.58 26.44
N THR D 173 -2.43 -18.07 27.66
CA THR D 173 -2.96 -16.71 27.86
C THR D 173 -1.84 -15.67 28.04
N SER D 174 -0.62 -16.15 28.29
CA SER D 174 0.56 -15.31 28.34
C SER D 174 1.77 -16.02 27.75
N LEU D 175 2.81 -15.25 27.44
CA LEU D 175 4.07 -15.80 26.94
C LEU D 175 4.83 -16.52 28.05
N ALA D 176 4.57 -16.14 29.29
CA ALA D 176 5.20 -16.81 30.44
C ALA D 176 5.11 -18.32 30.32
N GLU D 177 3.93 -18.81 29.89
CA GLU D 177 3.67 -20.25 29.75
C GLU D 177 4.50 -20.92 28.65
N CYS D 178 4.99 -20.12 27.69
CA CYS D 178 5.78 -20.64 26.58
C CYS D 178 7.16 -21.08 27.05
N THR D 179 7.79 -21.97 26.28
CA THR D 179 9.12 -22.48 26.60
C THR D 179 10.19 -21.54 26.05
N PHE D 180 11.23 -21.28 26.86
CA PHE D 180 12.27 -20.31 26.54
C PHE D 180 13.68 -20.90 26.61
N THR D 181 14.45 -20.72 25.54
CA THR D 181 15.87 -21.11 25.49
C THR D 181 16.67 -20.05 24.74
N LYS D 182 18.00 -20.19 24.76
CA LYS D 182 18.91 -19.30 24.05
C LYS D 182 19.23 -19.86 22.66
N ARG D 183 19.21 -18.98 21.66
CA ARG D 183 19.53 -19.34 20.27
C ARG D 183 20.36 -18.21 19.67
N ARG D 184 21.50 -17.93 20.30
CA ARG D 184 22.40 -16.87 19.87
C ARG D 184 23.14 -17.26 18.59
N ASP D 190 17.57 -11.08 12.40
CA ASP D 190 16.60 -12.11 12.76
C ASP D 190 16.04 -11.85 14.16
N PHE D 191 15.44 -10.67 14.32
CA PHE D 191 14.79 -10.28 15.57
C PHE D 191 13.31 -10.05 15.30
N ALA D 192 12.47 -10.82 15.98
CA ALA D 192 11.04 -10.90 15.70
C ALA D 192 10.33 -9.55 15.78
N ASP D 193 9.48 -9.30 14.80
CA ASP D 193 8.59 -8.14 14.79
C ASP D 193 7.15 -8.65 14.80
N VAL D 194 6.22 -7.78 15.17
CA VAL D 194 4.82 -8.16 15.23
C VAL D 194 3.90 -6.96 15.00
N VAL D 195 2.68 -7.25 14.56
CA VAL D 195 1.62 -6.25 14.41
C VAL D 195 0.35 -6.82 15.04
N CYS D 196 0.01 -6.35 16.25
CA CYS D 196 -1.18 -6.83 16.96
C CYS D 196 -2.45 -6.23 16.36
N TYR D 197 -3.35 -7.10 15.93
CA TYR D 197 -4.55 -6.71 15.17
C TYR D 197 -5.38 -5.60 15.83
N THR D 198 -5.73 -4.59 15.03
CA THR D 198 -6.66 -3.53 15.44
C THR D 198 -7.37 -2.96 14.20
N GLN D 199 -8.57 -3.46 13.94
CA GLN D 199 -9.36 -3.01 12.79
C GLN D 199 -10.85 -2.96 13.11
N LYS D 200 -11.34 -1.77 13.47
CA LYS D 200 -12.77 -1.56 13.76
C LYS D 200 -13.58 -1.47 12.47
N PHE D 208 -10.24 -13.52 1.80
CA PHE D 208 -10.37 -13.22 3.23
C PHE D 208 -11.21 -14.28 3.96
N PHE D 209 -11.05 -14.33 5.28
CA PHE D 209 -11.72 -15.32 6.12
C PHE D 209 -11.95 -14.76 7.53
N GLN D 210 -13.23 -14.57 7.88
CA GLN D 210 -13.60 -14.00 9.17
C GLN D 210 -13.55 -15.05 10.28
N CYS D 211 -12.64 -14.87 11.23
CA CYS D 211 -12.59 -15.70 12.44
C CYS D 211 -13.76 -15.37 13.34
N VAL D 212 -14.06 -16.25 14.29
CA VAL D 212 -15.19 -16.06 15.22
C VAL D 212 -15.04 -14.80 16.06
N ASN D 213 -13.83 -14.50 16.48
CA ASN D 213 -13.55 -13.30 17.29
C ASN D 213 -13.65 -11.97 16.50
N GLY D 214 -13.88 -12.06 15.19
CA GLY D 214 -14.09 -10.88 14.34
C GLY D 214 -12.95 -10.64 13.36
N LYS D 215 -11.74 -11.04 13.73
CA LYS D 215 -10.54 -10.84 12.91
C LYS D 215 -10.68 -11.47 11.52
N TYR D 216 -9.98 -10.89 10.56
CA TYR D 216 -9.91 -11.41 9.19
C TYR D 216 -8.52 -11.97 8.88
N ILE D 217 -8.49 -13.09 8.16
CA ILE D 217 -7.23 -13.71 7.74
C ILE D 217 -7.28 -14.14 6.27
N SER D 218 -6.11 -14.20 5.64
CA SER D 218 -6.00 -14.59 4.23
C SER D 218 -6.49 -16.01 3.99
N GLN D 219 -6.81 -16.31 2.73
CA GLN D 219 -7.41 -17.59 2.37
C GLN D 219 -6.41 -18.74 2.47
N MET D 220 -5.18 -18.51 2.00
CA MET D 220 -4.11 -19.53 2.07
C MET D 220 -3.72 -19.87 3.52
N LYS D 221 -4.17 -19.05 4.46
CA LYS D 221 -3.92 -19.28 5.89
C LYS D 221 -4.86 -20.36 6.44
N ALA D 222 -6.07 -20.44 5.88
CA ALA D 222 -7.09 -21.39 6.35
C ALA D 222 -6.69 -22.84 6.05
N CYS D 223 -7.00 -23.73 6.99
CA CYS D 223 -6.73 -25.17 6.87
C CYS D 223 -5.28 -25.51 6.52
N ASP D 224 -4.33 -24.85 7.17
CA ASP D 224 -2.91 -25.13 6.97
C ASP D 224 -2.25 -25.81 8.18
N GLY D 225 -3.07 -26.18 9.17
CA GLY D 225 -2.58 -26.74 10.43
C GLY D 225 -2.45 -25.70 11.52
N ILE D 226 -1.67 -24.65 11.25
CA ILE D 226 -1.33 -23.63 12.26
C ILE D 226 -2.54 -22.76 12.61
N ASN D 227 -2.64 -22.39 13.89
CA ASN D 227 -3.73 -21.54 14.40
C ASN D 227 -3.42 -20.06 14.17
N ASP D 228 -4.00 -19.50 13.12
CA ASP D 228 -3.76 -18.10 12.75
C ASP D 228 -4.72 -17.15 13.44
N CYS D 229 -5.99 -17.54 13.50
CA CYS D 229 -7.02 -16.74 14.18
C CYS D 229 -6.75 -16.55 15.68
N GLY D 230 -6.12 -17.55 16.29
CA GLY D 230 -5.83 -17.52 17.73
C GLY D 230 -6.83 -18.39 18.49
N ASP D 231 -8.08 -18.33 18.07
CA ASP D 231 -9.17 -19.09 18.68
C ASP D 231 -9.50 -20.40 17.95
N GLN D 232 -8.62 -20.82 17.03
CA GLN D 232 -8.79 -22.04 16.23
C GLN D 232 -9.92 -22.03 15.19
N SER D 233 -10.62 -20.91 15.03
CA SER D 233 -11.74 -20.83 14.09
C SER D 233 -11.39 -21.41 12.71
N ASP D 234 -10.28 -20.93 12.15
CA ASP D 234 -9.89 -21.26 10.78
C ASP D 234 -9.46 -22.71 10.56
N GLU D 235 -9.17 -23.45 11.64
CA GLU D 235 -8.68 -24.82 11.55
C GLU D 235 -9.66 -25.82 12.17
N LEU D 236 -10.96 -25.58 12.01
CA LEU D 236 -12.00 -26.44 12.57
C LEU D 236 -13.20 -26.58 11.63
N CYS D 237 -12.93 -26.57 10.33
CA CYS D 237 -14.00 -26.64 9.32
C CYS D 237 -13.43 -26.99 7.94
N CYS D 238 -12.58 -28.01 7.91
CA CYS D 238 -11.76 -28.33 6.73
C CYS D 238 -12.09 -29.68 6.12
N LYS D 239 -12.36 -29.69 4.81
CA LYS D 239 -12.50 -30.92 4.03
C LYS D 239 -11.13 -31.57 3.81
N ALA D 240 -10.09 -30.74 3.73
CA ALA D 240 -8.71 -31.20 3.56
C ALA D 240 -7.72 -30.12 3.99
N CYS D 241 -6.52 -30.53 4.38
CA CYS D 241 -5.52 -29.61 4.91
C CYS D 241 -4.51 -29.16 3.85
N GLN D 242 -3.95 -27.98 4.08
CA GLN D 242 -3.00 -27.34 3.18
C GLN D 242 -1.61 -27.45 3.77
N GLY D 243 -0.59 -27.32 2.91
CA GLY D 243 0.80 -27.41 3.34
C GLY D 243 1.11 -28.76 3.96
N LYS D 244 1.79 -28.73 5.11
CA LYS D 244 2.10 -29.94 5.88
C LYS D 244 1.15 -30.06 7.08
N GLY D 245 -0.14 -30.02 6.79
CA GLY D 245 -1.18 -30.19 7.80
C GLY D 245 -1.86 -31.52 7.60
N PHE D 246 -2.28 -32.14 8.70
CA PHE D 246 -2.92 -33.45 8.69
C PHE D 246 -4.41 -33.33 8.97
N HIS D 247 -5.22 -33.86 8.07
CA HIS D 247 -6.67 -33.85 8.19
C HIS D 247 -7.15 -34.99 9.06
N CYS D 248 -7.82 -34.66 10.17
CA CYS D 248 -8.55 -35.63 10.96
C CYS D 248 -9.91 -35.86 10.31
N LYS D 249 -10.57 -36.96 10.69
CA LYS D 249 -11.91 -37.27 10.18
C LYS D 249 -13.00 -36.27 10.61
N SER D 250 -12.73 -35.52 11.68
CA SER D 250 -13.71 -34.60 12.28
C SER D 250 -13.92 -33.25 11.57
N GLY D 251 -13.26 -33.06 10.43
CA GLY D 251 -13.30 -31.77 9.73
C GLY D 251 -12.42 -30.72 10.40
N VAL D 252 -11.29 -31.17 10.94
CA VAL D 252 -10.33 -30.33 11.65
C VAL D 252 -8.94 -30.50 11.02
N CYS D 253 -8.12 -29.44 11.07
CA CYS D 253 -6.74 -29.49 10.58
C CYS D 253 -5.72 -29.24 11.70
N ILE D 254 -4.65 -30.03 11.69
CA ILE D 254 -3.57 -29.92 12.67
C ILE D 254 -2.20 -30.00 11.96
N PRO D 255 -1.14 -29.47 12.59
CA PRO D 255 0.22 -29.63 12.05
C PRO D 255 0.69 -31.10 11.97
N SER D 256 1.67 -31.36 11.11
CA SER D 256 2.16 -32.72 10.88
C SER D 256 3.08 -33.24 12.00
N GLN D 257 3.78 -32.33 12.67
CA GLN D 257 4.65 -32.71 13.79
C GLN D 257 3.84 -33.14 15.03
N TYR D 258 2.56 -32.76 15.07
CA TYR D 258 1.63 -33.20 16.12
C TYR D 258 1.24 -34.69 15.97
N GLN D 259 1.53 -35.28 14.81
CA GLN D 259 1.27 -36.71 14.57
C GLN D 259 2.25 -37.59 15.34
N CYS D 260 1.73 -38.65 15.96
CA CYS D 260 2.56 -39.60 16.72
C CYS D 260 3.47 -38.92 17.75
N ASN D 261 2.86 -38.25 18.73
CA ASN D 261 3.63 -37.60 19.81
C ASN D 261 3.15 -37.93 21.23
N GLY D 262 2.12 -38.77 21.35
CA GLY D 262 1.61 -39.20 22.66
C GLY D 262 0.25 -38.63 22.98
N GLU D 263 0.04 -37.39 22.57
CA GLU D 263 -1.22 -36.69 22.78
C GLU D 263 -2.12 -36.86 21.57
N VAL D 264 -3.39 -37.22 21.83
CA VAL D 264 -4.41 -37.28 20.79
C VAL D 264 -4.94 -35.86 20.59
N ASP D 265 -5.01 -35.42 19.33
CA ASP D 265 -5.48 -34.06 19.01
C ASP D 265 -6.71 -34.03 18.10
N CYS D 266 -7.21 -35.20 17.73
CA CYS D 266 -8.46 -35.30 16.98
C CYS D 266 -9.44 -36.14 17.78
N ILE D 267 -10.70 -35.75 17.73
CA ILE D 267 -11.76 -36.47 18.42
C ILE D 267 -12.00 -37.88 17.85
N THR D 268 -11.45 -38.15 16.66
CA THR D 268 -11.57 -39.46 16.03
C THR D 268 -10.36 -40.38 16.26
N GLY D 269 -9.23 -39.80 16.70
CA GLY D 269 -8.11 -40.58 17.27
C GLY D 269 -6.95 -40.95 16.37
N GLU D 270 -7.18 -41.00 15.06
CA GLU D 270 -6.23 -41.60 14.11
C GLU D 270 -4.79 -41.09 14.19
N ASP D 271 -4.62 -39.84 14.62
CA ASP D 271 -3.28 -39.23 14.71
C ASP D 271 -2.35 -39.87 15.74
N GLU D 272 -2.88 -40.82 16.52
CA GLU D 272 -2.06 -41.61 17.47
C GLU D 272 -2.28 -43.12 17.30
N VAL D 273 -2.76 -43.55 16.15
CA VAL D 273 -2.88 -44.96 15.84
C VAL D 273 -1.95 -45.31 14.68
N GLY D 274 -1.10 -46.31 14.91
CA GLY D 274 -0.07 -46.70 13.96
C GLY D 274 1.21 -45.90 14.16
N CYS D 275 1.56 -45.68 15.42
CA CYS D 275 2.73 -44.87 15.77
C CYS D 275 3.84 -45.69 16.44
N ALA D 276 3.72 -47.02 16.38
CA ALA D 276 4.71 -47.94 16.96
C ALA D 276 4.95 -47.68 18.46
N GLY D 277 3.87 -47.59 19.22
CA GLY D 277 3.93 -47.31 20.65
C GLY D 277 4.07 -45.82 20.93
N MET D 293 5.56 -26.23 30.23
CA MET D 293 4.14 -26.21 30.59
C MET D 293 3.24 -26.98 29.62
N ASP D 294 3.66 -27.11 28.36
CA ASP D 294 3.01 -28.03 27.44
C ASP D 294 3.31 -29.47 27.86
N ALA D 295 4.55 -29.70 28.31
CA ALA D 295 4.92 -30.95 28.96
C ALA D 295 4.01 -31.22 30.15
N GLU D 296 3.80 -30.21 30.99
CA GLU D 296 2.93 -30.32 32.15
C GLU D 296 1.50 -30.69 31.75
N ARG D 297 0.94 -29.98 30.76
CA ARG D 297 -0.47 -30.17 30.40
C ARG D 297 -0.77 -31.32 29.43
N ARG D 298 0.25 -31.82 28.76
CA ARG D 298 0.15 -33.14 28.11
C ARG D 298 -0.02 -34.19 29.20
N ARG D 299 0.90 -34.15 30.16
CA ARG D 299 0.96 -35.11 31.27
C ARG D 299 -0.33 -35.13 32.07
N ILE D 300 -0.89 -33.95 32.31
CA ILE D 300 -2.15 -33.84 33.07
C ILE D 300 -3.35 -34.42 32.31
N LYS D 301 -3.34 -34.31 30.98
CA LYS D 301 -4.41 -34.91 30.17
C LYS D 301 -4.40 -36.44 30.22
N SER D 302 -3.25 -37.04 30.53
CA SER D 302 -3.12 -38.50 30.65
C SER D 302 -3.46 -39.01 32.06
N LEU D 303 -3.82 -38.09 32.96
CA LEU D 303 -4.31 -38.42 34.30
C LEU D 303 -5.84 -38.40 34.37
N LEU D 304 -6.50 -37.94 33.31
CA LEU D 304 -7.96 -37.90 33.26
C LEU D 304 -8.51 -39.33 33.17
N PRO D 305 -9.38 -39.70 34.12
CA PRO D 305 -9.87 -41.08 34.19
C PRO D 305 -10.77 -41.42 33.01
N LYS D 306 -10.26 -42.23 32.09
CA LYS D 306 -11.03 -42.70 30.95
C LYS D 306 -12.01 -43.78 31.40
N LEU D 307 -13.29 -43.56 31.15
CA LEU D 307 -14.33 -44.54 31.45
C LEU D 307 -14.28 -45.66 30.43
N SER D 308 -14.61 -46.88 30.87
CA SER D 308 -14.68 -48.03 29.97
C SER D 308 -15.84 -47.85 29.01
N CYS D 309 -15.64 -48.25 27.76
CA CYS D 309 -16.59 -47.94 26.69
C CYS D 309 -16.27 -48.74 25.43
N GLY D 310 -17.18 -49.64 25.06
CA GLY D 310 -17.06 -50.44 23.84
C GLY D 310 -15.65 -50.96 23.56
N VAL D 311 -14.99 -51.43 24.61
CA VAL D 311 -13.58 -51.83 24.54
C VAL D 311 -13.46 -53.32 24.23
N LYS D 312 -12.24 -53.75 23.90
CA LYS D 312 -11.95 -55.18 23.70
C LYS D 312 -12.11 -55.95 25.01
N ASN D 313 -11.40 -55.49 26.04
CA ASN D 313 -11.40 -56.14 27.34
C ASN D 313 -12.62 -55.71 28.15
N GLY D 331 -19.77 -65.01 21.32
CA GLY D 331 -19.76 -63.74 22.03
C GLY D 331 -18.89 -62.69 21.37
N ASP D 332 -19.51 -61.87 20.52
CA ASP D 332 -18.84 -60.75 19.87
C ASP D 332 -19.60 -59.41 19.91
N LEU D 333 -20.86 -59.44 20.36
CA LEU D 333 -21.69 -58.23 20.47
C LEU D 333 -22.15 -58.02 21.92
N PRO D 334 -21.21 -57.75 22.83
CA PRO D 334 -21.51 -57.66 24.27
C PRO D 334 -22.37 -56.46 24.68
N TRP D 335 -22.67 -55.58 23.73
CA TRP D 335 -23.54 -54.42 23.95
C TRP D 335 -25.00 -54.70 23.56
N GLN D 336 -25.21 -55.64 22.64
CA GLN D 336 -26.54 -55.92 22.08
C GLN D 336 -27.51 -56.44 23.14
N VAL D 337 -28.78 -56.07 23.00
CA VAL D 337 -29.81 -56.29 24.02
C VAL D 337 -31.18 -56.49 23.37
N ALA D 338 -32.05 -57.22 24.05
CA ALA D 338 -33.39 -57.54 23.55
C ALA D 338 -34.49 -57.16 24.53
N ILE D 339 -35.32 -56.18 24.15
CA ILE D 339 -36.52 -55.85 24.91
C ILE D 339 -37.66 -56.73 24.42
N LYS D 340 -38.48 -57.23 25.35
CA LYS D 340 -39.65 -58.07 25.02
C LYS D 340 -40.80 -57.80 25.99
N ASP D 341 -42.02 -58.02 25.53
CA ASP D 341 -43.23 -57.84 26.35
C ASP D 341 -44.20 -59.02 26.19
N ALA D 342 -45.22 -59.04 27.04
CA ALA D 342 -46.20 -60.14 27.11
C ALA D 342 -46.69 -60.66 25.76
N SER D 343 -46.89 -59.76 24.82
CA SER D 343 -47.38 -60.12 23.47
C SER D 343 -46.38 -60.92 22.63
N GLY D 344 -45.11 -60.93 23.06
CA GLY D 344 -44.06 -61.63 22.32
C GLY D 344 -43.23 -60.72 21.44
N ILE D 345 -43.82 -59.61 21.01
CA ILE D 345 -43.14 -58.65 20.11
C ILE D 345 -41.89 -58.06 20.75
N THR D 346 -40.84 -57.94 19.94
CA THR D 346 -39.49 -57.65 20.43
C THR D 346 -38.94 -56.36 19.83
N CYS D 347 -38.16 -55.64 20.62
CA CYS D 347 -37.50 -54.42 20.15
C CYS D 347 -35.99 -54.52 20.35
N GLY D 348 -35.24 -53.90 19.44
CA GLY D 348 -33.79 -53.86 19.54
C GLY D 348 -33.33 -52.78 20.50
N GLY D 349 -32.23 -53.05 21.19
CA GLY D 349 -31.69 -52.12 22.17
C GLY D 349 -30.23 -52.35 22.45
N ILE D 350 -29.61 -51.43 23.17
CA ILE D 350 -28.18 -51.49 23.45
C ILE D 350 -27.89 -50.98 24.86
N TYR D 351 -26.80 -51.45 25.45
CA TYR D 351 -26.43 -51.11 26.82
C TYR D 351 -25.38 -50.01 26.85
N ILE D 352 -25.67 -48.94 27.60
CA ILE D 352 -24.83 -47.75 27.61
C ILE D 352 -24.28 -47.37 28.99
N GLY D 353 -24.22 -48.32 29.90
CA GLY D 353 -23.62 -48.09 31.22
C GLY D 353 -24.61 -47.79 32.34
N GLY D 354 -24.17 -48.01 33.57
CA GLY D 354 -25.02 -47.87 34.74
C GLY D 354 -26.10 -48.93 34.77
N CYS D 355 -27.35 -48.51 34.61
CA CYS D 355 -28.49 -49.41 34.51
C CYS D 355 -29.36 -49.04 33.31
N TRP D 356 -28.75 -48.35 32.34
CA TRP D 356 -29.50 -47.71 31.26
C TRP D 356 -29.31 -48.40 29.92
N ILE D 357 -30.36 -48.36 29.10
CA ILE D 357 -30.36 -49.00 27.79
C ILE D 357 -30.93 -48.03 26.75
N LEU D 358 -30.33 -48.01 25.57
CA LEU D 358 -30.76 -47.11 24.50
C LEU D 358 -31.53 -47.85 23.42
N THR D 359 -32.61 -47.23 22.95
CA THR D 359 -33.50 -47.83 21.95
C THR D 359 -34.22 -46.75 21.16
N ALA D 360 -34.95 -47.17 20.13
CA ALA D 360 -35.80 -46.27 19.37
C ALA D 360 -37.06 -45.94 20.17
N ALA D 361 -37.96 -45.16 19.58
CA ALA D 361 -39.22 -44.76 20.22
C ALA D 361 -40.43 -45.43 19.58
N HIS D 362 -40.44 -45.52 18.24
CA HIS D 362 -41.58 -46.07 17.51
C HIS D 362 -41.81 -47.57 17.76
N CYS D 363 -40.75 -48.29 18.11
CA CYS D 363 -40.83 -49.73 18.34
C CYS D 363 -41.60 -50.07 19.63
N LEU D 364 -41.27 -49.37 20.71
CA LEU D 364 -41.86 -49.65 22.04
C LEU D 364 -43.36 -49.35 22.13
N ARG D 365 -43.83 -48.39 21.33
CA ARG D 365 -45.24 -47.99 21.37
C ARG D 365 -46.18 -48.95 20.61
N ALA D 366 -45.62 -49.97 19.97
CA ALA D 366 -46.43 -51.05 19.37
C ALA D 366 -47.03 -51.96 20.45
N SER D 367 -46.39 -52.00 21.62
CA SER D 367 -46.85 -52.83 22.73
C SER D 367 -48.10 -52.23 23.36
N LYS D 368 -49.08 -53.09 23.63
CA LYS D 368 -50.34 -52.69 24.27
C LYS D 368 -50.19 -52.66 25.78
N THR D 369 -49.48 -53.64 26.33
CA THR D 369 -49.28 -53.78 27.76
C THR D 369 -48.40 -52.68 28.34
N HIS D 370 -47.26 -52.44 27.69
CA HIS D 370 -46.23 -51.49 28.14
C HIS D 370 -45.46 -51.97 29.39
N ARG D 371 -45.45 -53.28 29.60
CA ARG D 371 -44.62 -53.93 30.62
C ARG D 371 -43.62 -54.83 29.92
N TYR D 372 -42.33 -54.46 29.99
CA TYR D 372 -41.29 -55.12 29.22
C TYR D 372 -40.29 -55.87 30.11
N GLN D 373 -39.53 -56.76 29.47
CA GLN D 373 -38.42 -57.47 30.09
C GLN D 373 -37.23 -57.43 29.13
N ILE D 374 -36.02 -57.48 29.68
CA ILE D 374 -34.79 -57.30 28.89
C ILE D 374 -33.93 -58.57 28.90
N TRP D 375 -33.72 -59.16 27.71
CA TRP D 375 -32.91 -60.36 27.54
C TRP D 375 -31.48 -60.03 27.09
N THR D 376 -30.52 -60.08 28.03
CA THR D 376 -29.12 -59.73 27.75
C THR D 376 -28.22 -60.96 27.57
N THR D 377 -28.48 -61.72 26.50
CA THR D 377 -27.69 -62.92 26.19
C THR D 377 -26.29 -62.54 25.71
N ILE D 389 -27.75 -64.80 29.94
CA ILE D 389 -29.20 -64.93 29.80
C ILE D 389 -29.97 -64.60 31.09
N VAL D 390 -29.50 -63.58 31.81
CA VAL D 390 -30.14 -63.11 33.03
C VAL D 390 -31.11 -61.97 32.67
N ILE D 391 -32.40 -62.23 32.87
CA ILE D 391 -33.45 -61.27 32.50
C ILE D 391 -33.55 -60.12 33.50
N GLU D 392 -33.80 -58.93 32.99
CA GLU D 392 -33.97 -57.73 33.80
C GLU D 392 -35.34 -57.13 33.55
N TYR D 393 -35.73 -56.18 34.40
CA TYR D 393 -37.08 -55.59 34.34
C TYR D 393 -37.01 -54.07 34.24
N VAL D 394 -38.09 -53.49 33.73
CA VAL D 394 -38.17 -52.04 33.51
C VAL D 394 -38.40 -51.28 34.83
N ASP D 395 -37.57 -50.27 35.05
CA ASP D 395 -37.79 -49.31 36.13
C ASP D 395 -38.75 -48.26 35.60
N ARG D 396 -38.38 -47.65 34.48
CA ARG D 396 -39.26 -46.74 33.74
C ARG D 396 -38.72 -46.50 32.32
N ILE D 397 -39.61 -46.08 31.43
CA ILE D 397 -39.25 -45.76 30.05
C ILE D 397 -39.45 -44.27 29.80
N ILE D 398 -38.48 -43.66 29.11
CA ILE D 398 -38.52 -42.22 28.82
C ILE D 398 -38.46 -41.96 27.31
N PHE D 399 -39.60 -41.67 26.70
CA PHE D 399 -39.65 -41.23 25.32
C PHE D 399 -39.18 -39.79 25.23
N HIS D 400 -38.93 -39.32 24.00
CA HIS D 400 -38.38 -37.98 23.79
C HIS D 400 -39.50 -36.94 23.61
N GLU D 401 -39.26 -35.74 24.14
CA GLU D 401 -40.28 -34.69 24.27
C GLU D 401 -41.09 -34.48 22.98
N ASN D 402 -40.40 -34.03 21.93
CA ASN D 402 -41.05 -33.61 20.69
C ASN D 402 -41.01 -34.71 19.62
N TYR D 403 -41.24 -35.95 20.02
CA TYR D 403 -41.29 -37.07 19.09
C TYR D 403 -42.43 -36.86 18.10
N ASN D 404 -42.18 -37.26 16.85
CA ASN D 404 -43.14 -37.14 15.76
C ASN D 404 -43.34 -38.52 15.14
N ALA D 405 -44.60 -38.91 14.94
CA ALA D 405 -44.95 -40.26 14.50
C ALA D 405 -44.98 -40.43 12.98
N GLY D 406 -45.15 -39.33 12.26
CA GLY D 406 -45.18 -39.34 10.80
C GLY D 406 -43.81 -39.16 10.18
N THR D 407 -43.06 -38.18 10.71
CA THR D 407 -41.73 -37.86 10.19
C THR D 407 -40.61 -38.63 10.88
N TYR D 408 -40.95 -39.37 11.94
CA TYR D 408 -40.00 -40.14 12.75
C TYR D 408 -38.91 -39.28 13.42
N GLN D 409 -39.18 -37.99 13.58
CA GLN D 409 -38.25 -37.08 14.27
C GLN D 409 -38.17 -37.43 15.75
N ASN D 410 -36.96 -37.38 16.29
CA ASN D 410 -36.71 -37.66 17.70
C ASN D 410 -37.18 -39.08 18.12
N ASP D 411 -36.94 -40.03 17.22
CA ASP D 411 -37.27 -41.46 17.43
C ASP D 411 -36.25 -42.12 18.36
N ILE D 412 -36.22 -41.66 19.61
CA ILE D 412 -35.22 -42.09 20.58
C ILE D 412 -35.85 -42.31 21.95
N ALA D 413 -35.29 -43.24 22.72
CA ALA D 413 -35.88 -43.62 24.01
C ALA D 413 -34.90 -44.36 24.91
N LEU D 414 -35.00 -44.10 26.21
CA LEU D 414 -34.17 -44.76 27.21
C LEU D 414 -34.97 -45.80 27.99
N ILE D 415 -34.29 -46.85 28.41
CA ILE D 415 -34.86 -47.86 29.31
C ILE D 415 -33.97 -47.99 30.53
N GLU D 416 -34.50 -47.62 31.70
CA GLU D 416 -33.78 -47.82 32.97
C GLU D 416 -34.14 -49.18 33.53
N MET D 417 -33.15 -50.06 33.64
CA MET D 417 -33.35 -51.38 34.21
C MET D 417 -33.60 -51.28 35.71
N LYS D 418 -34.40 -52.21 36.23
CA LYS D 418 -34.68 -52.27 37.67
C LYS D 418 -33.48 -52.88 38.40
N LYS D 419 -33.21 -52.36 39.59
CA LYS D 419 -32.11 -52.84 40.42
C LYS D 419 -32.60 -54.00 41.29
N ASP D 420 -31.74 -54.48 42.18
CA ASP D 420 -32.10 -55.55 43.11
C ASP D 420 -31.39 -55.38 44.46
N GLY D 421 -32.19 -55.30 45.52
CA GLY D 421 -31.67 -55.14 46.88
C GLY D 421 -31.67 -53.70 47.36
N ASN D 422 -31.34 -53.51 48.63
CA ASN D 422 -31.26 -52.17 49.23
C ASN D 422 -29.98 -51.41 48.83
N LYS D 423 -29.04 -52.12 48.20
CA LYS D 423 -27.78 -51.54 47.73
C LYS D 423 -28.00 -50.29 46.86
N LYS D 424 -29.03 -50.34 46.03
CA LYS D 424 -29.36 -49.27 45.07
C LYS D 424 -28.21 -49.05 44.08
N ASP D 425 -27.58 -50.16 43.69
CA ASP D 425 -26.53 -50.17 42.68
C ASP D 425 -26.95 -51.13 41.57
N CYS D 426 -26.44 -50.89 40.36
CA CYS D 426 -26.79 -51.72 39.21
C CYS D 426 -25.55 -52.10 38.40
N GLU D 427 -25.16 -53.37 38.51
CA GLU D 427 -24.04 -53.93 37.76
C GLU D 427 -24.58 -55.05 36.87
N LEU D 428 -23.74 -55.51 35.94
CA LEU D 428 -24.11 -56.57 35.00
C LEU D 428 -22.88 -57.41 34.62
N PRO D 429 -22.91 -58.73 34.87
CA PRO D 429 -21.79 -59.60 34.55
C PRO D 429 -21.77 -60.01 33.07
N PRO D 433 -20.67 -52.52 27.21
CA PRO D 433 -21.48 -51.32 27.01
C PRO D 433 -20.97 -50.46 25.84
N ALA D 434 -21.83 -50.25 24.84
CA ALA D 434 -21.49 -49.43 23.68
C ALA D 434 -21.59 -47.95 24.04
N CYS D 435 -20.52 -47.21 23.75
CA CYS D 435 -20.35 -45.86 24.28
C CYS D 435 -21.22 -44.81 23.58
N VAL D 436 -21.44 -43.69 24.25
CA VAL D 436 -22.35 -42.64 23.78
C VAL D 436 -21.57 -41.51 23.09
N PRO D 437 -21.89 -41.22 21.82
CA PRO D 437 -21.19 -40.17 21.08
C PRO D 437 -21.52 -38.78 21.60
N TRP D 438 -20.49 -37.95 21.75
CA TRP D 438 -20.66 -36.57 22.22
C TRP D 438 -20.71 -35.57 21.07
N SER D 439 -20.39 -36.04 19.86
CA SER D 439 -20.25 -35.16 18.69
C SER D 439 -20.77 -35.84 17.43
N PRO D 440 -21.45 -35.09 16.54
CA PRO D 440 -21.90 -35.68 15.28
C PRO D 440 -20.80 -35.83 14.21
N TYR D 441 -19.56 -35.45 14.55
CA TYR D 441 -18.42 -35.51 13.63
C TYR D 441 -17.45 -36.67 13.96
N LEU D 442 -17.88 -37.60 14.78
CA LEU D 442 -17.02 -38.73 15.18
C LEU D 442 -16.99 -39.82 14.08
N PHE D 443 -18.01 -39.83 13.24
CA PHE D 443 -18.07 -40.74 12.10
C PHE D 443 -18.77 -40.05 10.92
N GLN D 444 -18.06 -39.93 9.81
CA GLN D 444 -18.56 -39.21 8.64
C GLN D 444 -18.95 -40.19 7.52
N PRO D 445 -19.62 -39.70 6.45
CA PRO D 445 -20.01 -40.57 5.34
C PRO D 445 -18.89 -41.43 4.77
N ASN D 446 -19.28 -42.59 4.23
CA ASN D 446 -18.34 -43.59 3.72
C ASN D 446 -17.32 -44.05 4.78
N ASP D 447 -17.81 -44.19 6.02
CA ASP D 447 -17.12 -44.89 7.09
C ASP D 447 -17.91 -46.17 7.36
N THR D 448 -17.23 -47.23 7.79
CA THR D 448 -17.85 -48.56 7.91
C THR D 448 -18.42 -48.82 9.32
N CYS D 449 -19.64 -49.32 9.35
CA CYS D 449 -20.38 -49.54 10.60
C CYS D 449 -21.09 -50.90 10.58
N ILE D 450 -21.77 -51.24 11.68
CA ILE D 450 -22.43 -52.54 11.84
C ILE D 450 -23.83 -52.39 12.43
N VAL D 451 -24.74 -53.28 12.02
CA VAL D 451 -26.15 -53.27 12.46
C VAL D 451 -26.69 -54.67 12.68
N SER D 452 -26.83 -55.08 13.95
CA SER D 452 -27.32 -56.40 14.30
C SER D 452 -28.86 -56.48 14.25
N GLY D 453 -29.40 -57.67 14.47
CA GLY D 453 -30.85 -57.87 14.49
C GLY D 453 -31.27 -59.33 14.50
N TRP D 454 -32.57 -59.56 14.28
CA TRP D 454 -33.15 -60.90 14.28
C TRP D 454 -34.06 -61.09 13.07
N GLY D 469 -25.53 -57.56 8.21
CA GLY D 469 -24.08 -57.44 8.22
C GLY D 469 -23.60 -56.00 8.30
N GLU D 470 -22.49 -55.70 7.62
CA GLU D 470 -21.90 -54.36 7.64
C GLU D 470 -22.68 -53.39 6.74
N VAL D 471 -22.26 -52.13 6.75
CA VAL D 471 -23.00 -51.06 6.09
C VAL D 471 -22.17 -49.76 6.12
N LYS D 472 -22.36 -48.92 5.11
CA LYS D 472 -21.60 -47.67 4.99
C LYS D 472 -22.52 -46.46 5.11
N LEU D 473 -22.13 -45.49 5.93
CA LEU D 473 -22.86 -44.23 6.02
C LEU D 473 -22.76 -43.52 4.68
N ILE D 474 -23.87 -42.97 4.21
CA ILE D 474 -23.90 -42.31 2.89
C ILE D 474 -24.29 -40.84 3.00
N SER D 475 -23.66 -40.02 2.17
CA SER D 475 -23.85 -38.57 2.20
C SER D 475 -25.01 -38.14 1.32
N ASN D 476 -25.65 -37.04 1.70
CA ASN D 476 -26.73 -36.43 0.92
C ASN D 476 -27.89 -37.39 0.68
N CYS D 477 -28.50 -37.84 1.77
CA CYS D 477 -29.63 -38.78 1.71
C CYS D 477 -30.90 -38.15 1.11
N SER D 478 -30.86 -36.84 0.85
CA SER D 478 -31.96 -36.12 0.20
C SER D 478 -32.23 -36.56 -1.25
N LYS D 479 -31.28 -37.27 -1.86
CA LYS D 479 -31.48 -37.84 -3.20
C LYS D 479 -32.48 -38.99 -3.13
N PHE D 480 -32.30 -39.86 -2.13
CA PHE D 480 -33.16 -41.03 -1.95
C PHE D 480 -34.55 -40.67 -1.43
N TYR D 481 -34.62 -39.62 -0.61
CA TYR D 481 -35.89 -39.22 0.03
C TYR D 481 -36.21 -37.74 -0.22
N GLY D 482 -35.56 -36.84 0.52
CA GLY D 482 -35.75 -35.40 0.35
C GLY D 482 -36.19 -34.67 1.62
N ASN D 483 -37.44 -34.24 1.65
CA ASN D 483 -38.02 -33.52 2.80
C ASN D 483 -38.04 -34.40 4.05
N ARG D 484 -38.37 -35.68 3.85
CA ARG D 484 -38.45 -36.67 4.93
C ARG D 484 -37.17 -36.81 5.77
N PHE D 485 -36.01 -36.63 5.13
CA PHE D 485 -34.73 -36.70 5.83
C PHE D 485 -34.40 -35.36 6.48
N TYR D 486 -34.01 -35.39 7.74
CA TYR D 486 -33.62 -34.20 8.50
C TYR D 486 -32.20 -34.34 9.02
N GLU D 487 -31.26 -33.63 8.39
CA GLU D 487 -29.82 -33.75 8.68
C GLU D 487 -29.46 -33.78 10.16
N LYS D 488 -30.12 -32.93 10.95
CA LYS D 488 -29.80 -32.76 12.37
C LYS D 488 -30.16 -33.98 13.22
N GLU D 489 -31.33 -34.58 12.94
CA GLU D 489 -31.83 -35.69 13.76
C GLU D 489 -31.39 -37.06 13.27
N MET D 490 -31.20 -37.20 11.96
CA MET D 490 -31.10 -38.53 11.35
C MET D 490 -29.74 -38.84 10.74
N GLU D 491 -29.59 -40.08 10.28
CA GLU D 491 -28.36 -40.55 9.64
C GLU D 491 -28.67 -41.80 8.83
N CYS D 492 -28.62 -41.67 7.50
CA CYS D 492 -28.84 -42.80 6.60
C CYS D 492 -27.62 -43.70 6.52
N ALA D 493 -27.83 -44.93 6.05
CA ALA D 493 -26.74 -45.89 5.88
C ALA D 493 -27.07 -46.92 4.79
N GLY D 494 -26.29 -46.91 3.72
CA GLY D 494 -26.45 -47.86 2.62
C GLY D 494 -25.87 -49.21 2.96
N THR D 495 -26.67 -50.26 2.80
CA THR D 495 -26.26 -51.63 3.14
C THR D 495 -25.10 -52.09 2.26
N TYR D 496 -24.30 -53.02 2.78
CA TYR D 496 -23.03 -53.41 2.14
C TYR D 496 -23.27 -54.23 0.86
N ASP D 497 -22.19 -54.81 0.33
CA ASP D 497 -22.22 -55.62 -0.88
C ASP D 497 -21.88 -57.09 -0.54
N GLY D 498 -22.86 -57.90 -0.16
CA GLY D 498 -24.26 -57.48 0.05
C GLY D 498 -24.89 -58.29 1.18
N SER D 499 -25.00 -57.66 2.35
CA SER D 499 -25.35 -58.36 3.58
C SER D 499 -26.83 -58.77 3.65
N ILE D 500 -27.63 -58.03 4.43
CA ILE D 500 -29.02 -58.43 4.71
C ILE D 500 -29.94 -57.22 4.89
N ASP D 501 -31.18 -57.37 4.39
CA ASP D 501 -32.21 -56.34 4.52
C ASP D 501 -33.48 -56.82 5.26
N ALA D 502 -33.58 -58.13 5.49
CA ALA D 502 -34.68 -58.74 6.27
C ALA D 502 -36.04 -58.68 5.57
N CYS D 503 -36.04 -58.71 4.24
CA CYS D 503 -37.27 -58.74 3.44
C CYS D 503 -37.12 -59.66 2.23
N SER D 507 -37.87 -53.95 11.42
CA SER D 507 -37.42 -52.95 12.39
C SER D 507 -36.56 -53.56 13.49
N GLY D 508 -36.17 -52.72 14.45
CA GLY D 508 -35.32 -53.13 15.57
C GLY D 508 -33.84 -53.13 15.21
N GLY D 509 -33.00 -52.73 16.16
CA GLY D 509 -31.54 -52.84 16.03
C GLY D 509 -30.83 -51.50 16.06
N PRO D 510 -29.69 -51.42 16.79
CA PRO D 510 -28.86 -50.22 16.76
C PRO D 510 -27.75 -50.26 15.70
N LEU D 511 -27.38 -49.06 15.23
CA LEU D 511 -26.25 -48.87 14.34
C LEU D 511 -25.04 -48.47 15.17
N VAL D 512 -24.04 -49.34 15.25
CA VAL D 512 -22.86 -49.10 16.08
C VAL D 512 -21.59 -49.07 15.24
N CYS D 513 -20.82 -47.99 15.34
CA CYS D 513 -19.61 -47.80 14.53
C CYS D 513 -18.35 -47.85 15.42
N MET D 514 -17.29 -48.48 14.91
CA MET D 514 -16.04 -48.62 15.66
C MET D 514 -14.99 -47.61 15.17
N ASP D 515 -14.42 -46.86 16.11
CA ASP D 515 -13.43 -45.84 15.79
C ASP D 515 -12.04 -46.45 15.53
N ALA D 516 -11.06 -45.60 15.27
CA ALA D 516 -9.69 -46.05 15.00
C ALA D 516 -9.05 -46.73 16.21
N ASN D 517 -9.37 -46.26 17.41
CA ASN D 517 -8.79 -46.76 18.66
C ASN D 517 -9.56 -47.96 19.24
N ASN D 518 -10.08 -48.82 18.36
CA ASN D 518 -10.82 -50.04 18.72
C ASN D 518 -12.12 -49.84 19.54
N VAL D 519 -12.42 -48.59 19.93
CA VAL D 519 -13.58 -48.30 20.76
C VAL D 519 -14.86 -48.30 19.92
N THR D 520 -15.94 -48.82 20.49
CA THR D 520 -17.22 -48.95 19.81
C THR D 520 -18.21 -47.91 20.34
N TYR D 521 -18.94 -47.27 19.44
CA TYR D 521 -19.88 -46.19 19.78
C TYR D 521 -21.24 -46.46 19.18
N VAL D 522 -22.31 -46.18 19.94
CA VAL D 522 -23.66 -46.28 19.40
C VAL D 522 -23.95 -45.05 18.54
N TRP D 523 -23.92 -45.23 17.23
CA TRP D 523 -24.11 -44.13 16.30
C TRP D 523 -25.60 -43.87 16.02
N GLY D 524 -26.40 -44.93 16.01
CA GLY D 524 -27.83 -44.79 15.76
C GLY D 524 -28.68 -45.97 16.19
N VAL D 525 -29.98 -45.87 15.94
CA VAL D 525 -30.91 -46.98 16.13
C VAL D 525 -31.92 -46.99 14.98
N VAL D 526 -32.19 -48.19 14.46
CA VAL D 526 -33.09 -48.36 13.31
C VAL D 526 -34.39 -47.62 13.58
N SER D 527 -34.75 -46.73 12.66
CA SER D 527 -35.92 -45.88 12.84
C SER D 527 -36.93 -46.09 11.70
N TRP D 528 -36.50 -45.80 10.47
CA TRP D 528 -37.35 -45.97 9.30
C TRP D 528 -36.54 -46.11 8.03
N GLY D 529 -37.22 -46.43 6.92
CA GLY D 529 -36.57 -46.61 5.64
C GLY D 529 -37.41 -47.44 4.67
N GLU D 530 -37.16 -47.23 3.38
CA GLU D 530 -37.82 -47.97 2.31
C GLU D 530 -36.84 -48.97 1.69
N ASN D 531 -35.96 -49.52 2.52
CA ASN D 531 -34.98 -50.51 2.08
C ASN D 531 -35.57 -51.92 1.90
N CYS D 532 -36.74 -52.16 2.50
CA CYS D 532 -37.42 -53.45 2.39
C CYS D 532 -37.82 -53.75 0.95
N GLY D 533 -38.58 -52.84 0.35
CA GLY D 533 -39.06 -53.01 -1.01
C GLY D 533 -37.97 -52.97 -2.07
N LYS D 534 -37.11 -51.95 -1.97
CA LYS D 534 -36.01 -51.75 -2.93
C LYS D 534 -34.66 -52.17 -2.33
N PRO D 535 -34.05 -53.24 -2.88
CA PRO D 535 -32.72 -53.66 -2.42
C PRO D 535 -31.66 -52.57 -2.53
N GLU D 536 -30.83 -52.45 -1.50
CA GLU D 536 -29.72 -51.50 -1.45
C GLU D 536 -30.19 -50.03 -1.53
N PHE D 537 -31.19 -49.72 -0.72
CA PHE D 537 -31.58 -48.34 -0.40
C PHE D 537 -31.15 -48.08 1.04
N PRO D 538 -30.94 -46.81 1.40
CA PRO D 538 -30.44 -46.50 2.72
C PRO D 538 -31.52 -46.58 3.80
N GLY D 539 -31.23 -47.30 4.88
CA GLY D 539 -32.09 -47.28 6.06
C GLY D 539 -31.79 -46.01 6.84
N VAL D 540 -32.83 -45.30 7.26
CA VAL D 540 -32.64 -44.08 8.04
C VAL D 540 -32.58 -44.42 9.52
N TYR D 541 -31.59 -43.85 10.21
CA TYR D 541 -31.39 -44.04 11.63
C TYR D 541 -31.47 -42.70 12.35
N THR D 542 -31.82 -42.74 13.63
CA THR D 542 -31.76 -41.54 14.47
C THR D 542 -30.31 -41.31 14.86
N LYS D 543 -29.86 -40.05 14.79
CA LYS D 543 -28.46 -39.72 15.00
C LYS D 543 -28.17 -39.54 16.48
N VAL D 544 -27.77 -40.63 17.14
CA VAL D 544 -27.53 -40.66 18.59
C VAL D 544 -26.66 -39.52 19.10
N ALA D 545 -25.72 -39.05 18.28
CA ALA D 545 -24.84 -37.92 18.65
C ALA D 545 -25.60 -36.60 18.81
N ASN D 546 -26.73 -36.48 18.13
CA ASN D 546 -27.60 -35.30 18.28
C ASN D 546 -28.31 -35.22 19.65
N TYR D 547 -28.35 -36.35 20.37
CA TYR D 547 -29.07 -36.43 21.65
C TYR D 547 -28.16 -36.83 22.82
N PHE D 548 -26.93 -36.35 22.81
CA PHE D 548 -25.99 -36.62 23.90
C PHE D 548 -26.44 -35.90 25.17
N ASP D 549 -26.71 -34.60 25.05
CA ASP D 549 -27.15 -33.79 26.19
C ASP D 549 -28.42 -34.37 26.81
N TRP D 550 -29.36 -34.76 25.95
CA TRP D 550 -30.61 -35.40 26.39
C TRP D 550 -30.31 -36.68 27.18
N ILE D 551 -29.54 -37.59 26.57
CA ILE D 551 -29.11 -38.81 27.26
C ILE D 551 -28.41 -38.50 28.59
N SER D 552 -27.42 -37.61 28.53
CA SER D 552 -26.61 -37.27 29.71
C SER D 552 -27.42 -36.71 30.87
N TYR D 553 -28.38 -35.83 30.55
CA TYR D 553 -29.23 -35.22 31.57
C TYR D 553 -29.95 -36.28 32.41
N HIS D 554 -30.49 -37.31 31.75
CA HIS D 554 -31.21 -38.38 32.44
C HIS D 554 -30.29 -39.33 33.21
N VAL D 555 -29.05 -39.49 32.73
CA VAL D 555 -28.08 -40.38 33.37
C VAL D 555 -27.20 -39.62 34.36
#